data_3NOY
#
_entry.id   3NOY
#
_cell.length_a   243.700
_cell.length_b   119.010
_cell.length_c   63.820
_cell.angle_alpha   90.00
_cell.angle_beta   95.48
_cell.angle_gamma   90.00
#
_symmetry.space_group_name_H-M   'C 1 2 1'
#
loop_
_entity.id
_entity.type
_entity.pdbx_description
1 polymer '4-hydroxy-3-methylbut-2-en-1-yl diphosphate synthase'
2 non-polymer 'IRON/SULFUR CLUSTER'
3 water water
#
_entity_poly.entity_id   1
_entity_poly.type   'polypeptide(L)'
_entity_poly.pdbx_seq_one_letter_code
;MHHHHHHGSMIQKRKTRQIRVGNVKIGGDAPIVVQSMTSTKTHDVEATLNQIKRLYEAGCEIVRVAVPHKEDVEALEEIV
KKSPMPVIADIHFAPSYAFLSMEKGVHGIRINPGNIGKEEIVREIVEEAKRRGVAVRIGVNSGSLEKDLLEKYGYPSAEA
LAESALRWSEKFEKWGFTNYKVSIKGSDVLQNVRANLIFAERTDVPLHIGITEAGMGTKGIIKSSVGIGILLYMGIGDTV
RVSLTDDPVVEVETAYEILKSLGLRRRGVEIVACPTCGRIEVDLPKVVKEVQEKLSGVKTPLKVAVMGCVVNAIGEAREA
DIGLACGRGFAWLFKHGKPIKKVDESEMVDELLKEIQNMEKDGGTN
;
_entity_poly.pdbx_strand_id   A,B,C,D
#
loop_
_chem_comp.id
_chem_comp.type
_chem_comp.name
_chem_comp.formula
SF4 non-polymer 'IRON/SULFUR CLUSTER' 'Fe4 S4'
#
# COMPACT_ATOMS: atom_id res chain seq x y z
N MET A 10 -15.71 -23.16 -1.97
CA MET A 10 -15.74 -24.64 -1.75
C MET A 10 -14.85 -25.07 -0.58
N ILE A 11 -13.76 -24.33 -0.37
CA ILE A 11 -12.82 -24.62 0.73
C ILE A 11 -13.26 -23.96 2.03
N GLN A 12 -13.24 -24.75 3.11
CA GLN A 12 -13.53 -24.29 4.46
C GLN A 12 -12.22 -23.79 5.10
N LYS A 13 -11.92 -22.51 4.91
CA LYS A 13 -10.68 -21.90 5.41
C LYS A 13 -10.51 -22.05 6.93
N ARG A 14 -9.27 -22.23 7.36
CA ARG A 14 -8.95 -22.35 8.78
C ARG A 14 -9.05 -20.98 9.44
N LYS A 15 -9.78 -20.89 10.55
CA LYS A 15 -9.83 -19.65 11.31
C LYS A 15 -8.47 -19.35 11.92
N THR A 16 -8.02 -18.11 11.71
CA THR A 16 -6.66 -17.72 12.07
C THR A 16 -6.67 -16.28 12.56
N ARG A 17 -5.89 -16.00 13.60
CA ARG A 17 -5.69 -14.62 14.06
C ARG A 17 -4.91 -13.85 13.00
N GLN A 18 -5.23 -12.57 12.82
CA GLN A 18 -4.55 -11.76 11.82
C GLN A 18 -3.31 -11.10 12.40
N ILE A 19 -2.21 -11.15 11.63
CA ILE A 19 -0.96 -10.49 11.99
C ILE A 19 -0.54 -9.52 10.89
N ARG A 20 0.57 -8.81 11.11
CA ARG A 20 1.05 -7.83 10.13
C ARG A 20 2.55 -7.88 9.94
N VAL A 21 2.96 -7.93 8.67
CA VAL A 21 4.35 -7.72 8.29
C VAL A 21 4.39 -6.45 7.43
N GLY A 22 4.79 -5.34 8.06
CA GLY A 22 4.75 -4.04 7.41
C GLY A 22 3.34 -3.68 7.00
N ASN A 23 3.14 -3.45 5.71
CA ASN A 23 1.85 -3.08 5.14
C ASN A 23 0.95 -4.28 4.82
N VAL A 24 1.48 -5.49 4.93
CA VAL A 24 0.80 -6.68 4.45
C VAL A 24 0.11 -7.47 5.56
N LYS A 25 -1.19 -7.67 5.39
CA LYS A 25 -1.99 -8.46 6.31
C LYS A 25 -1.81 -9.95 6.04
N ILE A 26 -1.68 -10.72 7.11
CA ILE A 26 -1.55 -12.17 7.03
C ILE A 26 -2.51 -12.82 8.01
N GLY A 27 -3.32 -13.74 7.51
CA GLY A 27 -4.20 -14.55 8.36
C GLY A 27 -5.61 -14.02 8.43
N GLY A 28 -6.50 -14.86 8.95
CA GLY A 28 -7.91 -14.53 9.11
C GLY A 28 -8.60 -14.15 7.82
N ASP A 29 -8.97 -12.88 7.73
CA ASP A 29 -9.77 -12.33 6.64
C ASP A 29 -8.95 -12.12 5.38
N ALA A 30 -7.64 -11.94 5.55
CA ALA A 30 -6.75 -11.55 4.47
C ALA A 30 -6.56 -12.65 3.42
N PRO A 31 -6.33 -12.27 2.16
CA PRO A 31 -5.94 -13.23 1.15
C PRO A 31 -4.65 -13.93 1.53
N ILE A 32 -4.45 -15.15 1.01
CA ILE A 32 -3.22 -15.89 1.25
C ILE A 32 -2.07 -15.22 0.50
N VAL A 33 -1.00 -14.92 1.23
CA VAL A 33 0.12 -14.11 0.73
C VAL A 33 1.17 -14.96 0.00
N VAL A 34 1.62 -14.48 -1.15
CA VAL A 34 2.71 -15.14 -1.88
C VAL A 34 4.06 -14.55 -1.47
N GLN A 35 4.97 -15.43 -1.04
CA GLN A 35 6.30 -15.04 -0.57
C GLN A 35 7.39 -15.63 -1.46
N SER A 36 8.57 -15.02 -1.40
CA SER A 36 9.75 -15.57 -2.07
C SER A 36 11.04 -15.22 -1.32
N MET A 37 12.13 -15.84 -1.75
CA MET A 37 13.43 -15.59 -1.16
C MET A 37 14.41 -15.11 -2.23
N THR A 38 15.25 -14.16 -1.85
CA THR A 38 16.26 -13.61 -2.74
C THR A 38 17.39 -14.62 -2.93
N SER A 39 17.88 -14.77 -4.16
CA SER A 39 18.92 -15.76 -4.47
C SER A 39 20.30 -15.11 -4.61
N THR A 40 20.30 -13.80 -4.78
CA THR A 40 21.52 -13.00 -4.86
C THR A 40 22.19 -12.92 -3.49
N LYS A 41 23.44 -12.45 -3.49
CA LYS A 41 24.14 -12.10 -2.25
C LYS A 41 23.55 -10.81 -1.70
N THR A 42 23.09 -10.86 -0.46
CA THR A 42 22.45 -9.72 0.18
C THR A 42 23.35 -8.49 0.27
N HIS A 43 24.63 -8.69 0.56
CA HIS A 43 25.61 -7.59 0.65
C HIS A 43 25.76 -6.82 -0.68
N ASP A 44 25.34 -7.46 -1.77
CA ASP A 44 25.26 -6.81 -3.07
C ASP A 44 23.89 -6.13 -3.19
N VAL A 45 23.83 -4.88 -2.73
CA VAL A 45 22.60 -4.11 -2.63
C VAL A 45 21.87 -4.00 -3.96
N GLU A 46 22.59 -3.58 -5.00
CA GLU A 46 22.02 -3.32 -6.31
C GLU A 46 21.49 -4.55 -7.03
N ALA A 47 22.17 -5.69 -6.87
CA ALA A 47 21.72 -6.95 -7.47
C ALA A 47 20.47 -7.49 -6.78
N THR A 48 20.44 -7.39 -5.44
CA THR A 48 19.31 -7.84 -4.63
C THR A 48 18.05 -7.00 -4.89
N LEU A 49 18.21 -5.67 -4.88
CA LEU A 49 17.11 -4.76 -5.18
C LEU A 49 16.57 -4.91 -6.60
N ASN A 50 17.44 -5.29 -7.54
CA ASN A 50 17.02 -5.59 -8.90
C ASN A 50 16.17 -6.85 -8.98
N GLN A 51 16.46 -7.81 -8.10
CA GLN A 51 15.71 -9.05 -8.03
C GLN A 51 14.38 -8.87 -7.29
N ILE A 52 14.40 -8.04 -6.24
CA ILE A 52 13.20 -7.67 -5.51
C ILE A 52 12.20 -6.96 -6.43
N LYS A 53 12.71 -6.07 -7.27
CA LYS A 53 11.89 -5.35 -8.24
C LYS A 53 11.22 -6.29 -9.26
N ARG A 54 11.97 -7.29 -9.73
CA ARG A 54 11.42 -8.33 -10.60
C ARG A 54 10.38 -9.17 -9.86
N LEU A 55 10.67 -9.49 -8.60
CA LEU A 55 9.75 -10.22 -7.75
C LEU A 55 8.45 -9.44 -7.54
N TYR A 56 8.57 -8.14 -7.30
CA TYR A 56 7.41 -7.27 -7.13
C TYR A 56 6.56 -7.23 -8.40
N GLU A 57 7.26 -7.16 -9.54
CA GLU A 57 6.64 -7.13 -10.86
C GLU A 57 5.81 -8.38 -11.13
N ALA A 58 6.23 -9.50 -10.55
CA ALA A 58 5.59 -10.79 -10.76
C ALA A 58 4.55 -11.13 -9.69
N GLY A 59 4.35 -10.21 -8.74
CA GLY A 59 3.32 -10.35 -7.70
C GLY A 59 3.79 -10.88 -6.35
N CYS A 60 5.10 -10.87 -6.12
CA CYS A 60 5.65 -11.25 -4.81
C CYS A 60 5.35 -10.16 -3.79
N GLU A 61 4.75 -10.55 -2.67
CA GLU A 61 4.21 -9.59 -1.71
C GLU A 61 5.12 -9.35 -0.51
N ILE A 62 5.86 -10.39 -0.11
CA ILE A 62 6.86 -10.29 0.95
C ILE A 62 8.12 -11.03 0.50
N VAL A 63 9.29 -10.48 0.84
CA VAL A 63 10.57 -11.07 0.42
C VAL A 63 11.48 -11.42 1.59
N ARG A 64 12.04 -12.62 1.54
CA ARG A 64 12.95 -13.11 2.55
C ARG A 64 14.39 -12.91 2.09
N VAL A 65 15.21 -12.35 2.97
CA VAL A 65 16.59 -12.02 2.64
C VAL A 65 17.56 -12.70 3.61
N ALA A 66 18.52 -13.43 3.06
CA ALA A 66 19.54 -14.09 3.87
C ALA A 66 20.51 -13.05 4.42
N VAL A 67 20.96 -13.28 5.66
CA VAL A 67 21.89 -12.38 6.31
C VAL A 67 22.90 -13.18 7.13
N PRO A 68 23.78 -13.93 6.44
CA PRO A 68 24.74 -14.78 7.15
C PRO A 68 25.95 -14.02 7.70
N HIS A 69 26.29 -12.88 7.11
CA HIS A 69 27.54 -12.18 7.48
C HIS A 69 27.38 -10.69 7.75
N LYS A 70 28.39 -10.14 8.43
CA LYS A 70 28.56 -8.71 8.67
C LYS A 70 28.11 -7.81 7.52
N GLU A 71 28.63 -8.09 6.32
CA GLU A 71 28.35 -7.27 5.14
C GLU A 71 26.88 -7.27 4.72
N ASP A 72 26.17 -8.36 5.01
CA ASP A 72 24.74 -8.47 4.74
C ASP A 72 23.91 -7.58 5.69
N VAL A 73 24.36 -7.49 6.94
CA VAL A 73 23.75 -6.60 7.93
C VAL A 73 23.94 -5.13 7.54
N GLU A 74 25.08 -4.83 6.92
CA GLU A 74 25.41 -3.48 6.48
C GLU A 74 24.62 -3.05 5.25
N ALA A 75 24.03 -4.03 4.56
CA ALA A 75 23.25 -3.79 3.35
C ALA A 75 21.76 -3.65 3.66
N LEU A 76 21.34 -4.15 4.82
CA LEU A 76 19.93 -4.32 5.14
C LEU A 76 19.14 -3.02 5.22
N GLU A 77 19.76 -1.97 5.78
CA GLU A 77 19.12 -0.67 5.89
C GLU A 77 18.71 -0.10 4.52
N GLU A 78 19.64 -0.15 3.55
CA GLU A 78 19.36 0.38 2.21
C GLU A 78 18.29 -0.46 1.51
N ILE A 79 18.31 -1.77 1.76
CA ILE A 79 17.34 -2.69 1.16
C ILE A 79 15.91 -2.41 1.64
N VAL A 80 15.72 -2.23 2.95
CA VAL A 80 14.38 -1.96 3.49
C VAL A 80 13.82 -0.62 3.02
N LYS A 81 14.68 0.38 2.89
CA LYS A 81 14.26 1.73 2.49
C LYS A 81 13.87 1.81 1.01
N LYS A 82 14.47 0.94 0.20
CA LYS A 82 14.24 0.96 -1.24
C LYS A 82 13.43 -0.24 -1.75
N SER A 83 13.03 -1.13 -0.84
CA SER A 83 12.22 -2.29 -1.18
C SER A 83 10.73 -1.95 -1.26
N PRO A 84 10.09 -2.24 -2.41
CA PRO A 84 8.65 -2.05 -2.58
C PRO A 84 7.86 -3.13 -1.84
N MET A 85 8.57 -3.93 -1.06
CA MET A 85 8.03 -5.07 -0.32
C MET A 85 8.53 -5.05 1.11
N PRO A 86 7.75 -5.65 2.04
CA PRO A 86 8.32 -5.94 3.35
C PRO A 86 9.45 -6.97 3.21
N VAL A 87 10.47 -6.84 4.05
CA VAL A 87 11.65 -7.69 4.00
C VAL A 87 11.75 -8.50 5.28
N ILE A 88 11.91 -9.82 5.14
CA ILE A 88 12.23 -10.70 6.25
C ILE A 88 13.73 -11.01 6.29
N ALA A 89 14.35 -10.78 7.44
CA ALA A 89 15.74 -11.16 7.66
C ALA A 89 15.79 -12.62 8.09
N ASP A 90 16.57 -13.41 7.35
CA ASP A 90 16.74 -14.84 7.62
C ASP A 90 17.98 -15.07 8.52
N ILE A 91 17.73 -15.43 9.78
CA ILE A 91 18.79 -15.59 10.79
C ILE A 91 19.02 -17.08 11.09
N HIS A 92 20.25 -17.45 11.43
CA HIS A 92 20.55 -18.86 11.70
C HIS A 92 21.34 -19.24 12.96
N PHE A 93 22.41 -18.51 13.26
CA PHE A 93 23.32 -18.94 14.34
C PHE A 93 23.53 -17.94 15.47
N ALA A 94 23.64 -16.66 15.12
CA ALA A 94 23.89 -15.63 16.10
C ALA A 94 22.61 -14.88 16.47
N PRO A 95 22.19 -14.97 17.74
CA PRO A 95 21.07 -14.18 18.23
C PRO A 95 21.27 -12.68 17.99
N SER A 96 22.54 -12.24 18.02
CA SER A 96 22.87 -10.83 17.80
C SER A 96 22.47 -10.34 16.41
N TYR A 97 22.60 -11.19 15.40
CA TYR A 97 22.20 -10.85 14.03
C TYR A 97 20.71 -10.53 13.94
N ALA A 98 19.91 -11.24 14.74
CA ALA A 98 18.49 -10.96 14.86
C ALA A 98 18.27 -9.55 15.41
N PHE A 99 18.99 -9.20 16.48
CA PHE A 99 18.91 -7.88 17.08
C PHE A 99 19.39 -6.78 16.13
N LEU A 100 20.54 -7.00 15.50
CA LEU A 100 21.13 -6.06 14.56
C LEU A 100 20.27 -5.85 13.32
N SER A 101 19.65 -6.94 12.85
CA SER A 101 18.77 -6.89 11.68
C SER A 101 17.55 -6.02 11.97
N MET A 102 16.98 -6.19 13.16
CA MET A 102 15.78 -5.45 13.54
C MET A 102 16.04 -3.94 13.62
N GLU A 103 17.22 -3.58 14.13
CA GLU A 103 17.64 -2.18 14.21
C GLU A 103 17.81 -1.56 12.82
N LYS A 104 18.07 -2.40 11.82
CA LYS A 104 18.24 -1.96 10.43
C LYS A 104 16.92 -1.62 9.72
N GLY A 105 15.79 -1.82 10.40
CA GLY A 105 14.48 -1.44 9.89
C GLY A 105 13.62 -2.59 9.40
N VAL A 106 14.18 -3.79 9.48
CA VAL A 106 13.55 -5.01 8.99
C VAL A 106 12.12 -5.27 9.51
N HIS A 107 11.23 -5.68 8.61
CA HIS A 107 9.81 -5.85 8.92
C HIS A 107 9.53 -7.19 9.57
N GLY A 108 10.44 -8.14 9.36
CA GLY A 108 10.28 -9.48 9.90
C GLY A 108 11.58 -10.23 10.07
N ILE A 109 11.62 -11.11 11.07
CA ILE A 109 12.75 -12.01 11.24
C ILE A 109 12.21 -13.43 11.24
N ARG A 110 12.99 -14.35 10.70
CA ARG A 110 12.68 -15.76 10.83
C ARG A 110 13.84 -16.48 11.49
N ILE A 111 13.52 -17.18 12.57
CA ILE A 111 14.50 -17.87 13.37
C ILE A 111 14.09 -19.32 13.60
N ASN A 112 15.06 -20.16 13.90
CA ASN A 112 14.78 -21.50 14.40
C ASN A 112 15.03 -21.46 15.90
N PRO A 113 13.98 -21.13 16.69
CA PRO A 113 14.16 -20.94 18.13
C PRO A 113 14.80 -22.15 18.80
N GLY A 114 14.68 -23.31 18.16
CA GLY A 114 15.25 -24.57 18.64
C GLY A 114 16.76 -24.62 18.73
N ASN A 115 17.46 -24.00 17.79
CA ASN A 115 18.92 -23.96 17.86
C ASN A 115 19.58 -22.57 17.80
N ILE A 116 18.77 -21.51 17.91
CA ILE A 116 19.30 -20.14 17.92
C ILE A 116 20.12 -19.88 19.19
N GLY A 117 19.75 -20.56 20.27
CA GLY A 117 20.47 -20.46 21.55
C GLY A 117 19.60 -20.94 22.69
N LYS A 118 19.89 -20.44 23.89
CA LYS A 118 19.09 -20.73 25.08
C LYS A 118 17.69 -20.15 24.90
N GLU A 119 16.70 -20.83 25.48
CA GLU A 119 15.30 -20.38 25.48
C GLU A 119 15.16 -18.93 25.95
N GLU A 120 15.94 -18.55 26.96
CA GLU A 120 15.90 -17.20 27.53
C GLU A 120 16.41 -16.12 26.57
N ILE A 121 17.27 -16.50 25.63
CA ILE A 121 17.71 -15.59 24.58
C ILE A 121 16.61 -15.39 23.52
N VAL A 122 15.87 -16.47 23.24
CA VAL A 122 14.73 -16.43 22.33
C VAL A 122 13.67 -15.45 22.85
N ARG A 123 13.47 -15.46 24.17
CA ARG A 123 12.54 -14.54 24.84
C ARG A 123 12.91 -13.08 24.56
N GLU A 124 14.20 -12.76 24.72
CA GLU A 124 14.71 -11.41 24.46
C GLU A 124 14.52 -10.97 23.00
N ILE A 125 14.81 -11.87 22.07
CA ILE A 125 14.58 -11.65 20.64
C ILE A 125 13.11 -11.27 20.39
N VAL A 126 12.22 -12.04 21.01
CA VAL A 126 10.78 -11.88 20.90
C VAL A 126 10.32 -10.58 21.56
N GLU A 127 10.92 -10.24 22.69
CA GLU A 127 10.58 -9.03 23.41
C GLU A 127 11.08 -7.78 22.68
N GLU A 128 12.22 -7.92 22.00
CA GLU A 128 12.75 -6.84 21.15
C GLU A 128 11.87 -6.63 19.92
N ALA A 129 11.45 -7.73 19.30
CA ALA A 129 10.54 -7.70 18.15
C ALA A 129 9.20 -7.05 18.51
N LYS A 130 8.75 -7.25 19.74
CA LYS A 130 7.51 -6.66 20.24
C LYS A 130 7.65 -5.14 20.38
N ARG A 131 8.83 -4.70 20.78
CA ARG A 131 9.12 -3.28 20.97
C ARG A 131 9.22 -2.53 19.64
N ARG A 132 9.65 -3.23 18.59
CA ARG A 132 9.86 -2.61 17.28
C ARG A 132 8.73 -2.90 16.30
N GLY A 133 7.75 -3.69 16.73
CA GLY A 133 6.65 -4.10 15.86
C GLY A 133 7.10 -4.87 14.63
N VAL A 134 8.04 -5.79 14.83
CA VAL A 134 8.51 -6.66 13.76
C VAL A 134 8.01 -8.09 13.96
N ALA A 135 7.41 -8.64 12.90
CA ALA A 135 6.87 -9.99 12.92
C ALA A 135 7.97 -11.05 13.02
N VAL A 136 7.64 -12.18 13.62
CA VAL A 136 8.56 -13.30 13.76
C VAL A 136 7.99 -14.54 13.07
N ARG A 137 8.85 -15.30 12.39
CA ARG A 137 8.48 -16.62 11.92
C ARG A 137 9.26 -17.69 12.68
N ILE A 138 8.52 -18.53 13.40
CA ILE A 138 9.08 -19.70 14.06
C ILE A 138 9.26 -20.78 13.01
N GLY A 139 10.51 -21.15 12.75
CA GLY A 139 10.82 -22.25 11.86
C GLY A 139 11.13 -23.49 12.68
N VAL A 140 10.41 -24.56 12.41
CA VAL A 140 10.72 -25.83 13.05
C VAL A 140 10.87 -26.93 12.00
N ASN A 141 11.95 -27.69 12.13
CA ASN A 141 12.26 -28.80 11.23
C ASN A 141 13.13 -29.82 11.96
N SER A 142 13.40 -30.95 11.33
CA SER A 142 14.15 -32.03 11.98
C SER A 142 15.45 -31.55 12.64
N GLY A 143 16.17 -30.67 11.96
CA GLY A 143 17.41 -30.09 12.46
C GLY A 143 17.27 -29.16 13.65
N SER A 144 16.06 -28.66 13.91
CA SER A 144 15.81 -27.77 15.04
C SER A 144 15.09 -28.45 16.21
N LEU A 145 14.78 -29.74 16.04
CA LEU A 145 14.03 -30.48 17.04
C LEU A 145 14.84 -30.64 18.31
N GLU A 146 14.23 -30.24 19.44
CA GLU A 146 14.89 -30.26 20.74
C GLU A 146 15.22 -31.68 21.21
N LYS A 147 16.27 -31.78 22.03
CA LYS A 147 16.74 -33.05 22.57
C LYS A 147 15.64 -33.81 23.33
N ASP A 148 14.84 -33.07 24.08
CA ASP A 148 13.81 -33.65 24.94
C ASP A 148 12.67 -34.30 24.14
N LEU A 149 12.37 -33.75 22.97
CA LEU A 149 11.32 -34.31 22.11
C LEU A 149 11.84 -35.42 21.21
N LEU A 150 13.14 -35.41 20.92
CA LEU A 150 13.79 -36.50 20.19
C LEU A 150 13.81 -37.77 21.03
N GLU A 151 13.92 -37.60 22.34
CA GLU A 151 13.92 -38.73 23.26
C GLU A 151 12.51 -39.30 23.40
N LYS A 152 11.51 -38.42 23.37
CA LYS A 152 10.11 -38.82 23.50
C LYS A 152 9.62 -39.58 22.27
N TYR A 153 9.99 -39.12 21.08
CA TYR A 153 9.49 -39.69 19.84
C TYR A 153 10.49 -40.62 19.14
N GLY A 154 11.73 -40.60 19.59
CA GLY A 154 12.79 -41.43 19.00
C GLY A 154 13.41 -40.75 17.79
N TYR A 155 12.56 -40.33 16.85
CA TYR A 155 12.97 -39.69 15.62
C TYR A 155 12.10 -38.45 15.32
N PRO A 156 12.48 -37.62 14.33
CA PRO A 156 11.67 -36.43 14.03
C PRO A 156 10.39 -36.74 13.26
N SER A 157 9.41 -37.30 13.97
CA SER A 157 8.11 -37.61 13.38
C SER A 157 7.29 -36.34 13.15
N ALA A 158 6.21 -36.49 12.38
CA ALA A 158 5.25 -35.42 12.16
C ALA A 158 4.76 -34.85 13.49
N GLU A 159 4.44 -35.74 14.43
CA GLU A 159 3.97 -35.33 15.75
C GLU A 159 5.07 -34.63 16.57
N ALA A 160 6.31 -35.10 16.42
CA ALA A 160 7.45 -34.48 17.08
C ALA A 160 7.67 -33.05 16.61
N LEU A 161 7.52 -32.83 15.30
CA LEU A 161 7.67 -31.51 14.71
C LEU A 161 6.52 -30.58 15.12
N ALA A 162 5.30 -31.12 15.15
CA ALA A 162 4.10 -30.36 15.54
C ALA A 162 4.13 -29.92 17.00
N GLU A 163 4.42 -30.86 17.90
CA GLU A 163 4.52 -30.56 19.33
C GLU A 163 5.57 -29.49 19.60
N SER A 164 6.67 -29.53 18.85
CA SER A 164 7.72 -28.52 18.93
C SER A 164 7.15 -27.14 18.60
N ALA A 165 6.42 -27.07 17.49
CA ALA A 165 5.81 -25.83 17.04
C ALA A 165 4.78 -25.32 18.05
N LEU A 166 3.96 -26.23 18.57
CA LEU A 166 3.03 -25.95 19.66
C LEU A 166 3.72 -25.42 20.91
N ARG A 167 4.77 -26.13 21.32
CA ARG A 167 5.55 -25.80 22.51
C ARG A 167 6.07 -24.37 22.43
N TRP A 168 6.72 -24.02 21.33
CA TRP A 168 7.22 -22.66 21.12
C TRP A 168 6.09 -21.65 21.07
N SER A 169 5.04 -21.98 20.31
CA SER A 169 3.88 -21.11 20.18
C SER A 169 3.30 -20.70 21.55
N GLU A 170 3.11 -21.68 22.43
CA GLU A 170 2.54 -21.39 23.75
C GLU A 170 3.53 -20.71 24.70
N LYS A 171 4.83 -20.80 24.39
CA LYS A 171 5.84 -20.01 25.09
C LYS A 171 5.76 -18.54 24.69
N PHE A 172 5.57 -18.29 23.40
CA PHE A 172 5.41 -16.94 22.85
C PHE A 172 4.20 -16.25 23.47
N GLU A 173 3.10 -17.00 23.61
CA GLU A 173 1.86 -16.51 24.22
C GLU A 173 2.05 -16.14 25.68
N LYS A 174 2.76 -17.02 26.40
CA LYS A 174 3.08 -16.83 27.80
C LYS A 174 3.92 -15.56 27.97
N TRP A 175 4.86 -15.35 27.04
CA TRP A 175 5.73 -14.16 27.06
C TRP A 175 5.01 -12.88 26.62
N GLY A 176 3.74 -13.03 26.21
CA GLY A 176 2.90 -11.89 25.84
C GLY A 176 3.07 -11.43 24.41
N PHE A 177 3.69 -12.28 23.58
CA PHE A 177 3.93 -11.94 22.19
C PHE A 177 2.97 -12.69 21.28
N THR A 178 2.44 -11.98 20.29
CA THR A 178 1.25 -12.43 19.59
C THR A 178 1.40 -12.31 18.07
N ASN A 179 2.45 -11.60 17.65
CA ASN A 179 2.68 -11.24 16.25
C ASN A 179 3.66 -12.20 15.55
N TYR A 180 3.29 -13.47 15.49
CA TYR A 180 4.14 -14.49 14.88
C TYR A 180 3.37 -15.47 14.00
N LYS A 181 4.08 -16.10 13.07
CA LYS A 181 3.55 -17.26 12.36
C LYS A 181 4.55 -18.39 12.44
N VAL A 182 4.09 -19.63 12.35
CA VAL A 182 5.03 -20.75 12.38
C VAL A 182 5.18 -21.43 11.02
N SER A 183 6.27 -22.17 10.88
CA SER A 183 6.57 -22.92 9.68
C SER A 183 7.11 -24.28 10.06
N ILE A 184 6.47 -25.34 9.55
CA ILE A 184 6.90 -26.71 9.80
C ILE A 184 7.30 -27.40 8.51
N LYS A 185 8.58 -27.76 8.41
CA LYS A 185 9.11 -28.43 7.24
C LYS A 185 9.26 -29.94 7.48
N GLY A 186 8.30 -30.71 6.99
CA GLY A 186 8.36 -32.18 7.02
C GLY A 186 9.31 -32.70 5.96
N SER A 187 9.83 -33.91 6.18
CA SER A 187 10.82 -34.53 5.29
C SER A 187 10.28 -34.80 3.87
N ASP A 188 9.03 -35.23 3.78
CA ASP A 188 8.35 -35.39 2.48
C ASP A 188 6.98 -34.71 2.52
N VAL A 189 6.20 -34.86 1.45
CA VAL A 189 4.88 -34.23 1.36
C VAL A 189 3.96 -34.70 2.49
N LEU A 190 3.89 -36.02 2.67
CA LEU A 190 2.98 -36.62 3.65
C LEU A 190 3.32 -36.26 5.09
N GLN A 191 4.60 -36.16 5.40
CA GLN A 191 5.01 -35.76 6.75
C GLN A 191 4.80 -34.26 6.95
N ASN A 192 4.96 -33.49 5.87
CA ASN A 192 4.75 -32.06 5.91
C ASN A 192 3.28 -31.73 6.13
N VAL A 193 2.41 -32.44 5.42
CA VAL A 193 0.97 -32.30 5.58
C VAL A 193 0.54 -32.65 7.00
N ARG A 194 0.94 -33.82 7.48
CA ARG A 194 0.53 -34.30 8.80
C ARG A 194 1.01 -33.39 9.93
N ALA A 195 2.28 -32.99 9.86
CA ALA A 195 2.86 -32.12 10.88
C ALA A 195 2.10 -30.80 11.02
N ASN A 196 1.81 -30.16 9.89
CA ASN A 196 1.04 -28.92 9.86
C ASN A 196 -0.42 -29.11 10.26
N LEU A 197 -0.98 -30.26 9.90
CA LEU A 197 -2.38 -30.59 10.20
C LEU A 197 -2.62 -30.71 11.69
N ILE A 198 -1.68 -31.34 12.40
CA ILE A 198 -1.76 -31.45 13.85
C ILE A 198 -1.67 -30.06 14.53
N PHE A 199 -0.78 -29.22 14.02
CA PHE A 199 -0.62 -27.86 14.55
C PHE A 199 -1.87 -27.04 14.26
N ALA A 200 -2.30 -27.05 13.00
CA ALA A 200 -3.45 -26.28 12.52
C ALA A 200 -4.71 -26.48 13.37
N GLU A 201 -4.96 -27.73 13.74
CA GLU A 201 -6.19 -28.11 14.45
C GLU A 201 -6.19 -27.73 15.93
N ARG A 202 -5.01 -27.44 16.47
CA ARG A 202 -4.87 -27.15 17.90
C ARG A 202 -4.72 -25.66 18.23
N THR A 203 -4.58 -24.84 17.19
CA THR A 203 -4.20 -23.45 17.38
C THR A 203 -4.83 -22.53 16.31
N ASP A 204 -4.72 -21.22 16.51
CA ASP A 204 -5.16 -20.25 15.51
C ASP A 204 -3.99 -19.41 14.94
N VAL A 205 -2.77 -19.88 15.18
CA VAL A 205 -1.56 -19.20 14.71
C VAL A 205 -1.41 -19.39 13.20
N PRO A 206 -1.15 -18.28 12.47
CA PRO A 206 -0.98 -18.36 11.00
C PRO A 206 0.15 -19.31 10.61
N LEU A 207 -0.01 -19.94 9.44
CA LEU A 207 0.97 -20.90 8.95
C LEU A 207 1.63 -20.49 7.64
N HIS A 208 2.96 -20.61 7.61
CA HIS A 208 3.72 -20.51 6.38
C HIS A 208 3.86 -21.93 5.84
N ILE A 209 3.42 -22.16 4.62
CA ILE A 209 3.51 -23.50 4.03
C ILE A 209 4.38 -23.58 2.78
N GLY A 210 4.97 -24.75 2.57
CA GLY A 210 5.85 -24.98 1.42
C GLY A 210 6.60 -26.29 1.56
N ILE A 211 7.24 -26.71 0.46
CA ILE A 211 8.06 -27.92 0.43
C ILE A 211 9.52 -27.51 0.17
N THR A 212 10.38 -27.70 1.18
CA THR A 212 11.74 -27.15 1.17
C THR A 212 12.63 -27.62 0.02
N GLU A 213 13.10 -28.87 0.09
CA GLU A 213 13.91 -29.43 -0.98
C GLU A 213 13.01 -30.21 -1.94
N ALA A 214 12.27 -29.46 -2.75
CA ALA A 214 11.27 -30.00 -3.66
C ALA A 214 11.88 -30.69 -4.89
N GLY A 215 13.06 -30.25 -5.29
CA GLY A 215 13.74 -30.82 -6.44
C GLY A 215 14.00 -29.80 -7.54
N MET A 216 14.27 -30.30 -8.73
CA MET A 216 14.73 -29.47 -9.86
C MET A 216 13.69 -29.36 -10.97
N GLY A 217 13.54 -28.14 -11.50
CA GLY A 217 12.67 -27.87 -12.65
C GLY A 217 11.26 -28.44 -12.56
N THR A 218 10.93 -29.30 -13.53
CA THR A 218 9.62 -29.93 -13.62
C THR A 218 9.27 -30.72 -12.35
N LYS A 219 10.19 -31.58 -11.93
CA LYS A 219 9.99 -32.45 -10.75
C LYS A 219 9.73 -31.66 -9.47
N GLY A 220 10.49 -30.59 -9.26
CA GLY A 220 10.30 -29.71 -8.10
C GLY A 220 8.97 -28.99 -8.12
N ILE A 221 8.57 -28.56 -9.31
CA ILE A 221 7.28 -27.90 -9.53
C ILE A 221 6.10 -28.84 -9.20
N ILE A 222 6.23 -30.10 -9.60
CA ILE A 222 5.20 -31.11 -9.32
C ILE A 222 5.06 -31.32 -7.81
N LYS A 223 6.18 -31.66 -7.16
CA LYS A 223 6.21 -31.92 -5.72
C LYS A 223 5.67 -30.74 -4.91
N SER A 224 5.96 -29.53 -5.35
CA SER A 224 5.45 -28.31 -4.73
C SER A 224 3.94 -28.19 -4.89
N SER A 225 3.45 -28.38 -6.11
CA SER A 225 2.02 -28.30 -6.40
C SER A 225 1.21 -29.29 -5.58
N VAL A 226 1.71 -30.52 -5.49
CA VAL A 226 1.08 -31.58 -4.70
C VAL A 226 1.03 -31.22 -3.22
N GLY A 227 2.18 -30.84 -2.67
CA GLY A 227 2.30 -30.53 -1.24
C GLY A 227 1.48 -29.33 -0.81
N ILE A 228 1.73 -28.19 -1.44
CA ILE A 228 1.02 -26.95 -1.11
C ILE A 228 -0.47 -27.06 -1.43
N GLY A 229 -0.79 -27.72 -2.55
CA GLY A 229 -2.17 -27.91 -2.96
C GLY A 229 -3.01 -28.64 -1.93
N ILE A 230 -2.47 -29.74 -1.40
CA ILE A 230 -3.18 -30.54 -0.39
C ILE A 230 -3.51 -29.71 0.85
N LEU A 231 -2.50 -29.02 1.39
CA LEU A 231 -2.69 -28.17 2.57
C LEU A 231 -3.72 -27.09 2.29
N LEU A 232 -3.56 -26.40 1.18
CA LEU A 232 -4.49 -25.38 0.71
C LEU A 232 -5.92 -25.91 0.60
N TYR A 233 -6.07 -27.10 0.03
CA TYR A 233 -7.38 -27.75 -0.11
C TYR A 233 -8.11 -27.84 1.23
N MET A 234 -7.34 -28.10 2.28
CA MET A 234 -7.89 -28.30 3.61
C MET A 234 -8.02 -26.98 4.38
N GLY A 235 -7.83 -25.88 3.68
CA GLY A 235 -7.95 -24.55 4.26
C GLY A 235 -6.78 -24.15 5.14
N ILE A 236 -5.62 -24.75 4.88
CA ILE A 236 -4.43 -24.51 5.69
C ILE A 236 -3.35 -23.74 4.91
N GLY A 237 -2.90 -22.63 5.48
CA GLY A 237 -1.89 -21.79 4.86
C GLY A 237 -2.32 -20.34 4.70
N ASP A 238 -1.61 -19.45 5.40
CA ASP A 238 -1.89 -18.02 5.36
C ASP A 238 -0.83 -17.30 4.55
N THR A 239 0.28 -18.00 4.32
CA THR A 239 1.33 -17.50 3.44
C THR A 239 2.04 -18.68 2.75
N VAL A 240 2.50 -18.47 1.52
CA VAL A 240 3.05 -19.55 0.71
C VAL A 240 4.40 -19.16 0.10
N ARG A 241 5.31 -20.13 0.06
CA ARG A 241 6.51 -20.03 -0.76
C ARG A 241 6.81 -21.37 -1.41
N VAL A 242 6.94 -21.34 -2.73
CA VAL A 242 7.43 -22.48 -3.50
C VAL A 242 8.95 -22.37 -3.49
N SER A 243 9.63 -23.43 -3.07
CA SER A 243 11.08 -23.42 -3.02
C SER A 243 11.67 -24.24 -4.15
N LEU A 244 12.05 -23.55 -5.21
CA LEU A 244 12.70 -24.18 -6.34
C LEU A 244 14.14 -23.70 -6.41
N THR A 245 15.02 -24.59 -6.86
CA THR A 245 16.41 -24.22 -7.11
C THR A 245 16.49 -23.59 -8.51
N ASP A 246 15.77 -22.47 -8.66
CA ASP A 246 15.51 -21.83 -9.94
C ASP A 246 15.40 -20.32 -9.70
N ASP A 247 15.13 -19.55 -10.74
CA ASP A 247 14.84 -18.13 -10.62
C ASP A 247 13.65 -17.93 -9.67
N PRO A 248 13.83 -17.12 -8.60
CA PRO A 248 12.77 -16.87 -7.62
C PRO A 248 11.45 -16.35 -8.20
N VAL A 249 11.50 -15.79 -9.42
CA VAL A 249 10.29 -15.36 -10.13
C VAL A 249 9.46 -16.58 -10.56
N VAL A 250 10.14 -17.64 -11.01
CA VAL A 250 9.48 -18.91 -11.32
C VAL A 250 8.77 -19.45 -10.08
N GLU A 251 9.43 -19.34 -8.92
CA GLU A 251 8.86 -19.71 -7.63
C GLU A 251 7.57 -18.94 -7.32
N VAL A 252 7.57 -17.65 -7.65
CA VAL A 252 6.40 -16.79 -7.45
C VAL A 252 5.29 -17.15 -8.43
N GLU A 253 5.66 -17.35 -9.70
CA GLU A 253 4.72 -17.76 -10.74
C GLU A 253 4.06 -19.11 -10.42
N THR A 254 4.86 -20.04 -9.89
CA THR A 254 4.37 -21.36 -9.52
C THR A 254 3.34 -21.28 -8.41
N ALA A 255 3.64 -20.48 -7.39
CA ALA A 255 2.72 -20.27 -6.27
C ALA A 255 1.38 -19.73 -6.73
N TYR A 256 1.39 -18.82 -7.69
CA TYR A 256 0.16 -18.21 -8.20
C TYR A 256 -0.69 -19.20 -9.01
N GLU A 257 -0.05 -20.06 -9.78
CA GLU A 257 -0.76 -21.11 -10.51
C GLU A 257 -1.45 -22.11 -9.59
N ILE A 258 -0.78 -22.46 -8.49
CA ILE A 258 -1.35 -23.38 -7.50
C ILE A 258 -2.58 -22.78 -6.85
N LEU A 259 -2.47 -21.51 -6.44
CA LEU A 259 -3.57 -20.80 -5.79
C LEU A 259 -4.72 -20.57 -6.75
N LYS A 260 -4.38 -20.26 -8.00
CA LYS A 260 -5.37 -20.08 -9.07
C LYS A 260 -6.16 -21.36 -9.31
N SER A 261 -5.48 -22.51 -9.28
CA SER A 261 -6.12 -23.81 -9.41
C SER A 261 -7.33 -23.97 -8.48
N LEU A 262 -7.19 -23.46 -7.26
CA LEU A 262 -8.21 -23.59 -6.22
C LEU A 262 -9.00 -22.30 -6.03
N GLY A 263 -8.79 -21.35 -6.95
CA GLY A 263 -9.50 -20.08 -6.95
C GLY A 263 -9.27 -19.20 -5.74
N LEU A 264 -8.06 -19.24 -5.19
CA LEU A 264 -7.72 -18.48 -3.97
C LEU A 264 -7.00 -17.16 -4.26
N ARG A 265 -6.15 -17.16 -5.28
CA ARG A 265 -5.45 -15.94 -5.74
C ARG A 265 -5.27 -15.98 -7.25
N ARG A 266 -4.88 -14.84 -7.84
CA ARG A 266 -4.57 -14.76 -9.27
C ARG A 266 -3.77 -13.51 -9.62
N ARG A 267 -3.10 -13.57 -10.77
CA ARG A 267 -2.38 -12.42 -11.32
C ARG A 267 -3.08 -11.95 -12.59
N GLY A 268 -3.68 -10.76 -12.53
CA GLY A 268 -4.39 -10.20 -13.67
C GLY A 268 -5.76 -10.82 -13.90
N VAL A 269 -6.32 -10.56 -15.07
CA VAL A 269 -7.66 -11.01 -15.42
C VAL A 269 -7.68 -12.52 -15.69
N GLU A 270 -8.73 -13.18 -15.20
CA GLU A 270 -8.96 -14.58 -15.48
C GLU A 270 -10.35 -14.76 -16.09
N ILE A 271 -10.38 -15.25 -17.32
CA ILE A 271 -11.63 -15.44 -18.05
C ILE A 271 -12.01 -16.92 -18.09
N VAL A 272 -13.13 -17.24 -17.47
CA VAL A 272 -13.60 -18.61 -17.34
C VAL A 272 -14.94 -18.79 -18.07
N ALA A 273 -14.99 -19.79 -18.94
CA ALA A 273 -16.22 -20.20 -19.61
C ALA A 273 -16.93 -21.28 -18.79
N CYS A 274 -18.24 -21.38 -18.95
CA CYS A 274 -19.02 -22.44 -18.30
C CYS A 274 -18.76 -23.81 -18.96
N PRO A 275 -19.00 -24.91 -18.22
CA PRO A 275 -18.69 -26.31 -18.52
C PRO A 275 -18.75 -26.89 -19.97
N THR A 276 -19.86 -26.94 -20.72
CA THR A 276 -21.18 -26.34 -20.49
C THR A 276 -22.20 -27.46 -20.26
N CYS A 277 -23.48 -27.23 -20.57
CA CYS A 277 -24.52 -28.29 -20.43
C CYS A 277 -25.76 -28.13 -21.34
N GLY A 278 -26.66 -29.11 -21.26
CA GLY A 278 -27.89 -29.12 -22.06
C GLY A 278 -28.82 -27.93 -21.94
N ARG A 279 -28.51 -27.00 -21.03
CA ARG A 279 -29.27 -25.76 -20.86
C ARG A 279 -28.80 -24.67 -21.80
N ILE A 280 -27.64 -24.87 -22.43
CA ILE A 280 -26.98 -23.87 -23.26
C ILE A 280 -27.94 -23.12 -24.20
N GLU A 281 -27.80 -21.79 -24.23
CA GLU A 281 -28.70 -20.93 -24.99
C GLU A 281 -27.99 -20.17 -26.10
N VAL A 282 -26.66 -20.17 -26.08
CA VAL A 282 -25.84 -19.40 -27.04
C VAL A 282 -24.71 -20.24 -27.64
N ASP A 283 -23.98 -19.62 -28.57
CA ASP A 283 -22.67 -20.11 -29.01
C ASP A 283 -21.65 -19.52 -28.05
N LEU A 284 -21.28 -20.30 -27.03
CA LEU A 284 -20.34 -19.83 -26.01
C LEU A 284 -18.94 -19.52 -26.54
N PRO A 285 -18.34 -20.43 -27.35
CA PRO A 285 -17.02 -20.14 -27.91
C PRO A 285 -16.90 -18.77 -28.60
N LYS A 286 -17.97 -18.33 -29.27
CA LYS A 286 -18.00 -17.04 -29.96
C LYS A 286 -17.91 -15.87 -28.99
N VAL A 287 -18.76 -15.87 -27.96
CA VAL A 287 -18.77 -14.80 -26.96
C VAL A 287 -17.50 -14.79 -26.11
N VAL A 288 -17.00 -15.98 -25.76
CA VAL A 288 -15.72 -16.12 -25.03
C VAL A 288 -14.58 -15.45 -25.79
N LYS A 289 -14.49 -15.72 -27.09
CA LYS A 289 -13.48 -15.11 -27.96
C LYS A 289 -13.57 -13.58 -27.95
N GLU A 290 -14.80 -13.07 -28.02
CA GLU A 290 -15.06 -11.63 -27.95
C GLU A 290 -14.63 -11.08 -26.60
N VAL A 291 -14.90 -11.83 -25.53
CA VAL A 291 -14.50 -11.45 -24.17
C VAL A 291 -12.98 -11.37 -24.04
N GLN A 292 -12.29 -12.38 -24.55
CA GLN A 292 -10.83 -12.45 -24.50
C GLN A 292 -10.16 -11.28 -25.21
N GLU A 293 -10.78 -10.80 -26.28
CA GLU A 293 -10.24 -9.72 -27.10
C GLU A 293 -10.42 -8.34 -26.48
N LYS A 294 -11.64 -8.04 -26.01
CA LYS A 294 -11.93 -6.74 -25.38
C LYS A 294 -11.37 -6.62 -23.97
N LEU A 295 -11.09 -7.76 -23.34
CA LEU A 295 -10.56 -7.78 -21.97
C LEU A 295 -9.06 -8.04 -21.93
N SER A 296 -8.42 -8.05 -23.11
CA SER A 296 -6.98 -8.19 -23.21
C SER A 296 -6.30 -6.89 -22.78
N GLY A 297 -5.47 -6.97 -21.76
CA GLY A 297 -4.79 -5.80 -21.22
C GLY A 297 -5.46 -5.25 -19.97
N VAL A 298 -6.20 -6.11 -19.26
CA VAL A 298 -6.79 -5.74 -17.98
C VAL A 298 -5.93 -6.31 -16.86
N LYS A 299 -5.32 -5.42 -16.08
CA LYS A 299 -4.45 -5.83 -14.98
C LYS A 299 -5.17 -5.65 -13.65
N THR A 300 -6.18 -6.49 -13.43
CA THR A 300 -6.92 -6.52 -12.17
C THR A 300 -7.22 -7.98 -11.85
N PRO A 301 -6.85 -8.43 -10.63
CA PRO A 301 -7.07 -9.83 -10.24
C PRO A 301 -8.56 -10.19 -10.08
N LEU A 302 -9.25 -10.34 -11.21
CA LEU A 302 -10.66 -10.66 -11.21
C LEU A 302 -10.94 -11.93 -12.00
N LYS A 303 -11.82 -12.77 -11.46
CA LYS A 303 -12.33 -13.93 -12.17
C LYS A 303 -13.57 -13.51 -12.95
N VAL A 304 -13.48 -13.58 -14.27
CA VAL A 304 -14.58 -13.18 -15.15
C VAL A 304 -15.27 -14.41 -15.73
N ALA A 305 -16.59 -14.48 -15.55
CA ALA A 305 -17.36 -15.64 -15.96
C ALA A 305 -18.17 -15.40 -17.22
N VAL A 306 -17.97 -16.24 -18.22
CA VAL A 306 -18.76 -16.20 -19.46
C VAL A 306 -19.65 -17.45 -19.48
N MET A 307 -20.95 -17.24 -19.28
CA MET A 307 -21.88 -18.35 -19.01
C MET A 307 -22.87 -18.61 -20.15
N GLY A 308 -23.07 -19.88 -20.46
CA GLY A 308 -23.88 -20.33 -21.59
C GLY A 308 -25.38 -20.07 -21.53
N CYS A 309 -25.92 -19.94 -20.33
CA CYS A 309 -27.34 -19.59 -20.16
C CYS A 309 -27.50 -18.41 -19.20
N VAL A 310 -28.75 -18.05 -18.90
CA VAL A 310 -29.03 -16.85 -18.10
C VAL A 310 -29.34 -17.15 -16.63
N VAL A 311 -30.38 -17.94 -16.39
CA VAL A 311 -30.99 -18.03 -15.07
C VAL A 311 -30.18 -18.87 -14.08
N ASN A 312 -29.85 -20.09 -14.48
CA ASN A 312 -29.11 -21.01 -13.60
C ASN A 312 -27.63 -20.66 -13.50
N ALA A 313 -27.15 -19.92 -14.49
CA ALA A 313 -25.76 -19.48 -14.58
C ALA A 313 -25.34 -18.58 -13.42
N ILE A 314 -26.28 -17.79 -12.91
CA ILE A 314 -26.02 -16.84 -11.85
C ILE A 314 -25.70 -17.55 -10.52
N GLY A 315 -26.46 -18.59 -10.21
CA GLY A 315 -26.17 -19.46 -9.07
C GLY A 315 -24.84 -20.18 -9.23
N GLU A 316 -24.59 -20.66 -10.45
CA GLU A 316 -23.36 -21.41 -10.75
C GLU A 316 -22.09 -20.56 -10.57
N ALA A 317 -22.18 -19.28 -10.85
CA ALA A 317 -21.02 -18.38 -10.79
C ALA A 317 -21.03 -17.44 -9.58
N ARG A 318 -21.54 -17.94 -8.46
CA ARG A 318 -21.50 -17.23 -7.17
C ARG A 318 -20.14 -16.63 -6.85
N GLU A 319 -19.09 -17.43 -7.05
CA GLU A 319 -17.74 -17.10 -6.58
C GLU A 319 -16.97 -16.21 -7.57
N ALA A 320 -17.53 -16.01 -8.75
CA ALA A 320 -16.94 -15.09 -9.73
C ALA A 320 -17.19 -13.65 -9.29
N ASP A 321 -16.24 -12.78 -9.61
CA ASP A 321 -16.36 -11.37 -9.28
C ASP A 321 -17.42 -10.72 -10.15
N ILE A 322 -17.34 -10.98 -11.45
CA ILE A 322 -18.21 -10.37 -12.45
C ILE A 322 -18.29 -11.29 -13.68
N GLY A 323 -19.45 -11.30 -14.34
CA GLY A 323 -19.61 -12.08 -15.56
C GLY A 323 -20.87 -11.80 -16.35
N LEU A 324 -21.00 -12.50 -17.47
CA LEU A 324 -22.17 -12.39 -18.35
C LEU A 324 -22.91 -13.70 -18.42
N ALA A 325 -24.20 -13.65 -18.08
CA ALA A 325 -25.08 -14.80 -18.22
C ALA A 325 -25.84 -14.67 -19.54
N CYS A 326 -25.34 -15.37 -20.56
CA CYS A 326 -25.74 -15.11 -21.95
C CYS A 326 -27.06 -15.74 -22.41
N GLY A 327 -27.92 -14.89 -22.98
CA GLY A 327 -29.15 -15.32 -23.64
C GLY A 327 -29.07 -15.14 -25.14
N ARG A 328 -30.14 -15.51 -25.86
CA ARG A 328 -30.10 -15.57 -27.32
C ARG A 328 -29.68 -14.25 -27.99
N GLY A 329 -30.28 -13.14 -27.58
CA GLY A 329 -29.93 -11.83 -28.12
C GLY A 329 -29.40 -10.85 -27.09
N PHE A 330 -29.13 -11.35 -25.89
CA PHE A 330 -28.72 -10.51 -24.77
C PHE A 330 -27.84 -11.26 -23.77
N ALA A 331 -27.49 -10.59 -22.68
CA ALA A 331 -26.87 -11.23 -21.52
C ALA A 331 -27.19 -10.45 -20.26
N TRP A 332 -27.20 -11.13 -19.12
CA TRP A 332 -27.31 -10.46 -17.84
C TRP A 332 -25.94 -10.28 -17.21
N LEU A 333 -25.60 -9.02 -16.91
CA LEU A 333 -24.38 -8.69 -16.20
C LEU A 333 -24.59 -8.94 -14.71
N PHE A 334 -23.74 -9.79 -14.14
CA PHE A 334 -23.82 -10.10 -12.72
C PHE A 334 -22.52 -9.80 -11.98
N LYS A 335 -22.66 -9.46 -10.70
CA LYS A 335 -21.55 -9.00 -9.87
C LYS A 335 -21.63 -9.66 -8.49
N HIS A 336 -20.64 -10.49 -8.18
CA HIS A 336 -20.56 -11.21 -6.90
C HIS A 336 -21.81 -12.05 -6.60
N GLY A 337 -22.35 -12.71 -7.61
CA GLY A 337 -23.50 -13.60 -7.45
C GLY A 337 -24.87 -12.96 -7.51
N LYS A 338 -24.91 -11.64 -7.73
CA LYS A 338 -26.18 -10.93 -7.88
C LYS A 338 -26.28 -10.16 -9.20
N PRO A 339 -27.42 -10.29 -9.91
CA PRO A 339 -27.58 -9.71 -11.23
C PRO A 339 -27.82 -8.20 -11.17
N ILE A 340 -27.14 -7.47 -12.07
CA ILE A 340 -27.24 -6.02 -12.12
C ILE A 340 -28.31 -5.57 -13.14
N LYS A 341 -28.08 -5.89 -14.41
CA LYS A 341 -28.96 -5.45 -15.48
C LYS A 341 -28.88 -6.33 -16.74
N LYS A 342 -29.93 -6.23 -17.56
CA LYS A 342 -29.99 -6.89 -18.86
C LYS A 342 -29.38 -5.95 -19.91
N VAL A 343 -28.53 -6.50 -20.78
CA VAL A 343 -27.86 -5.74 -21.83
C VAL A 343 -27.88 -6.51 -23.15
N ASP A 344 -28.06 -5.78 -24.26
CA ASP A 344 -28.10 -6.35 -25.61
C ASP A 344 -26.79 -7.00 -26.03
N GLU A 345 -26.77 -7.56 -27.24
CA GLU A 345 -25.54 -8.09 -27.86
C GLU A 345 -24.44 -7.03 -28.04
N SER A 346 -24.35 -6.15 -27.05
CA SER A 346 -23.25 -5.19 -26.89
C SER A 346 -23.01 -5.08 -25.38
N GLU A 347 -23.03 -6.26 -24.77
CA GLU A 347 -22.97 -6.46 -23.32
C GLU A 347 -21.54 -6.36 -22.82
N MET A 348 -20.61 -6.55 -23.75
CA MET A 348 -19.19 -6.66 -23.46
C MET A 348 -18.54 -5.34 -23.09
N VAL A 349 -18.84 -4.30 -23.85
CA VAL A 349 -18.31 -2.97 -23.58
C VAL A 349 -18.81 -2.47 -22.23
N ASP A 350 -20.05 -2.82 -21.89
CA ASP A 350 -20.63 -2.46 -20.61
C ASP A 350 -20.05 -3.29 -19.46
N GLU A 351 -19.66 -4.53 -19.78
CA GLU A 351 -18.95 -5.40 -18.83
C GLU A 351 -17.55 -4.86 -18.56
N LEU A 352 -16.87 -4.44 -19.62
CA LEU A 352 -15.58 -3.77 -19.52
C LEU A 352 -15.72 -2.46 -18.74
N LEU A 353 -16.77 -1.70 -19.05
CA LEU A 353 -17.06 -0.43 -18.37
C LEU A 353 -17.23 -0.62 -16.86
N LYS A 354 -17.89 -1.71 -16.47
CA LYS A 354 -18.13 -2.00 -15.06
C LYS A 354 -16.86 -2.44 -14.33
N GLU A 355 -15.95 -3.10 -15.04
CA GLU A 355 -14.67 -3.51 -14.48
C GLU A 355 -13.72 -2.34 -14.26
N ILE A 356 -13.78 -1.36 -15.15
CA ILE A 356 -13.03 -0.11 -14.99
C ILE A 356 -13.60 0.68 -13.81
N GLN A 357 -14.90 0.48 -13.54
CA GLN A 357 -15.55 1.08 -12.38
C GLN A 357 -15.30 0.32 -11.08
N ASN A 358 -14.91 -0.95 -11.19
CA ASN A 358 -14.62 -1.80 -10.03
C ASN A 358 -13.30 -1.47 -9.33
N MET B 10 0.37 -43.71 6.01
CA MET B 10 -0.43 -42.48 6.29
C MET B 10 -1.58 -42.26 5.31
N ILE B 11 -1.52 -42.91 4.15
CA ILE B 11 -2.59 -42.79 3.15
C ILE B 11 -3.72 -43.79 3.39
N GLN B 12 -4.91 -43.23 3.55
CA GLN B 12 -6.15 -43.94 3.80
C GLN B 12 -6.77 -44.44 2.48
N LYS B 13 -6.28 -45.55 1.95
CA LYS B 13 -6.73 -46.03 0.63
C LYS B 13 -8.17 -46.52 0.63
N ARG B 14 -8.95 -46.03 -0.34
CA ARG B 14 -10.38 -46.36 -0.48
C ARG B 14 -10.57 -47.83 -0.85
N LYS B 15 -11.49 -48.49 -0.15
CA LYS B 15 -11.83 -49.88 -0.44
C LYS B 15 -12.56 -49.97 -1.78
N THR B 16 -12.00 -50.74 -2.70
CA THR B 16 -12.47 -50.85 -4.08
C THR B 16 -12.52 -52.31 -4.51
N ARG B 17 -13.43 -52.65 -5.42
CA ARG B 17 -13.45 -53.99 -6.02
C ARG B 17 -12.45 -54.02 -7.18
N GLN B 18 -11.93 -55.21 -7.48
CA GLN B 18 -10.95 -55.35 -8.54
C GLN B 18 -11.62 -55.57 -9.90
N ILE B 19 -11.12 -54.86 -10.91
CA ILE B 19 -11.54 -55.07 -12.30
C ILE B 19 -10.32 -55.39 -13.16
N ARG B 20 -10.56 -55.92 -14.36
CA ARG B 20 -9.49 -56.28 -15.28
C ARG B 20 -9.65 -55.60 -16.64
N VAL B 21 -8.56 -55.00 -17.12
CA VAL B 21 -8.49 -54.50 -18.49
C VAL B 21 -7.38 -55.27 -19.19
N GLY B 22 -7.79 -56.26 -19.99
CA GLY B 22 -6.86 -57.22 -20.57
C GLY B 22 -6.30 -58.09 -19.47
N ASN B 23 -4.99 -58.01 -19.27
CA ASN B 23 -4.33 -58.73 -18.19
C ASN B 23 -3.88 -57.83 -17.04
N VAL B 24 -4.19 -56.53 -17.17
CA VAL B 24 -3.85 -55.53 -16.16
C VAL B 24 -4.96 -55.39 -15.11
N LYS B 25 -4.60 -55.56 -13.85
CA LYS B 25 -5.55 -55.46 -12.74
C LYS B 25 -5.69 -54.02 -12.24
N ILE B 26 -6.94 -53.58 -12.12
CA ILE B 26 -7.26 -52.24 -11.62
C ILE B 26 -8.18 -52.33 -10.39
N GLY B 27 -7.86 -51.54 -9.37
CA GLY B 27 -8.70 -51.43 -8.19
C GLY B 27 -8.41 -52.49 -7.14
N GLY B 28 -9.00 -52.30 -5.96
CA GLY B 28 -8.84 -53.21 -4.84
C GLY B 28 -7.41 -53.33 -4.35
N ASP B 29 -6.82 -54.50 -4.61
CA ASP B 29 -5.50 -54.88 -4.14
C ASP B 29 -4.38 -54.31 -5.02
N ALA B 30 -4.72 -53.96 -6.25
CA ALA B 30 -3.77 -53.55 -7.27
C ALA B 30 -3.18 -52.17 -7.04
N PRO B 31 -1.92 -51.94 -7.50
CA PRO B 31 -1.33 -50.60 -7.51
C PRO B 31 -2.09 -49.68 -8.46
N ILE B 32 -1.99 -48.38 -8.22
CA ILE B 32 -2.68 -47.39 -9.06
C ILE B 32 -2.04 -47.36 -10.46
N VAL B 33 -2.89 -47.57 -11.46
CA VAL B 33 -2.44 -47.78 -12.84
C VAL B 33 -2.22 -46.46 -13.59
N VAL B 34 -1.06 -46.34 -14.22
CA VAL B 34 -0.75 -45.17 -15.04
C VAL B 34 -1.25 -45.37 -16.47
N GLN B 35 -2.10 -44.45 -16.91
CA GLN B 35 -2.74 -44.54 -18.21
C GLN B 35 -2.41 -43.30 -19.03
N SER B 36 -2.45 -43.43 -20.36
CA SER B 36 -2.26 -42.28 -21.25
C SER B 36 -2.98 -42.48 -22.59
N MET B 37 -3.25 -41.36 -23.27
CA MET B 37 -3.87 -41.38 -24.60
C MET B 37 -2.87 -41.03 -25.69
N THR B 38 -2.96 -41.72 -26.82
CA THR B 38 -2.11 -41.44 -27.97
C THR B 38 -2.55 -40.17 -28.70
N SER B 39 -1.60 -39.45 -29.28
CA SER B 39 -1.87 -38.15 -29.92
C SER B 39 -1.95 -38.20 -31.44
N THR B 40 -1.36 -39.25 -32.03
CA THR B 40 -1.38 -39.43 -33.47
C THR B 40 -2.73 -39.98 -33.94
N LYS B 41 -3.05 -39.76 -35.21
CA LYS B 41 -4.25 -40.32 -35.83
C LYS B 41 -4.23 -41.84 -35.78
N THR B 42 -5.34 -42.43 -35.34
CA THR B 42 -5.45 -43.89 -35.22
C THR B 42 -5.32 -44.60 -36.57
N HIS B 43 -5.94 -44.04 -37.61
CA HIS B 43 -5.88 -44.62 -38.96
C HIS B 43 -4.46 -44.71 -39.51
N ASP B 44 -3.54 -43.93 -38.93
CA ASP B 44 -2.12 -44.08 -39.21
C ASP B 44 -1.57 -45.14 -38.26
N VAL B 45 -1.43 -46.36 -38.76
CA VAL B 45 -1.07 -47.54 -37.96
C VAL B 45 0.39 -47.58 -37.51
N GLU B 46 1.28 -47.04 -38.32
CA GLU B 46 2.71 -47.03 -38.01
C GLU B 46 3.06 -46.00 -36.93
N ALA B 47 2.44 -44.83 -37.03
CA ALA B 47 2.68 -43.72 -36.09
C ALA B 47 2.12 -43.99 -34.69
N THR B 48 1.00 -44.71 -34.63
CA THR B 48 0.34 -45.02 -33.38
C THR B 48 1.11 -46.09 -32.59
N LEU B 49 1.58 -47.13 -33.28
CA LEU B 49 2.32 -48.22 -32.64
C LEU B 49 3.72 -47.80 -32.19
N ASN B 50 4.29 -46.82 -32.90
CA ASN B 50 5.59 -46.24 -32.51
C ASN B 50 5.48 -45.39 -31.26
N GLN B 51 4.34 -44.71 -31.10
CA GLN B 51 4.06 -43.91 -29.91
C GLN B 51 3.70 -44.80 -28.72
N ILE B 52 3.00 -45.90 -29.01
CA ILE B 52 2.64 -46.90 -27.99
C ILE B 52 3.89 -47.53 -27.38
N LYS B 53 4.88 -47.84 -28.21
CA LYS B 53 6.15 -48.41 -27.76
C LYS B 53 6.90 -47.42 -26.86
N ARG B 54 6.90 -46.15 -27.24
CA ARG B 54 7.53 -45.08 -26.47
C ARG B 54 6.86 -44.86 -25.12
N LEU B 55 5.54 -45.01 -25.09
CA LEU B 55 4.76 -44.87 -23.85
C LEU B 55 5.03 -46.03 -22.89
N TYR B 56 5.08 -47.25 -23.44
CA TYR B 56 5.38 -48.46 -22.68
C TYR B 56 6.76 -48.37 -22.04
N GLU B 57 7.74 -47.86 -22.80
CA GLU B 57 9.10 -47.65 -22.34
C GLU B 57 9.20 -46.60 -21.24
N ALA B 58 8.24 -45.67 -21.22
CA ALA B 58 8.17 -44.62 -20.21
C ALA B 58 7.33 -45.02 -19.00
N GLY B 59 6.70 -46.19 -19.06
CA GLY B 59 5.96 -46.74 -17.93
C GLY B 59 4.46 -46.81 -18.04
N CYS B 60 3.90 -46.32 -19.16
CA CYS B 60 2.45 -46.35 -19.38
C CYS B 60 1.95 -47.80 -19.38
N GLU B 61 0.84 -48.03 -18.69
CA GLU B 61 0.32 -49.38 -18.48
C GLU B 61 -0.91 -49.71 -19.34
N ILE B 62 -1.76 -48.70 -19.56
CA ILE B 62 -2.92 -48.83 -20.44
C ILE B 62 -2.98 -47.63 -21.40
N VAL B 63 -3.23 -47.91 -22.68
CA VAL B 63 -3.31 -46.85 -23.69
C VAL B 63 -4.74 -46.61 -24.18
N ARG B 64 -5.12 -45.34 -24.26
CA ARG B 64 -6.41 -44.95 -24.81
C ARG B 64 -6.23 -44.47 -26.24
N VAL B 65 -7.09 -44.96 -27.13
CA VAL B 65 -7.01 -44.63 -28.54
C VAL B 65 -8.33 -44.02 -29.00
N ALA B 66 -8.25 -42.80 -29.51
CA ALA B 66 -9.42 -42.08 -29.98
C ALA B 66 -9.88 -42.60 -31.33
N VAL B 67 -11.20 -42.75 -31.49
CA VAL B 67 -11.76 -43.26 -32.75
C VAL B 67 -12.99 -42.43 -33.18
N PRO B 68 -12.75 -41.40 -34.03
CA PRO B 68 -13.82 -40.53 -34.51
C PRO B 68 -14.36 -40.86 -35.90
N HIS B 69 -13.64 -41.68 -36.67
CA HIS B 69 -14.05 -42.02 -38.03
C HIS B 69 -13.95 -43.52 -38.31
N LYS B 70 -14.43 -43.94 -39.48
CA LYS B 70 -14.52 -45.36 -39.85
C LYS B 70 -13.17 -46.02 -40.12
N GLU B 71 -12.21 -45.26 -40.65
CA GLU B 71 -10.87 -45.80 -40.96
C GLU B 71 -10.14 -46.20 -39.68
N ASP B 72 -10.42 -45.45 -38.62
CA ASP B 72 -9.80 -45.66 -37.31
C ASP B 72 -10.24 -46.99 -36.68
N VAL B 73 -11.46 -47.43 -37.00
CA VAL B 73 -11.98 -48.70 -36.50
C VAL B 73 -11.27 -49.90 -37.13
N GLU B 74 -11.05 -49.83 -38.44
CA GLU B 74 -10.35 -50.89 -39.17
C GLU B 74 -8.86 -50.93 -38.83
N ALA B 75 -8.36 -49.84 -38.25
CA ALA B 75 -6.98 -49.75 -37.79
C ALA B 75 -6.77 -50.51 -36.48
N LEU B 76 -7.81 -50.57 -35.65
CA LEU B 76 -7.78 -51.19 -34.32
C LEU B 76 -7.31 -52.64 -34.30
N GLU B 77 -7.70 -53.41 -35.32
CA GLU B 77 -7.38 -54.83 -35.41
C GLU B 77 -5.87 -55.10 -35.36
N GLU B 78 -5.11 -54.31 -36.11
CA GLU B 78 -3.66 -54.47 -36.18
C GLU B 78 -2.98 -53.95 -34.91
N ILE B 79 -3.57 -52.93 -34.29
CA ILE B 79 -3.01 -52.28 -33.10
C ILE B 79 -3.03 -53.21 -31.88
N VAL B 80 -4.17 -53.85 -31.63
CA VAL B 80 -4.32 -54.73 -30.46
C VAL B 80 -3.51 -56.02 -30.52
N LYS B 81 -3.11 -56.42 -31.72
CA LYS B 81 -2.38 -57.68 -31.92
C LYS B 81 -0.92 -57.63 -31.46
N LYS B 82 -0.28 -56.48 -31.62
CA LYS B 82 1.15 -56.37 -31.32
C LYS B 82 1.49 -55.29 -30.27
N SER B 83 0.45 -54.68 -29.69
CA SER B 83 0.64 -53.71 -28.60
C SER B 83 0.99 -54.42 -27.29
N PRO B 84 2.00 -53.92 -26.57
CA PRO B 84 2.36 -54.49 -25.28
C PRO B 84 1.36 -54.11 -24.19
N MET B 85 0.60 -53.04 -24.44
CA MET B 85 -0.39 -52.53 -23.51
C MET B 85 -1.79 -52.98 -23.89
N PRO B 86 -2.70 -53.10 -22.89
CA PRO B 86 -4.12 -53.20 -23.16
C PRO B 86 -4.65 -51.89 -23.76
N VAL B 87 -5.37 -52.01 -24.88
CA VAL B 87 -5.87 -50.85 -25.61
C VAL B 87 -7.33 -50.56 -25.27
N ILE B 88 -7.65 -49.27 -25.10
CA ILE B 88 -9.01 -48.83 -24.85
C ILE B 88 -9.46 -47.86 -25.95
N ALA B 89 -10.65 -48.11 -26.50
CA ALA B 89 -11.21 -47.26 -27.54
C ALA B 89 -12.11 -46.18 -26.97
N ASP B 90 -11.89 -44.95 -27.41
CA ASP B 90 -12.69 -43.80 -26.99
C ASP B 90 -13.88 -43.57 -27.92
N ILE B 91 -15.07 -43.91 -27.44
CA ILE B 91 -16.29 -43.80 -28.25
C ILE B 91 -17.00 -42.47 -27.98
N HIS B 92 -16.94 -41.59 -28.98
CA HIS B 92 -17.47 -40.23 -28.84
C HIS B 92 -18.84 -40.06 -29.50
N PHE B 93 -18.86 -39.90 -30.83
CA PHE B 93 -20.10 -39.57 -31.54
C PHE B 93 -21.07 -40.75 -31.69
N ALA B 94 -20.63 -41.79 -32.40
CA ALA B 94 -21.52 -42.91 -32.72
C ALA B 94 -21.31 -44.12 -31.81
N PRO B 95 -22.39 -44.58 -31.15
CA PRO B 95 -22.38 -45.81 -30.36
C PRO B 95 -22.14 -47.06 -31.21
N SER B 96 -22.28 -46.91 -32.52
CA SER B 96 -22.00 -47.98 -33.48
C SER B 96 -20.53 -48.37 -33.42
N TYR B 97 -19.68 -47.37 -33.15
CA TYR B 97 -18.24 -47.56 -33.06
C TYR B 97 -17.85 -48.46 -31.90
N ALA B 98 -18.67 -48.47 -30.84
CA ALA B 98 -18.44 -49.30 -29.67
C ALA B 98 -18.55 -50.80 -29.99
N PHE B 99 -19.59 -51.16 -30.74
CA PHE B 99 -19.78 -52.55 -31.17
C PHE B 99 -18.68 -53.01 -32.12
N LEU B 100 -18.32 -52.14 -33.05
CA LEU B 100 -17.30 -52.42 -34.06
C LEU B 100 -15.90 -52.55 -33.44
N SER B 101 -15.64 -51.75 -32.41
CA SER B 101 -14.36 -51.77 -31.70
C SER B 101 -14.17 -53.05 -30.90
N MET B 102 -15.23 -53.51 -30.24
CA MET B 102 -15.17 -54.72 -29.43
C MET B 102 -14.95 -55.99 -30.26
N GLU B 103 -15.44 -55.98 -31.50
CA GLU B 103 -15.22 -57.10 -32.42
C GLU B 103 -13.79 -57.15 -32.93
N LYS B 104 -13.11 -56.00 -32.90
CA LYS B 104 -11.70 -55.90 -33.30
C LYS B 104 -10.73 -56.48 -32.28
N GLY B 105 -11.23 -56.84 -31.09
CA GLY B 105 -10.41 -57.44 -30.04
C GLY B 105 -9.83 -56.42 -29.07
N VAL B 106 -10.51 -55.28 -28.96
CA VAL B 106 -10.09 -54.21 -28.06
C VAL B 106 -10.43 -54.59 -26.61
N HIS B 107 -9.51 -54.27 -25.71
CA HIS B 107 -9.59 -54.70 -24.31
C HIS B 107 -10.59 -53.91 -23.48
N GLY B 108 -10.85 -52.67 -23.89
CA GLY B 108 -11.76 -51.79 -23.16
C GLY B 108 -12.36 -50.69 -24.01
N ILE B 109 -13.50 -50.17 -23.58
CA ILE B 109 -14.14 -49.04 -24.24
C ILE B 109 -14.51 -47.96 -23.22
N ARG B 110 -14.61 -46.72 -23.67
CA ARG B 110 -15.15 -45.66 -22.82
C ARG B 110 -16.28 -44.93 -23.55
N ILE B 111 -17.43 -44.87 -22.88
CA ILE B 111 -18.62 -44.20 -23.42
C ILE B 111 -19.18 -43.21 -22.41
N ASN B 112 -19.80 -42.15 -22.91
CA ASN B 112 -20.61 -41.27 -22.08
C ASN B 112 -22.09 -41.63 -22.27
N PRO B 113 -22.60 -42.55 -21.44
CA PRO B 113 -23.93 -43.13 -21.65
C PRO B 113 -25.06 -42.12 -21.51
N GLY B 114 -24.80 -41.01 -20.82
CA GLY B 114 -25.79 -39.96 -20.64
C GLY B 114 -26.26 -39.30 -21.93
N ASN B 115 -25.39 -39.27 -22.93
CA ASN B 115 -25.72 -38.65 -24.21
C ASN B 115 -25.37 -39.50 -25.44
N ILE B 116 -24.94 -40.73 -25.22
CA ILE B 116 -24.53 -41.62 -26.31
C ILE B 116 -25.74 -42.16 -27.09
N GLY B 117 -26.92 -41.96 -26.53
CA GLY B 117 -28.17 -42.34 -27.18
C GLY B 117 -29.24 -42.68 -26.17
N LYS B 118 -30.12 -43.61 -26.54
CA LYS B 118 -31.15 -44.12 -25.63
C LYS B 118 -30.63 -45.32 -24.85
N GLU B 119 -31.21 -45.53 -23.66
CA GLU B 119 -30.76 -46.54 -22.70
C GLU B 119 -30.72 -47.97 -23.26
N GLU B 120 -31.63 -48.27 -24.18
CA GLU B 120 -31.74 -49.59 -24.79
C GLU B 120 -30.46 -50.02 -25.50
N ILE B 121 -29.87 -49.10 -26.26
CA ILE B 121 -28.64 -49.36 -27.01
C ILE B 121 -27.44 -49.54 -26.07
N VAL B 122 -27.35 -48.68 -25.07
CA VAL B 122 -26.29 -48.74 -24.04
C VAL B 122 -26.27 -50.11 -23.37
N ARG B 123 -27.45 -50.63 -23.04
CA ARG B 123 -27.60 -51.94 -22.41
C ARG B 123 -26.99 -53.06 -23.24
N GLU B 124 -27.19 -52.97 -24.56
CA GLU B 124 -26.66 -53.97 -25.50
C GLU B 124 -25.16 -53.83 -25.67
N ILE B 125 -24.65 -52.61 -25.56
CA ILE B 125 -23.20 -52.35 -25.56
C ILE B 125 -22.57 -53.03 -24.33
N VAL B 126 -23.24 -52.88 -23.19
CA VAL B 126 -22.78 -53.45 -21.93
C VAL B 126 -22.82 -54.98 -21.94
N GLU B 127 -23.92 -55.55 -22.44
CA GLU B 127 -24.08 -56.99 -22.50
C GLU B 127 -23.10 -57.68 -23.45
N GLU B 128 -22.73 -56.98 -24.52
CA GLU B 128 -21.73 -57.47 -25.47
C GLU B 128 -20.33 -57.43 -24.83
N ALA B 129 -20.11 -56.45 -23.96
CA ALA B 129 -18.85 -56.29 -23.25
C ALA B 129 -18.61 -57.39 -22.23
N LYS B 130 -19.70 -57.94 -21.66
CA LYS B 130 -19.62 -59.03 -20.70
C LYS B 130 -19.27 -60.35 -21.37
N ARG B 131 -19.84 -60.58 -22.56
CA ARG B 131 -19.59 -61.81 -23.31
C ARG B 131 -18.18 -61.90 -23.86
N ARG B 132 -17.64 -60.76 -24.30
CA ARG B 132 -16.28 -60.70 -24.83
C ARG B 132 -15.24 -60.52 -23.73
N GLY B 133 -15.68 -60.00 -22.59
CA GLY B 133 -14.80 -59.74 -21.46
C GLY B 133 -14.01 -58.45 -21.61
N VAL B 134 -14.69 -57.40 -22.06
CA VAL B 134 -14.08 -56.09 -22.25
C VAL B 134 -14.61 -55.08 -21.23
N ALA B 135 -13.70 -54.32 -20.63
CA ALA B 135 -14.03 -53.35 -19.60
C ALA B 135 -14.63 -52.07 -20.17
N VAL B 136 -15.58 -51.51 -19.45
CA VAL B 136 -16.23 -50.27 -19.86
C VAL B 136 -15.90 -49.18 -18.85
N ARG B 137 -15.54 -48.00 -19.35
CA ARG B 137 -15.40 -46.84 -18.49
C ARG B 137 -16.59 -45.91 -18.71
N ILE B 138 -17.32 -45.64 -17.62
CA ILE B 138 -18.43 -44.68 -17.68
C ILE B 138 -17.88 -43.27 -17.58
N GLY B 139 -18.10 -42.50 -18.63
CA GLY B 139 -17.70 -41.10 -18.66
C GLY B 139 -18.87 -40.21 -18.33
N VAL B 140 -18.71 -39.40 -17.29
CA VAL B 140 -19.75 -38.45 -16.91
C VAL B 140 -19.18 -37.05 -16.75
N ASN B 141 -19.79 -36.11 -17.45
CA ASN B 141 -19.45 -34.68 -17.33
C ASN B 141 -20.69 -33.82 -17.52
N SER B 142 -20.53 -32.53 -17.34
CA SER B 142 -21.61 -31.57 -17.48
C SER B 142 -22.38 -31.74 -18.80
N GLY B 143 -21.65 -32.05 -19.86
CA GLY B 143 -22.25 -32.25 -21.19
C GLY B 143 -23.13 -33.49 -21.30
N SER B 144 -22.88 -34.49 -20.44
CA SER B 144 -23.62 -35.76 -20.46
C SER B 144 -24.73 -35.82 -19.41
N LEU B 145 -24.92 -34.72 -18.69
CA LEU B 145 -25.87 -34.68 -17.59
C LEU B 145 -27.30 -34.66 -18.11
N GLU B 146 -28.15 -35.52 -17.52
CA GLU B 146 -29.54 -35.70 -17.97
C GLU B 146 -30.43 -34.54 -17.55
N LYS B 147 -31.50 -34.31 -18.33
CA LYS B 147 -32.49 -33.28 -18.07
C LYS B 147 -33.12 -33.42 -16.69
N ASP B 148 -33.26 -34.66 -16.25
CA ASP B 148 -33.80 -35.04 -14.95
C ASP B 148 -33.04 -34.37 -13.78
N LEU B 149 -31.75 -34.66 -13.69
CA LEU B 149 -30.90 -34.17 -12.61
C LEU B 149 -30.55 -32.68 -12.77
N LEU B 150 -30.55 -32.22 -14.01
CA LEU B 150 -30.28 -30.82 -14.32
C LEU B 150 -31.37 -29.93 -13.73
N GLU B 151 -32.59 -30.44 -13.68
CA GLU B 151 -33.72 -29.73 -13.09
C GLU B 151 -33.77 -29.86 -11.57
N LYS B 152 -33.12 -30.89 -11.04
CA LYS B 152 -33.05 -31.11 -9.60
C LYS B 152 -32.06 -30.14 -8.94
N TYR B 153 -30.94 -29.91 -9.60
CA TYR B 153 -29.85 -29.11 -9.05
C TYR B 153 -29.73 -27.72 -9.69
N GLY B 154 -30.35 -27.55 -10.86
CA GLY B 154 -30.29 -26.28 -11.57
C GLY B 154 -29.13 -26.21 -12.55
N TYR B 155 -27.94 -26.60 -12.08
CA TYR B 155 -26.74 -26.58 -12.90
C TYR B 155 -25.86 -27.82 -12.62
N PRO B 156 -24.84 -28.06 -13.47
CA PRO B 156 -23.97 -29.22 -13.27
C PRO B 156 -23.03 -29.08 -12.07
N SER B 157 -23.61 -29.12 -10.88
CA SER B 157 -22.86 -29.09 -9.63
C SER B 157 -22.14 -30.41 -9.39
N ALA B 158 -21.20 -30.41 -8.44
CA ALA B 158 -20.46 -31.61 -8.05
C ALA B 158 -21.38 -32.76 -7.68
N GLU B 159 -22.44 -32.45 -6.93
CA GLU B 159 -23.42 -33.45 -6.51
C GLU B 159 -24.34 -33.89 -7.64
N ALA B 160 -24.55 -33.01 -8.62
CA ALA B 160 -25.27 -33.36 -9.84
C ALA B 160 -24.47 -34.38 -10.64
N LEU B 161 -23.18 -34.08 -10.84
CA LEU B 161 -22.27 -34.96 -11.56
C LEU B 161 -22.13 -36.33 -10.89
N ALA B 162 -22.00 -36.32 -9.57
CA ALA B 162 -21.81 -37.54 -8.79
C ALA B 162 -23.03 -38.47 -8.82
N GLU B 163 -24.23 -37.89 -8.77
CA GLU B 163 -25.46 -38.67 -8.79
C GLU B 163 -25.63 -39.39 -10.12
N SER B 164 -25.29 -38.71 -11.21
CA SER B 164 -25.33 -39.30 -12.55
C SER B 164 -24.41 -40.51 -12.63
N ALA B 165 -23.21 -40.38 -12.08
CA ALA B 165 -22.24 -41.47 -12.05
C ALA B 165 -22.76 -42.64 -11.22
N LEU B 166 -23.38 -42.34 -10.08
CA LEU B 166 -23.98 -43.36 -9.22
C LEU B 166 -25.14 -44.07 -9.90
N ARG B 167 -25.97 -43.29 -10.61
CA ARG B 167 -27.16 -43.81 -11.30
C ARG B 167 -26.78 -44.77 -12.43
N TRP B 168 -25.78 -44.39 -13.24
CA TRP B 168 -25.31 -45.25 -14.32
C TRP B 168 -24.58 -46.47 -13.78
N SER B 169 -23.88 -46.29 -12.66
CA SER B 169 -23.18 -47.38 -12.00
C SER B 169 -24.16 -48.48 -11.59
N GLU B 170 -25.25 -48.08 -10.93
CA GLU B 170 -26.24 -49.04 -10.43
C GLU B 170 -27.16 -49.60 -11.52
N LYS B 171 -27.18 -48.94 -12.68
CA LYS B 171 -27.89 -49.47 -13.85
C LYS B 171 -27.10 -50.61 -14.48
N PHE B 172 -25.77 -50.50 -14.43
CA PHE B 172 -24.85 -51.54 -14.88
C PHE B 172 -24.93 -52.76 -13.97
N GLU B 173 -25.14 -52.53 -12.68
CA GLU B 173 -25.33 -53.59 -11.68
C GLU B 173 -26.62 -54.35 -11.97
N LYS B 174 -27.68 -53.60 -12.28
CA LYS B 174 -29.00 -54.15 -12.61
C LYS B 174 -28.92 -55.08 -13.82
N TRP B 175 -28.08 -54.72 -14.79
CA TRP B 175 -27.89 -55.53 -15.99
C TRP B 175 -26.91 -56.69 -15.75
N GLY B 176 -26.37 -56.77 -14.54
CA GLY B 176 -25.48 -57.85 -14.14
C GLY B 176 -24.05 -57.70 -14.64
N PHE B 177 -23.58 -56.46 -14.73
CA PHE B 177 -22.22 -56.17 -15.18
C PHE B 177 -21.42 -55.53 -14.07
N THR B 178 -20.22 -56.04 -13.84
CA THR B 178 -19.37 -55.62 -12.72
C THR B 178 -18.05 -55.02 -13.21
N ASN B 179 -17.59 -55.44 -14.39
CA ASN B 179 -16.27 -55.06 -14.90
C ASN B 179 -16.21 -53.65 -15.49
N TYR B 180 -16.47 -52.65 -14.65
CA TYR B 180 -16.43 -51.26 -15.09
C TYR B 180 -15.78 -50.32 -14.07
N LYS B 181 -15.32 -49.17 -14.57
CA LYS B 181 -14.83 -48.07 -13.74
C LYS B 181 -15.47 -46.77 -14.23
N VAL B 182 -15.44 -45.73 -13.40
CA VAL B 182 -16.01 -44.44 -13.81
C VAL B 182 -15.01 -43.29 -13.70
N SER B 183 -15.26 -42.24 -14.48
CA SER B 183 -14.54 -40.97 -14.34
C SER B 183 -15.56 -39.85 -14.32
N ILE B 184 -15.29 -38.82 -13.52
CA ILE B 184 -16.19 -37.68 -13.38
C ILE B 184 -15.40 -36.39 -13.59
N LYS B 185 -15.69 -35.70 -14.68
CA LYS B 185 -15.01 -34.45 -15.02
C LYS B 185 -15.75 -33.26 -14.43
N GLY B 186 -15.05 -32.47 -13.61
CA GLY B 186 -15.61 -31.24 -13.04
C GLY B 186 -15.15 -30.01 -13.81
N SER B 187 -15.77 -28.86 -13.52
CA SER B 187 -15.43 -27.59 -14.16
C SER B 187 -14.03 -27.12 -13.82
N ASP B 188 -13.65 -27.33 -12.55
CA ASP B 188 -12.33 -26.96 -12.03
C ASP B 188 -11.85 -28.02 -11.06
N VAL B 189 -10.67 -27.84 -10.49
CA VAL B 189 -10.11 -28.79 -9.54
C VAL B 189 -11.04 -29.06 -8.37
N LEU B 190 -11.55 -28.00 -7.74
CA LEU B 190 -12.40 -28.13 -6.56
C LEU B 190 -13.69 -28.91 -6.80
N GLN B 191 -14.34 -28.68 -7.95
CA GLN B 191 -15.55 -29.41 -8.27
C GLN B 191 -15.23 -30.85 -8.63
N ASN B 192 -14.12 -31.06 -9.34
CA ASN B 192 -13.66 -32.40 -9.70
C ASN B 192 -13.40 -33.25 -8.46
N VAL B 193 -12.75 -32.66 -7.47
CA VAL B 193 -12.48 -33.32 -6.19
C VAL B 193 -13.79 -33.72 -5.51
N ARG B 194 -14.67 -32.72 -5.29
CA ARG B 194 -15.92 -32.92 -4.57
C ARG B 194 -16.82 -33.99 -5.21
N ALA B 195 -16.95 -33.94 -6.54
CA ALA B 195 -17.78 -34.90 -7.27
C ALA B 195 -17.26 -36.33 -7.12
N ASN B 196 -15.95 -36.49 -7.22
CA ASN B 196 -15.32 -37.79 -7.06
C ASN B 196 -15.37 -38.29 -5.62
N LEU B 197 -15.30 -37.35 -4.67
CA LEU B 197 -15.39 -37.67 -3.25
C LEU B 197 -16.77 -38.22 -2.89
N ILE B 198 -17.82 -37.57 -3.38
CA ILE B 198 -19.21 -37.97 -3.14
C ILE B 198 -19.48 -39.38 -3.67
N PHE B 199 -18.98 -39.65 -4.88
CA PHE B 199 -19.08 -40.96 -5.50
C PHE B 199 -18.29 -42.01 -4.72
N ALA B 200 -17.07 -41.66 -4.32
CA ALA B 200 -16.15 -42.58 -3.65
C ALA B 200 -16.70 -43.15 -2.34
N GLU B 201 -17.42 -42.31 -1.60
CA GLU B 201 -17.96 -42.67 -0.29
C GLU B 201 -19.23 -43.51 -0.37
N ARG B 202 -19.87 -43.50 -1.54
CA ARG B 202 -21.18 -44.15 -1.72
C ARG B 202 -21.12 -45.45 -2.52
N THR B 203 -19.91 -45.87 -2.89
CA THR B 203 -19.72 -47.08 -3.69
C THR B 203 -18.28 -47.59 -3.60
N ASP B 204 -18.06 -48.82 -4.06
CA ASP B 204 -16.71 -49.41 -4.12
C ASP B 204 -16.22 -49.56 -5.55
N VAL B 205 -16.79 -48.75 -6.45
CA VAL B 205 -16.50 -48.80 -7.88
C VAL B 205 -15.20 -48.03 -8.22
N PRO B 206 -14.27 -48.67 -8.94
CA PRO B 206 -12.98 -48.06 -9.29
C PRO B 206 -13.11 -46.72 -10.00
N LEU B 207 -12.25 -45.77 -9.66
CA LEU B 207 -12.28 -44.45 -10.26
C LEU B 207 -11.05 -44.15 -11.12
N HIS B 208 -11.30 -43.58 -12.30
CA HIS B 208 -10.25 -43.04 -13.14
C HIS B 208 -10.19 -41.55 -12.91
N ILE B 209 -9.03 -41.05 -12.50
CA ILE B 209 -8.88 -39.64 -12.13
C ILE B 209 -7.85 -38.90 -13.01
N GLY B 210 -8.12 -37.61 -13.20
CA GLY B 210 -7.26 -36.74 -14.01
C GLY B 210 -7.99 -35.47 -14.33
N ILE B 211 -7.25 -34.40 -14.64
CA ILE B 211 -7.86 -33.12 -15.01
C ILE B 211 -7.82 -32.95 -16.52
N THR B 212 -8.99 -32.79 -17.13
CA THR B 212 -9.13 -32.81 -18.59
C THR B 212 -8.55 -31.60 -19.31
N GLU B 213 -8.87 -30.40 -18.85
CA GLU B 213 -8.40 -29.19 -19.52
C GLU B 213 -7.41 -28.43 -18.63
N ALA B 214 -6.28 -29.09 -18.38
CA ALA B 214 -5.28 -28.60 -17.43
C ALA B 214 -4.55 -27.35 -17.90
N GLY B 215 -4.31 -27.25 -19.20
CA GLY B 215 -3.56 -26.13 -19.78
C GLY B 215 -2.32 -26.58 -20.53
N MET B 216 -1.54 -25.61 -20.98
CA MET B 216 -0.35 -25.89 -21.81
C MET B 216 0.93 -25.79 -20.97
N GLY B 217 1.82 -26.76 -21.16
CA GLY B 217 3.14 -26.76 -20.51
C GLY B 217 3.12 -26.85 -19.00
N THR B 218 3.86 -25.94 -18.36
CA THR B 218 4.00 -25.90 -16.90
C THR B 218 2.67 -25.70 -16.17
N LYS B 219 1.86 -24.78 -16.69
CA LYS B 219 0.53 -24.49 -16.13
C LYS B 219 -0.33 -25.74 -16.03
N GLY B 220 -0.32 -26.56 -17.08
CA GLY B 220 -1.05 -27.83 -17.11
C GLY B 220 -0.53 -28.82 -16.09
N ILE B 221 0.80 -28.90 -15.99
CA ILE B 221 1.48 -29.76 -15.02
C ILE B 221 1.09 -29.40 -13.57
N ILE B 222 1.11 -28.10 -13.27
CA ILE B 222 0.76 -27.59 -11.95
C ILE B 222 -0.69 -27.95 -11.58
N LYS B 223 -1.62 -27.62 -12.47
CA LYS B 223 -3.05 -27.87 -12.27
C LYS B 223 -3.36 -29.36 -12.11
N SER B 224 -2.71 -30.18 -12.92
CA SER B 224 -2.87 -31.64 -12.84
C SER B 224 -2.38 -32.16 -11.49
N SER B 225 -1.19 -31.73 -11.10
CA SER B 225 -0.58 -32.15 -9.83
C SER B 225 -1.46 -31.81 -8.64
N VAL B 226 -2.06 -30.62 -8.66
CA VAL B 226 -2.99 -30.20 -7.62
C VAL B 226 -4.22 -31.12 -7.60
N GLY B 227 -4.91 -31.20 -8.73
CA GLY B 227 -6.13 -31.99 -8.85
C GLY B 227 -5.96 -33.45 -8.48
N ILE B 228 -4.92 -34.08 -9.03
CA ILE B 228 -4.68 -35.50 -8.80
C ILE B 228 -4.08 -35.73 -7.41
N GLY B 229 -3.20 -34.81 -7.00
CA GLY B 229 -2.56 -34.88 -5.69
C GLY B 229 -3.57 -34.90 -4.55
N ILE B 230 -4.59 -34.03 -4.65
CA ILE B 230 -5.63 -33.96 -3.62
C ILE B 230 -6.41 -35.27 -3.51
N LEU B 231 -6.92 -35.77 -4.63
CA LEU B 231 -7.71 -37.01 -4.64
C LEU B 231 -6.89 -38.23 -4.19
N LEU B 232 -5.64 -38.28 -4.64
CA LEU B 232 -4.70 -39.33 -4.23
C LEU B 232 -4.42 -39.30 -2.73
N TYR B 233 -4.26 -38.10 -2.16
CA TYR B 233 -4.05 -37.94 -0.72
C TYR B 233 -5.22 -38.46 0.10
N MET B 234 -6.42 -38.33 -0.44
CA MET B 234 -7.62 -38.80 0.24
C MET B 234 -7.92 -40.26 -0.09
N GLY B 235 -6.93 -40.95 -0.65
CA GLY B 235 -7.01 -42.38 -0.96
C GLY B 235 -7.93 -42.73 -2.13
N ILE B 236 -8.18 -41.77 -3.01
CA ILE B 236 -9.08 -41.98 -4.15
C ILE B 236 -8.32 -42.03 -5.49
N GLY B 237 -8.71 -42.96 -6.36
CA GLY B 237 -8.11 -43.10 -7.67
C GLY B 237 -7.43 -44.45 -7.83
N ASP B 238 -7.90 -45.24 -8.78
CA ASP B 238 -7.35 -46.57 -9.04
C ASP B 238 -6.56 -46.60 -10.34
N THR B 239 -6.85 -45.64 -11.21
CA THR B 239 -6.06 -45.40 -12.42
C THR B 239 -5.97 -43.91 -12.69
N VAL B 240 -4.83 -43.46 -13.20
CA VAL B 240 -4.56 -42.02 -13.36
C VAL B 240 -4.16 -41.68 -14.79
N ARG B 241 -4.70 -40.57 -15.28
CA ARG B 241 -4.18 -39.96 -16.49
C ARG B 241 -3.98 -38.46 -16.32
N VAL B 242 -2.77 -38.00 -16.62
CA VAL B 242 -2.48 -36.58 -16.69
C VAL B 242 -2.78 -36.15 -18.12
N SER B 243 -3.55 -35.07 -18.26
CA SER B 243 -3.95 -34.57 -19.58
C SER B 243 -3.27 -33.26 -19.95
N LEU B 244 -2.29 -33.36 -20.84
CA LEU B 244 -1.51 -32.22 -21.32
C LEU B 244 -1.63 -32.13 -22.83
N THR B 245 -1.52 -30.91 -23.37
CA THR B 245 -1.49 -30.72 -24.81
C THR B 245 -0.09 -31.05 -25.37
N ASP B 246 0.83 -31.33 -24.45
CA ASP B 246 2.21 -31.70 -24.75
C ASP B 246 2.28 -33.14 -25.29
N ASP B 247 3.47 -33.73 -25.28
CA ASP B 247 3.68 -35.12 -25.67
C ASP B 247 3.08 -36.05 -24.61
N PRO B 248 2.41 -37.13 -25.05
CA PRO B 248 1.84 -38.13 -24.13
C PRO B 248 2.87 -38.77 -23.19
N VAL B 249 4.12 -38.87 -23.63
CA VAL B 249 5.20 -39.41 -22.78
C VAL B 249 5.40 -38.55 -21.53
N VAL B 250 5.33 -37.23 -21.70
CA VAL B 250 5.44 -36.28 -20.59
C VAL B 250 4.31 -36.47 -19.57
N GLU B 251 3.11 -36.78 -20.06
CA GLU B 251 1.95 -37.10 -19.20
C GLU B 251 2.25 -38.27 -18.28
N VAL B 252 2.85 -39.33 -18.84
CA VAL B 252 3.25 -40.51 -18.09
C VAL B 252 4.33 -40.16 -17.07
N GLU B 253 5.29 -39.35 -17.50
CA GLU B 253 6.36 -38.86 -16.61
C GLU B 253 5.80 -38.02 -15.47
N THR B 254 4.80 -37.19 -15.77
CA THR B 254 4.13 -36.37 -14.75
C THR B 254 3.35 -37.25 -13.77
N ALA B 255 2.56 -38.18 -14.31
CA ALA B 255 1.78 -39.11 -13.49
C ALA B 255 2.63 -39.86 -12.48
N TYR B 256 3.79 -40.35 -12.90
CA TYR B 256 4.71 -41.07 -12.02
C TYR B 256 5.34 -40.19 -10.95
N GLU B 257 5.60 -38.92 -11.27
CA GLU B 257 6.15 -37.98 -10.30
C GLU B 257 5.12 -37.61 -9.23
N ILE B 258 3.88 -37.38 -9.65
CA ILE B 258 2.78 -37.13 -8.71
C ILE B 258 2.68 -38.28 -7.72
N LEU B 259 2.65 -39.50 -8.24
CA LEU B 259 2.54 -40.69 -7.40
C LEU B 259 3.77 -40.90 -6.51
N LYS B 260 4.93 -40.51 -7.02
CA LYS B 260 6.20 -40.65 -6.30
C LYS B 260 6.24 -39.73 -5.07
N SER B 261 5.73 -38.50 -5.22
CA SER B 261 5.70 -37.53 -4.14
C SER B 261 4.88 -38.01 -2.94
N LEU B 262 3.85 -38.81 -3.20
CA LEU B 262 3.03 -39.42 -2.15
C LEU B 262 3.46 -40.86 -1.84
N GLY B 263 4.55 -41.29 -2.49
CA GLY B 263 5.13 -42.62 -2.26
C GLY B 263 4.27 -43.79 -2.70
N LEU B 264 3.51 -43.59 -3.77
CA LEU B 264 2.59 -44.63 -4.25
C LEU B 264 3.16 -45.43 -5.41
N ARG B 265 3.80 -44.77 -6.36
CA ARG B 265 4.44 -45.43 -7.51
C ARG B 265 5.71 -44.72 -7.90
N ARG B 266 6.63 -45.45 -8.55
CA ARG B 266 7.83 -44.86 -9.13
C ARG B 266 8.38 -45.70 -10.27
N ARG B 267 9.23 -45.08 -11.09
CA ARG B 267 10.04 -45.79 -12.06
C ARG B 267 11.48 -45.81 -11.59
N GLY B 268 12.08 -47.00 -11.58
CA GLY B 268 13.47 -47.16 -11.16
C GLY B 268 13.72 -46.94 -9.68
N VAL B 269 14.98 -47.00 -9.28
CA VAL B 269 15.37 -46.86 -7.87
C VAL B 269 15.12 -45.44 -7.35
N GLU B 270 14.72 -45.34 -6.08
CA GLU B 270 14.63 -44.05 -5.40
C GLU B 270 15.49 -44.07 -4.14
N ILE B 271 16.54 -43.27 -4.15
CA ILE B 271 17.45 -43.16 -3.01
C ILE B 271 17.12 -41.91 -2.20
N VAL B 272 16.72 -42.11 -0.95
CA VAL B 272 16.27 -41.04 -0.07
C VAL B 272 17.14 -41.00 1.19
N ALA B 273 17.62 -39.81 1.53
CA ALA B 273 18.37 -39.61 2.76
C ALA B 273 17.43 -39.18 3.88
N CYS B 274 17.91 -39.27 5.13
CA CYS B 274 17.17 -38.76 6.27
C CYS B 274 17.25 -37.23 6.35
N PRO B 275 16.30 -36.60 7.07
CA PRO B 275 16.07 -35.15 7.21
C PRO B 275 17.21 -34.10 7.24
N THR B 276 18.15 -34.02 8.19
CA THR B 276 18.54 -34.95 9.24
C THR B 276 18.26 -34.34 10.63
N CYS B 277 18.83 -34.92 11.70
CA CYS B 277 18.64 -34.37 13.06
C CYS B 277 19.85 -34.48 13.99
N GLY B 278 19.70 -33.99 15.22
CA GLY B 278 20.77 -33.96 16.22
C GLY B 278 21.30 -35.30 16.72
N ARG B 279 20.74 -36.40 16.23
CA ARG B 279 21.20 -37.75 16.57
C ARG B 279 22.30 -38.22 15.62
N ILE B 280 22.44 -37.52 14.50
CA ILE B 280 23.33 -37.90 13.40
C ILE B 280 24.69 -38.46 13.87
N GLU B 281 25.04 -39.64 13.37
CA GLU B 281 26.24 -40.35 13.82
C GLU B 281 27.36 -40.36 12.77
N VAL B 282 27.03 -39.99 11.54
CA VAL B 282 27.98 -40.05 10.43
C VAL B 282 27.96 -38.82 9.52
N ASP B 283 28.90 -38.80 8.59
CA ASP B 283 28.89 -37.87 7.46
C ASP B 283 27.97 -38.47 6.41
N LEU B 284 26.71 -38.01 6.42
CA LEU B 284 25.67 -38.58 5.55
C LEU B 284 25.86 -38.29 4.06
N PRO B 285 26.13 -37.03 3.67
CA PRO B 285 26.36 -36.75 2.25
C PRO B 285 27.34 -37.71 1.58
N LYS B 286 28.39 -38.12 2.31
CA LYS B 286 29.40 -39.04 1.78
C LYS B 286 28.85 -40.44 1.52
N VAL B 287 28.08 -40.97 2.47
CA VAL B 287 27.51 -42.31 2.32
C VAL B 287 26.37 -42.32 1.29
N VAL B 288 25.66 -41.19 1.17
CA VAL B 288 24.61 -41.03 0.16
C VAL B 288 25.21 -41.09 -1.25
N LYS B 289 26.30 -40.35 -1.46
CA LYS B 289 26.99 -40.33 -2.76
C LYS B 289 27.56 -41.68 -3.15
N GLU B 290 27.97 -42.46 -2.14
CA GLU B 290 28.44 -43.83 -2.35
C GLU B 290 27.31 -44.74 -2.81
N VAL B 291 26.13 -44.57 -2.21
CA VAL B 291 24.93 -45.32 -2.59
C VAL B 291 24.48 -44.99 -4.01
N GLN B 292 24.45 -43.71 -4.34
CA GLN B 292 24.11 -43.24 -5.68
C GLN B 292 25.00 -43.86 -6.76
N GLU B 293 26.29 -43.98 -6.45
CA GLU B 293 27.28 -44.54 -7.37
C GLU B 293 27.10 -46.05 -7.57
N LYS B 294 27.01 -46.79 -6.46
CA LYS B 294 26.88 -48.25 -6.52
C LYS B 294 25.50 -48.73 -6.99
N LEU B 295 24.48 -47.92 -6.75
CA LEU B 295 23.10 -48.26 -7.11
C LEU B 295 22.67 -47.77 -8.50
N SER B 296 23.54 -46.98 -9.14
CA SER B 296 23.31 -46.57 -10.53
C SER B 296 23.33 -47.80 -11.43
N GLY B 297 22.17 -48.14 -11.98
CA GLY B 297 22.01 -49.35 -12.77
C GLY B 297 20.97 -50.29 -12.19
N VAL B 298 20.22 -49.80 -11.22
CA VAL B 298 19.10 -50.55 -10.62
C VAL B 298 17.78 -50.03 -11.18
N LYS B 299 17.07 -50.91 -11.86
CA LYS B 299 15.83 -50.56 -12.57
C LYS B 299 14.59 -50.87 -11.73
N THR B 300 14.76 -51.66 -10.67
CA THR B 300 13.65 -52.06 -9.80
C THR B 300 13.13 -50.88 -8.98
N PRO B 301 11.79 -50.66 -8.99
CA PRO B 301 11.20 -49.49 -8.34
C PRO B 301 11.13 -49.59 -6.80
N LEU B 302 12.28 -49.87 -6.17
CA LEU B 302 12.38 -49.93 -4.72
C LEU B 302 12.68 -48.56 -4.13
N LYS B 303 12.36 -48.40 -2.85
CA LYS B 303 12.73 -47.19 -2.12
C LYS B 303 13.88 -47.51 -1.16
N VAL B 304 15.03 -46.89 -1.40
CA VAL B 304 16.25 -47.13 -0.62
C VAL B 304 16.52 -45.96 0.32
N ALA B 305 16.55 -46.25 1.62
CA ALA B 305 16.71 -45.22 2.64
C ALA B 305 18.12 -45.21 3.23
N VAL B 306 18.76 -44.06 3.15
CA VAL B 306 20.10 -43.88 3.71
C VAL B 306 19.97 -42.97 4.92
N MET B 307 20.01 -43.58 6.11
CA MET B 307 19.72 -42.86 7.35
C MET B 307 20.98 -42.44 8.12
N GLY B 308 20.86 -41.33 8.85
CA GLY B 308 22.00 -40.73 9.54
C GLY B 308 22.41 -41.38 10.85
N CYS B 309 21.51 -42.13 11.47
CA CYS B 309 21.82 -42.81 12.72
C CYS B 309 21.41 -44.29 12.65
N VAL B 310 21.45 -44.99 13.78
CA VAL B 310 21.23 -46.44 13.78
C VAL B 310 19.87 -46.88 14.34
N VAL B 311 19.72 -46.80 15.66
CA VAL B 311 18.58 -47.39 16.36
C VAL B 311 17.23 -46.79 15.93
N ASN B 312 17.11 -45.46 16.02
CA ASN B 312 15.84 -44.79 15.76
C ASN B 312 15.55 -44.57 14.28
N ALA B 313 16.57 -44.82 13.45
CA ALA B 313 16.46 -44.70 12.00
C ALA B 313 15.56 -45.78 11.41
N ILE B 314 15.68 -47.00 11.94
CA ILE B 314 14.96 -48.18 11.42
C ILE B 314 13.43 -47.99 11.49
N GLY B 315 12.95 -47.51 12.64
CA GLY B 315 11.55 -47.16 12.79
C GLY B 315 11.14 -45.99 11.91
N GLU B 316 12.00 -44.98 11.82
CA GLU B 316 11.75 -43.82 10.97
C GLU B 316 11.49 -44.21 9.51
N ALA B 317 12.24 -45.20 9.03
CA ALA B 317 12.16 -45.64 7.63
C ALA B 317 11.34 -46.91 7.42
N ARG B 318 10.34 -47.14 8.29
CA ARG B 318 9.40 -48.28 8.17
C ARG B 318 8.94 -48.55 6.74
N GLU B 319 8.45 -47.51 6.06
CA GLU B 319 7.80 -47.65 4.77
C GLU B 319 8.75 -47.98 3.61
N ALA B 320 10.04 -47.71 3.82
CA ALA B 320 11.06 -48.00 2.80
C ALA B 320 11.23 -49.50 2.58
N ASP B 321 11.52 -49.88 1.34
CA ASP B 321 11.75 -51.28 0.98
C ASP B 321 13.04 -51.81 1.62
N ILE B 322 14.06 -50.96 1.66
CA ILE B 322 15.38 -51.34 2.14
C ILE B 322 16.19 -50.09 2.46
N GLY B 323 17.14 -50.21 3.38
CA GLY B 323 18.02 -49.10 3.69
C GLY B 323 19.16 -49.44 4.64
N LEU B 324 20.02 -48.45 4.88
CA LEU B 324 21.13 -48.57 5.83
C LEU B 324 20.93 -47.61 6.98
N ALA B 325 21.12 -48.10 8.20
CA ALA B 325 21.06 -47.27 9.39
C ALA B 325 22.48 -47.12 9.93
N CYS B 326 23.11 -45.99 9.63
CA CYS B 326 24.56 -45.84 9.75
C CYS B 326 25.09 -45.35 11.10
N GLY B 327 26.16 -45.99 11.55
CA GLY B 327 26.91 -45.55 12.73
C GLY B 327 28.38 -45.34 12.37
N ARG B 328 29.21 -45.10 13.40
CA ARG B 328 30.63 -44.81 13.21
C ARG B 328 31.34 -45.75 12.21
N GLY B 329 31.52 -47.01 12.60
CA GLY B 329 32.25 -47.96 11.75
C GLY B 329 31.39 -49.06 11.16
N PHE B 330 30.07 -48.87 11.19
CA PHE B 330 29.11 -49.89 10.78
C PHE B 330 27.76 -49.29 10.38
N ALA B 331 26.87 -50.16 9.90
CA ALA B 331 25.47 -49.81 9.63
C ALA B 331 24.58 -51.03 9.80
N TRP B 332 23.32 -50.80 10.14
CA TRP B 332 22.30 -51.85 10.13
C TRP B 332 21.59 -51.87 8.78
N LEU B 333 21.64 -53.01 8.11
CA LEU B 333 20.83 -53.24 6.92
C LEU B 333 19.42 -53.61 7.35
N PHE B 334 18.43 -52.90 6.81
CA PHE B 334 17.04 -53.15 7.17
C PHE B 334 16.10 -53.17 5.97
N LYS B 335 15.01 -53.93 6.12
CA LYS B 335 13.92 -53.99 5.15
C LYS B 335 12.60 -53.82 5.86
N HIS B 336 11.71 -53.01 5.29
CA HIS B 336 10.37 -52.73 5.84
C HIS B 336 10.31 -52.64 7.38
N GLY B 337 11.29 -51.94 7.94
CA GLY B 337 11.33 -51.68 9.38
C GLY B 337 11.95 -52.75 10.27
N LYS B 338 12.48 -53.82 9.68
CA LYS B 338 13.17 -54.84 10.48
C LYS B 338 14.66 -54.94 10.16
N PRO B 339 15.51 -54.90 11.21
CA PRO B 339 16.95 -55.13 11.11
C PRO B 339 17.25 -56.53 10.58
N ILE B 340 18.27 -56.64 9.74
CA ILE B 340 18.62 -57.92 9.11
C ILE B 340 20.04 -58.37 9.44
N LYS B 341 21.04 -57.54 9.13
CA LYS B 341 22.43 -57.80 9.56
C LYS B 341 23.29 -56.55 9.66
N LYS B 342 24.17 -56.53 10.67
CA LYS B 342 25.19 -55.50 10.81
C LYS B 342 26.29 -55.74 9.81
N VAL B 343 26.64 -54.71 9.05
CA VAL B 343 27.76 -54.79 8.12
C VAL B 343 28.78 -53.70 8.47
N ASP B 344 30.05 -54.01 8.25
CA ASP B 344 31.14 -53.04 8.40
C ASP B 344 30.98 -51.92 7.37
N GLU B 345 31.79 -50.86 7.47
CA GLU B 345 31.72 -49.70 6.57
C GLU B 345 31.70 -50.06 5.06
N SER B 346 31.95 -51.32 4.74
CA SER B 346 31.65 -51.88 3.42
C SER B 346 30.19 -52.38 3.39
N GLU B 347 29.32 -51.54 3.96
CA GLU B 347 27.89 -51.79 4.12
C GLU B 347 27.14 -51.74 2.80
N MET B 348 27.81 -51.19 1.79
CA MET B 348 27.21 -50.84 0.52
C MET B 348 27.09 -51.99 -0.45
N VAL B 349 28.18 -52.74 -0.61
CA VAL B 349 28.19 -53.89 -1.52
C VAL B 349 27.20 -54.96 -1.06
N ASP B 350 26.99 -55.05 0.25
CA ASP B 350 25.96 -55.94 0.82
C ASP B 350 24.54 -55.44 0.61
N GLU B 351 24.38 -54.11 0.58
CA GLU B 351 23.09 -53.50 0.29
C GLU B 351 22.64 -53.80 -1.14
N LEU B 352 23.54 -53.56 -2.11
CA LEU B 352 23.30 -53.91 -3.50
C LEU B 352 23.14 -55.42 -3.68
N LEU B 353 23.93 -56.18 -2.93
CA LEU B 353 23.88 -57.65 -2.96
C LEU B 353 22.52 -58.17 -2.50
N LYS B 354 21.89 -57.46 -1.57
CA LYS B 354 20.57 -57.81 -1.08
C LYS B 354 19.46 -57.39 -2.06
N GLU B 355 19.70 -56.29 -2.77
CA GLU B 355 18.74 -55.80 -3.76
C GLU B 355 18.78 -56.64 -5.04
N ILE B 356 19.98 -57.11 -5.40
CA ILE B 356 20.14 -58.10 -6.46
C ILE B 356 19.35 -59.36 -6.11
N GLN B 357 19.50 -59.80 -4.86
CA GLN B 357 18.79 -60.97 -4.34
C GLN B 357 17.29 -60.74 -4.15
N ASN B 358 16.90 -59.47 -4.00
CA ASN B 358 15.48 -59.08 -3.96
C ASN B 358 14.79 -59.34 -5.30
N MET B 359 15.55 -59.21 -6.39
CA MET B 359 15.03 -59.35 -7.74
C MET B 359 14.81 -60.81 -8.15
N GLU B 360 15.71 -61.70 -7.70
CA GLU B 360 15.60 -63.13 -7.99
C GLU B 360 14.62 -63.82 -7.05
N MET C 10 15.42 23.71 -0.74
CA MET C 10 15.91 24.96 -0.10
C MET C 10 15.73 24.96 1.42
N ILE C 11 14.65 24.34 1.89
CA ILE C 11 14.39 24.23 3.33
C ILE C 11 15.38 23.25 3.98
N GLN C 12 16.05 23.73 5.01
CA GLN C 12 17.00 22.93 5.78
C GLN C 12 16.22 22.21 6.87
N LYS C 13 15.97 20.92 6.68
CA LYS C 13 15.17 20.14 7.62
C LYS C 13 15.95 19.86 8.90
N ARG C 14 15.26 19.96 10.03
CA ARG C 14 15.85 19.66 11.34
C ARG C 14 16.20 18.17 11.43
N LYS C 15 17.43 17.88 11.84
CA LYS C 15 17.86 16.50 12.06
C LYS C 15 17.08 15.90 13.22
N THR C 16 16.33 14.84 12.92
CA THR C 16 15.41 14.23 13.87
C THR C 16 15.58 12.71 13.90
N ARG C 17 15.65 12.15 15.10
CA ARG C 17 15.69 10.69 15.25
C ARG C 17 14.34 10.10 14.82
N GLN C 18 14.40 8.97 14.13
CA GLN C 18 13.19 8.39 13.54
C GLN C 18 12.40 7.57 14.56
N ILE C 19 11.09 7.79 14.60
CA ILE C 19 10.19 7.01 15.43
C ILE C 19 9.15 6.32 14.57
N ARG C 20 8.27 5.54 15.22
CA ARG C 20 7.40 4.62 14.52
C ARG C 20 6.02 4.55 15.19
N VAL C 21 4.98 4.71 14.38
CA VAL C 21 3.60 4.47 14.82
C VAL C 21 3.03 3.43 13.86
N GLY C 22 2.73 2.24 14.37
CA GLY C 22 2.31 1.13 13.51
C GLY C 22 3.44 0.81 12.56
N ASN C 23 3.17 0.92 11.26
CA ASN C 23 4.23 0.80 10.24
C ASN C 23 4.63 2.15 9.65
N VAL C 24 3.95 3.21 10.10
CA VAL C 24 4.27 4.56 9.63
C VAL C 24 5.47 5.13 10.40
N LYS C 25 6.48 5.52 9.65
CA LYS C 25 7.69 6.10 10.23
C LYS C 25 7.64 7.63 10.22
N ILE C 26 8.15 8.23 11.29
CA ILE C 26 8.10 9.68 11.51
C ILE C 26 9.49 10.15 11.94
N GLY C 27 10.00 11.17 11.25
CA GLY C 27 11.33 11.71 11.53
C GLY C 27 12.41 11.17 10.60
N GLY C 28 13.58 11.78 10.67
CA GLY C 28 14.71 11.41 9.81
C GLY C 28 14.41 11.58 8.33
N ASP C 29 14.68 10.53 7.55
CA ASP C 29 14.44 10.51 6.10
C ASP C 29 12.96 10.59 5.73
N ALA C 30 12.10 10.31 6.69
CA ALA C 30 10.67 10.15 6.44
C ALA C 30 10.01 11.44 5.95
N PRO C 31 9.05 11.33 5.01
CA PRO C 31 8.19 12.45 4.65
C PRO C 31 7.47 12.99 5.88
N ILE C 32 7.03 14.25 5.81
CA ILE C 32 6.21 14.84 6.86
C ILE C 32 4.82 14.21 6.83
N VAL C 33 4.41 13.65 7.96
CA VAL C 33 3.19 12.85 8.05
C VAL C 33 1.94 13.70 8.29
N VAL C 34 0.91 13.48 7.48
CA VAL C 34 -0.37 14.17 7.65
C VAL C 34 -1.29 13.35 8.56
N GLN C 35 -1.76 14.00 9.62
CA GLN C 35 -2.63 13.39 10.61
C GLN C 35 -3.98 14.11 10.66
N SER C 36 -4.97 13.43 11.24
CA SER C 36 -6.23 14.06 11.56
C SER C 36 -6.85 13.39 12.78
N MET C 37 -7.88 14.01 13.33
CA MET C 37 -8.67 13.40 14.38
C MET C 37 -10.07 13.15 13.86
N THR C 38 -10.62 12.00 14.24
CA THR C 38 -11.99 11.65 13.88
C THR C 38 -12.98 12.49 14.71
N SER C 39 -14.09 12.89 14.10
CA SER C 39 -15.08 13.74 14.76
C SER C 39 -16.36 13.00 15.16
N THR C 40 -16.43 11.72 14.81
CA THR C 40 -17.54 10.88 15.19
C THR C 40 -17.40 10.44 16.64
N LYS C 41 -18.46 9.83 17.17
CA LYS C 41 -18.37 9.09 18.42
C LYS C 41 -17.58 7.82 18.14
N THR C 42 -16.51 7.61 18.90
CA THR C 42 -15.62 6.46 18.74
C THR C 42 -16.37 5.14 18.95
N HIS C 43 -17.29 5.14 19.91
CA HIS C 43 -18.09 3.95 20.22
C HIS C 43 -19.01 3.51 19.07
N ASP C 44 -19.40 4.47 18.22
CA ASP C 44 -20.09 4.17 16.97
C ASP C 44 -19.05 3.63 15.99
N VAL C 45 -18.85 2.32 16.03
CA VAL C 45 -17.80 1.64 15.27
C VAL C 45 -17.93 1.87 13.76
N GLU C 46 -19.16 1.74 13.24
CA GLU C 46 -19.40 1.91 11.81
C GLU C 46 -19.16 3.35 11.35
N ALA C 47 -19.68 4.32 12.09
CA ALA C 47 -19.52 5.74 11.78
C ALA C 47 -18.06 6.18 11.82
N THR C 48 -17.30 5.62 12.76
CA THR C 48 -15.87 5.92 12.89
C THR C 48 -15.08 5.32 11.73
N LEU C 49 -15.28 4.03 11.46
CA LEU C 49 -14.58 3.35 10.37
C LEU C 49 -14.90 3.95 9.00
N ASN C 50 -16.10 4.49 8.86
CA ASN C 50 -16.49 5.20 7.64
C ASN C 50 -15.70 6.49 7.45
N GLN C 51 -15.64 7.31 8.50
CA GLN C 51 -14.90 8.58 8.46
C GLN C 51 -13.41 8.32 8.25
N ILE C 52 -12.89 7.29 8.92
CA ILE C 52 -11.50 6.86 8.75
C ILE C 52 -11.22 6.50 7.28
N LYS C 53 -12.17 5.81 6.65
CA LYS C 53 -12.07 5.43 5.23
C LYS C 53 -11.99 6.66 4.33
N ARG C 54 -12.89 7.62 4.55
CA ARG C 54 -12.86 8.89 3.82
C ARG C 54 -11.54 9.62 4.00
N LEU C 55 -11.01 9.57 5.22
CA LEU C 55 -9.73 10.21 5.54
C LEU C 55 -8.56 9.54 4.81
N TYR C 56 -8.54 8.22 4.82
CA TYR C 56 -7.51 7.45 4.12
C TYR C 56 -7.51 7.72 2.62
N GLU C 57 -8.70 7.93 2.05
CA GLU C 57 -8.85 8.27 0.64
C GLU C 57 -8.36 9.69 0.35
N ALA C 58 -8.40 10.55 1.36
CA ALA C 58 -7.96 11.94 1.24
C ALA C 58 -6.45 12.08 1.46
N GLY C 59 -5.81 11.03 1.94
CA GLY C 59 -4.37 11.04 2.15
C GLY C 59 -3.92 11.11 3.60
N CYS C 60 -4.88 10.99 4.53
CA CYS C 60 -4.57 10.96 5.95
C CYS C 60 -3.77 9.71 6.26
N GLU C 61 -2.62 9.89 6.93
CA GLU C 61 -1.68 8.80 7.16
C GLU C 61 -1.78 8.19 8.56
N ILE C 62 -2.19 9.00 9.54
CA ILE C 62 -2.45 8.53 10.91
C ILE C 62 -3.68 9.21 11.47
N VAL C 63 -4.54 8.44 12.14
CA VAL C 63 -5.76 8.98 12.72
C VAL C 63 -5.74 8.97 14.25
N ARG C 64 -6.12 10.10 14.83
CA ARG C 64 -6.29 10.23 16.27
C ARG C 64 -7.76 9.96 16.62
N VAL C 65 -7.97 9.16 17.65
CA VAL C 65 -9.31 8.74 18.07
C VAL C 65 -9.50 9.02 19.55
N ALA C 66 -10.52 9.81 19.87
CA ALA C 66 -10.84 10.14 21.27
C ALA C 66 -11.45 8.92 21.96
N VAL C 67 -11.14 8.76 23.24
CA VAL C 67 -11.65 7.63 24.00
C VAL C 67 -12.00 8.05 25.43
N PRO C 68 -13.08 8.87 25.57
CA PRO C 68 -13.45 9.43 26.87
C PRO C 68 -14.24 8.50 27.79
N HIS C 69 -14.87 7.47 27.23
CA HIS C 69 -15.74 6.57 28.01
C HIS C 69 -15.46 5.09 27.73
N LYS C 70 -16.04 4.21 28.55
CA LYS C 70 -15.85 2.77 28.43
C LYS C 70 -16.33 2.21 27.09
N GLU C 71 -17.40 2.80 26.55
CA GLU C 71 -17.99 2.36 25.28
C GLU C 71 -17.00 2.53 24.14
N ASP C 72 -16.18 3.57 24.24
CA ASP C 72 -15.14 3.84 23.26
C ASP C 72 -14.00 2.81 23.39
N VAL C 73 -13.65 2.48 24.63
CA VAL C 73 -12.63 1.45 24.92
C VAL C 73 -13.07 0.11 24.33
N GLU C 74 -14.34 -0.23 24.54
CA GLU C 74 -14.93 -1.46 23.99
C GLU C 74 -14.94 -1.47 22.47
N ALA C 75 -14.91 -0.29 21.85
CA ALA C 75 -14.95 -0.13 20.40
C ALA C 75 -13.56 -0.13 19.77
N LEU C 76 -12.54 0.10 20.59
CA LEU C 76 -11.18 0.34 20.12
C LEU C 76 -10.53 -0.87 19.44
N GLU C 77 -10.87 -2.07 19.89
CA GLU C 77 -10.30 -3.30 19.33
C GLU C 77 -10.69 -3.50 17.86
N GLU C 78 -11.96 -3.32 17.55
CA GLU C 78 -12.45 -3.47 16.18
C GLU C 78 -11.86 -2.39 15.27
N ILE C 79 -11.82 -1.16 15.78
CA ILE C 79 -11.27 -0.03 15.02
C ILE C 79 -9.85 -0.31 14.54
N VAL C 80 -8.95 -0.69 15.44
CA VAL C 80 -7.55 -0.92 15.07
C VAL C 80 -7.38 -2.09 14.11
N LYS C 81 -8.31 -3.05 14.18
CA LYS C 81 -8.26 -4.22 13.31
C LYS C 81 -8.66 -3.89 11.87
N LYS C 82 -9.72 -3.11 11.71
CA LYS C 82 -10.26 -2.79 10.38
C LYS C 82 -9.79 -1.46 9.81
N SER C 83 -9.01 -0.70 10.58
CA SER C 83 -8.47 0.57 10.11
C SER C 83 -7.33 0.37 9.11
N PRO C 84 -7.34 1.16 8.01
CA PRO C 84 -6.25 1.20 7.04
C PRO C 84 -5.05 2.03 7.52
N MET C 85 -5.26 2.77 8.61
CA MET C 85 -4.26 3.65 9.20
C MET C 85 -3.94 3.20 10.62
N PRO C 86 -2.72 3.51 11.10
CA PRO C 86 -2.44 3.42 12.54
C PRO C 86 -3.38 4.34 13.33
N VAL C 87 -3.75 3.90 14.53
CA VAL C 87 -4.72 4.60 15.35
C VAL C 87 -4.07 5.11 16.64
N ILE C 88 -4.28 6.39 16.93
CA ILE C 88 -3.82 6.98 18.18
C ILE C 88 -5.01 7.20 19.11
N ALA C 89 -4.91 6.60 20.30
CA ALA C 89 -5.90 6.83 21.36
C ALA C 89 -5.61 8.15 22.10
N ASP C 90 -6.63 8.99 22.20
CA ASP C 90 -6.52 10.27 22.90
C ASP C 90 -6.98 10.12 24.35
N ILE C 91 -6.03 10.19 25.28
CA ILE C 91 -6.31 10.03 26.71
C ILE C 91 -6.26 11.37 27.43
N HIS C 92 -7.12 11.56 28.44
CA HIS C 92 -7.13 12.83 29.19
C HIS C 92 -7.01 12.76 30.72
N PHE C 93 -7.96 12.13 31.40
CA PHE C 93 -8.03 12.25 32.86
C PHE C 93 -7.60 10.99 33.60
N ALA C 94 -7.87 9.84 33.01
CA ALA C 94 -7.61 8.57 33.66
C ALA C 94 -6.41 7.86 33.04
N PRO C 95 -5.33 7.69 33.83
CA PRO C 95 -4.19 6.88 33.39
C PRO C 95 -4.58 5.45 33.04
N SER C 96 -5.60 4.92 33.71
CA SER C 96 -6.10 3.57 33.45
C SER C 96 -6.61 3.40 32.01
N TYR C 97 -7.17 4.47 31.45
CA TYR C 97 -7.65 4.47 30.07
C TYR C 97 -6.51 4.34 29.04
N ALA C 98 -5.31 4.76 29.43
CA ALA C 98 -4.14 4.60 28.58
C ALA C 98 -3.71 3.14 28.55
N PHE C 99 -3.73 2.48 29.71
CA PHE C 99 -3.38 1.07 29.82
C PHE C 99 -4.37 0.16 29.09
N LEU C 100 -5.65 0.51 29.16
CA LEU C 100 -6.73 -0.27 28.56
C LEU C 100 -6.76 -0.10 27.04
N SER C 101 -6.45 1.11 26.59
CA SER C 101 -6.39 1.40 25.15
C SER C 101 -5.28 0.60 24.49
N MET C 102 -4.10 0.57 25.13
CA MET C 102 -2.95 -0.19 24.64
C MET C 102 -3.23 -1.69 24.58
N GLU C 103 -3.97 -2.18 25.58
CA GLU C 103 -4.39 -3.59 25.64
C GLU C 103 -5.38 -3.94 24.53
N LYS C 104 -6.06 -2.92 24.00
CA LYS C 104 -6.95 -3.09 22.85
C LYS C 104 -6.17 -3.11 21.53
N GLY C 105 -4.85 -2.92 21.61
CA GLY C 105 -3.97 -3.03 20.43
C GLY C 105 -3.78 -1.74 19.68
N VAL C 106 -4.03 -0.61 20.35
CA VAL C 106 -3.89 0.71 19.75
C VAL C 106 -2.42 0.99 19.39
N HIS C 107 -2.21 1.71 18.29
CA HIS C 107 -0.85 1.90 17.75
C HIS C 107 -0.08 3.00 18.46
N GLY C 108 -0.81 3.94 19.05
CA GLY C 108 -0.21 5.02 19.81
C GLY C 108 -1.17 5.64 20.80
N ILE C 109 -0.61 6.32 21.79
CA ILE C 109 -1.42 7.10 22.72
C ILE C 109 -0.91 8.53 22.75
N ARG C 110 -1.81 9.48 22.95
CA ARG C 110 -1.41 10.85 23.22
C ARG C 110 -1.87 11.24 24.62
N ILE C 111 -0.91 11.72 25.42
CA ILE C 111 -1.17 12.07 26.81
C ILE C 111 -0.60 13.44 27.15
N ASN C 112 -1.16 14.05 28.19
CA ASN C 112 -0.54 15.21 28.82
C ASN C 112 0.05 14.76 30.16
N PRO C 113 1.34 14.37 30.17
CA PRO C 113 1.99 13.85 31.38
C PRO C 113 1.98 14.84 32.55
N GLY C 114 1.82 16.13 32.24
CA GLY C 114 1.72 17.17 33.25
C GLY C 114 0.53 17.00 34.20
N ASN C 115 -0.59 16.54 33.66
CA ASN C 115 -1.80 16.37 34.49
C ASN C 115 -2.61 15.07 34.33
N ILE C 116 -2.00 14.04 33.74
CA ILE C 116 -2.64 12.72 33.66
C ILE C 116 -2.61 12.05 35.03
N GLY C 117 -1.55 12.30 35.79
CA GLY C 117 -1.39 11.77 37.14
C GLY C 117 -0.01 12.08 37.66
N LYS C 118 0.40 11.38 38.71
CA LYS C 118 1.73 11.55 39.29
C LYS C 118 2.81 10.93 38.41
N GLU C 119 4.04 11.40 38.59
CA GLU C 119 5.19 10.99 37.79
C GLU C 119 5.37 9.47 37.74
N GLU C 120 5.05 8.78 38.83
CA GLU C 120 5.21 7.33 38.93
C GLU C 120 4.25 6.61 37.98
N ILE C 121 3.06 7.18 37.81
CA ILE C 121 2.03 6.62 36.95
C ILE C 121 2.35 6.85 35.47
N VAL C 122 2.98 7.98 35.17
CA VAL C 122 3.48 8.28 33.82
C VAL C 122 4.58 7.30 33.43
N ARG C 123 5.50 7.05 34.36
CA ARG C 123 6.59 6.09 34.16
C ARG C 123 6.07 4.71 33.78
N GLU C 124 5.01 4.28 34.45
CA GLU C 124 4.41 2.97 34.20
C GLU C 124 3.67 2.89 32.86
N ILE C 125 3.06 4.00 32.45
CA ILE C 125 2.46 4.11 31.13
C ILE C 125 3.55 3.93 30.06
N VAL C 126 4.66 4.63 30.26
CA VAL C 126 5.81 4.61 29.36
C VAL C 126 6.47 3.22 29.31
N GLU C 127 6.62 2.58 30.47
CA GLU C 127 7.09 1.20 30.57
C GLU C 127 6.27 0.27 29.69
N GLU C 128 4.94 0.37 29.84
CA GLU C 128 3.99 -0.46 29.11
C GLU C 128 4.02 -0.17 27.61
N ALA C 129 4.10 1.11 27.26
CA ALA C 129 4.22 1.54 25.87
C ALA C 129 5.48 0.99 25.22
N LYS C 130 6.60 1.05 25.94
CA LYS C 130 7.88 0.51 25.47
C LYS C 130 7.76 -0.98 25.21
N ARG C 131 7.08 -1.68 26.11
CA ARG C 131 6.91 -3.11 26.06
C ARG C 131 6.09 -3.54 24.83
N ARG C 132 5.01 -2.82 24.56
CA ARG C 132 4.08 -3.16 23.49
C ARG C 132 4.51 -2.56 22.15
N GLY C 133 5.43 -1.60 22.20
CA GLY C 133 5.88 -0.90 21.02
C GLY C 133 4.90 0.16 20.55
N VAL C 134 4.10 0.70 21.46
CA VAL C 134 3.18 1.78 21.10
C VAL C 134 3.87 3.14 21.23
N ALA C 135 3.64 4.01 20.26
CA ALA C 135 4.19 5.36 20.27
C ALA C 135 3.42 6.25 21.22
N VAL C 136 4.13 7.19 21.84
CA VAL C 136 3.53 8.14 22.75
C VAL C 136 3.70 9.54 22.21
N ARG C 137 2.64 10.34 22.26
CA ARG C 137 2.76 11.77 22.05
C ARG C 137 2.68 12.48 23.39
N ILE C 138 3.76 13.19 23.74
CA ILE C 138 3.75 14.07 24.90
C ILE C 138 3.08 15.37 24.49
N GLY C 139 1.91 15.64 25.06
CA GLY C 139 1.24 16.92 24.86
C GLY C 139 1.57 17.85 26.02
N VAL C 140 2.15 19.01 25.71
CA VAL C 140 2.34 20.05 26.72
C VAL C 140 1.50 21.26 26.36
N ASN C 141 0.87 21.83 27.38
CA ASN C 141 -0.13 22.85 27.19
C ASN C 141 -0.08 23.83 28.34
N SER C 142 -0.66 25.00 28.13
CA SER C 142 -0.85 25.99 29.17
C SER C 142 -1.46 25.34 30.43
N GLY C 143 -2.48 24.52 30.23
CA GLY C 143 -3.16 23.82 31.32
C GLY C 143 -2.38 22.69 31.95
N SER C 144 -1.42 22.12 31.23
CA SER C 144 -0.63 21.00 31.76
C SER C 144 0.68 21.45 32.43
N LEU C 145 0.92 22.76 32.42
CA LEU C 145 2.18 23.31 32.94
C LEU C 145 2.29 23.14 34.45
N GLU C 146 3.46 22.68 34.90
CA GLU C 146 3.70 22.32 36.30
C GLU C 146 3.85 23.54 37.19
N LYS C 147 3.37 23.40 38.42
CA LYS C 147 3.49 24.41 39.48
C LYS C 147 4.92 24.94 39.56
N ASP C 148 5.86 24.00 39.59
CA ASP C 148 7.31 24.27 39.53
C ASP C 148 7.68 25.33 38.48
N LEU C 149 7.13 25.17 37.28
CA LEU C 149 7.46 26.06 36.16
C LEU C 149 6.61 27.32 36.04
N LEU C 150 5.39 27.27 36.58
CA LEU C 150 4.57 28.48 36.67
C LEU C 150 5.18 29.47 37.64
N GLU C 151 5.79 28.95 38.70
CA GLU C 151 6.45 29.77 39.71
C GLU C 151 7.72 30.42 39.15
N LYS C 152 8.49 29.65 38.37
CA LYS C 152 9.73 30.15 37.78
C LYS C 152 9.47 31.27 36.76
N TYR C 153 8.51 31.06 35.87
CA TYR C 153 8.23 32.01 34.79
C TYR C 153 7.07 32.98 35.08
N GLY C 154 6.21 32.63 36.02
CA GLY C 154 5.07 33.46 36.39
C GLY C 154 3.80 33.08 35.65
N TYR C 155 3.95 32.83 34.34
CA TYR C 155 2.83 32.50 33.47
C TYR C 155 3.30 31.51 32.39
N PRO C 156 2.37 30.87 31.66
CA PRO C 156 2.78 29.89 30.66
C PRO C 156 3.35 30.51 29.39
N SER C 157 4.58 31.04 29.48
CA SER C 157 5.26 31.62 28.32
C SER C 157 5.80 30.53 27.38
N ALA C 158 6.33 30.95 26.24
CA ALA C 158 6.92 30.05 25.26
C ALA C 158 8.12 29.29 25.84
N GLU C 159 8.94 30.01 26.59
CA GLU C 159 10.08 29.42 27.28
C GLU C 159 9.66 28.46 28.40
N ALA C 160 8.53 28.76 29.05
CA ALA C 160 7.95 27.88 30.07
C ALA C 160 7.44 26.57 29.47
N LEU C 161 6.80 26.66 28.32
CA LEU C 161 6.24 25.49 27.64
C LEU C 161 7.33 24.57 27.09
N ALA C 162 8.36 25.16 26.50
CA ALA C 162 9.49 24.41 25.97
C ALA C 162 10.23 23.64 27.06
N GLU C 163 10.42 24.28 28.22
CA GLU C 163 11.12 23.65 29.33
C GLU C 163 10.36 22.45 29.89
N SER C 164 9.03 22.56 29.94
CA SER C 164 8.17 21.45 30.34
C SER C 164 8.33 20.27 29.39
N ALA C 165 8.27 20.56 28.09
CA ALA C 165 8.48 19.54 27.06
C ALA C 165 9.87 18.92 27.18
N LEU C 166 10.89 19.78 27.27
CA LEU C 166 12.28 19.35 27.50
C LEU C 166 12.39 18.46 28.73
N ARG C 167 11.73 18.86 29.81
CA ARG C 167 11.78 18.15 31.09
C ARG C 167 11.20 16.75 30.98
N TRP C 168 10.07 16.62 30.27
CA TRP C 168 9.42 15.33 30.06
C TRP C 168 10.18 14.49 29.06
N SER C 169 10.69 15.14 28.01
CA SER C 169 11.50 14.48 26.99
C SER C 169 12.70 13.77 27.62
N GLU C 170 13.41 14.45 28.52
CA GLU C 170 14.58 13.86 29.17
C GLU C 170 14.23 12.86 30.27
N LYS C 171 13.02 12.96 30.83
CA LYS C 171 12.51 11.95 31.75
C LYS C 171 12.23 10.63 31.01
N PHE C 172 11.72 10.75 29.78
CA PHE C 172 11.44 9.59 28.92
C PHE C 172 12.73 8.90 28.51
N GLU C 173 13.77 9.69 28.27
CA GLU C 173 15.12 9.19 28.00
C GLU C 173 15.66 8.46 29.23
N LYS C 174 15.47 9.07 30.39
CA LYS C 174 15.91 8.53 31.67
C LYS C 174 15.36 7.12 31.91
N TRP C 175 14.11 6.90 31.51
CA TRP C 175 13.46 5.59 31.65
C TRP C 175 13.74 4.67 30.47
N GLY C 176 14.56 5.15 29.54
CA GLY C 176 14.99 4.35 28.39
C GLY C 176 13.93 4.19 27.32
N PHE C 177 13.13 5.23 27.12
CA PHE C 177 12.12 5.23 26.06
C PHE C 177 12.43 6.29 25.02
N THR C 178 12.35 5.87 23.75
CA THR C 178 12.83 6.65 22.62
C THR C 178 11.73 6.89 21.59
N ASN C 179 10.71 6.03 21.61
CA ASN C 179 9.66 6.02 20.60
C ASN C 179 8.51 6.98 20.94
N TYR C 180 8.83 8.27 21.00
CA TYR C 180 7.85 9.30 21.30
C TYR C 180 8.10 10.57 20.49
N LYS C 181 7.04 11.34 20.30
CA LYS C 181 7.15 12.70 19.75
C LYS C 181 6.47 13.66 20.72
N VAL C 182 6.67 14.96 20.52
CA VAL C 182 6.08 15.95 21.43
C VAL C 182 5.18 16.95 20.70
N SER C 183 4.25 17.53 21.46
CA SER C 183 3.32 18.51 20.95
C SER C 183 3.29 19.69 21.92
N ILE C 184 3.64 20.87 21.43
CA ILE C 184 3.59 22.09 22.23
C ILE C 184 2.61 23.08 21.60
N LYS C 185 1.51 23.34 22.29
CA LYS C 185 0.50 24.26 21.77
C LYS C 185 0.57 25.63 22.44
N GLY C 186 1.06 26.61 21.68
CA GLY C 186 1.19 27.99 22.16
C GLY C 186 -0.10 28.77 22.09
N SER C 187 -0.19 29.81 22.92
CA SER C 187 -1.34 30.71 22.99
C SER C 187 -1.78 31.23 21.61
N ASP C 188 -0.84 31.81 20.87
CA ASP C 188 -1.07 32.32 19.52
C ASP C 188 0.00 31.81 18.56
N VAL C 189 -0.04 32.29 17.31
CA VAL C 189 0.92 31.86 16.28
C VAL C 189 2.38 32.06 16.72
N LEU C 190 2.71 33.27 17.16
CA LEU C 190 4.07 33.62 17.53
C LEU C 190 4.60 32.84 18.73
N GLN C 191 3.77 32.69 19.76
CA GLN C 191 4.16 31.92 20.95
C GLN C 191 4.35 30.45 20.61
N ASN C 192 3.50 29.92 19.73
CA ASN C 192 3.61 28.54 19.27
C ASN C 192 4.93 28.31 18.53
N VAL C 193 5.26 29.25 17.63
CA VAL C 193 6.51 29.20 16.88
C VAL C 193 7.71 29.21 17.84
N ARG C 194 7.74 30.21 18.72
CA ARG C 194 8.86 30.39 19.66
C ARG C 194 9.05 29.16 20.55
N ALA C 195 7.97 28.69 21.17
CA ALA C 195 8.02 27.53 22.06
C ALA C 195 8.57 26.29 21.38
N ASN C 196 8.09 26.01 20.16
CA ASN C 196 8.56 24.87 19.38
C ASN C 196 10.00 25.02 18.93
N LEU C 197 10.37 26.24 18.51
CA LEU C 197 11.73 26.55 18.07
C LEU C 197 12.77 26.33 19.17
N ILE C 198 12.45 26.74 20.40
CA ILE C 198 13.31 26.54 21.55
C ILE C 198 13.54 25.04 21.79
N PHE C 199 12.45 24.26 21.79
CA PHE C 199 12.54 22.82 21.93
C PHE C 199 13.37 22.24 20.79
N ALA C 200 13.10 22.71 19.58
CA ALA C 200 13.70 22.19 18.35
C ALA C 200 15.22 22.26 18.34
N GLU C 201 15.78 23.31 18.91
CA GLU C 201 17.22 23.57 18.84
C GLU C 201 18.01 22.90 19.97
N ARG C 202 17.30 22.27 20.90
CA ARG C 202 17.92 21.65 22.06
C ARG C 202 17.78 20.14 22.11
N THR C 203 17.14 19.57 21.09
CA THR C 203 16.89 18.13 21.02
C THR C 203 16.61 17.66 19.59
N ASP C 204 16.62 16.35 19.39
CA ASP C 204 16.29 15.77 18.08
C ASP C 204 14.95 15.01 18.10
N VAL C 205 14.16 15.21 19.16
CA VAL C 205 12.85 14.58 19.32
C VAL C 205 11.86 15.10 18.26
N PRO C 206 11.16 14.20 17.55
CA PRO C 206 10.21 14.62 16.52
C PRO C 206 9.07 15.46 17.08
N LEU C 207 8.57 16.40 16.26
CA LEU C 207 7.55 17.34 16.69
C LEU C 207 6.23 17.17 15.96
N HIS C 208 5.13 17.27 16.71
CA HIS C 208 3.81 17.39 16.14
C HIS C 208 3.40 18.86 16.16
N ILE C 209 3.06 19.41 15.00
CA ILE C 209 2.74 20.83 14.89
C ILE C 209 1.33 21.11 14.38
N GLY C 210 0.79 22.25 14.82
CA GLY C 210 -0.56 22.68 14.47
C GLY C 210 -0.96 23.85 15.33
N ILE C 211 -2.09 24.47 14.99
CA ILE C 211 -2.65 25.57 15.78
C ILE C 211 -4.02 25.14 16.30
N THR C 212 -4.16 25.08 17.62
CA THR C 212 -5.36 24.51 18.25
C THR C 212 -6.62 25.37 18.11
N GLU C 213 -6.59 26.56 18.70
CA GLU C 213 -7.73 27.48 18.61
C GLU C 213 -7.64 28.32 17.34
N ALA C 214 -7.77 27.65 16.19
CA ALA C 214 -7.57 28.29 14.89
C ALA C 214 -8.74 29.17 14.46
N GLY C 215 -9.96 28.72 14.71
CA GLY C 215 -11.15 29.47 14.32
C GLY C 215 -11.98 28.77 13.25
N MET C 216 -13.06 29.42 12.85
CA MET C 216 -14.03 28.83 11.91
C MET C 216 -13.73 29.22 10.47
N GLY C 217 -14.02 28.30 9.55
CA GLY C 217 -13.94 28.54 8.11
C GLY C 217 -12.63 29.15 7.62
N THR C 218 -12.74 30.23 6.86
CA THR C 218 -11.59 30.90 6.24
C THR C 218 -10.56 31.39 7.27
N LYS C 219 -11.07 31.97 8.36
CA LYS C 219 -10.22 32.49 9.44
C LYS C 219 -9.31 31.42 10.03
N GLY C 220 -9.87 30.23 10.25
CA GLY C 220 -9.12 29.09 10.77
C GLY C 220 -8.15 28.52 9.75
N ILE C 221 -8.53 28.57 8.48
CA ILE C 221 -7.69 28.12 7.39
C ILE C 221 -6.47 29.03 7.23
N ILE C 222 -6.69 30.34 7.34
CA ILE C 222 -5.62 31.34 7.26
C ILE C 222 -4.65 31.18 8.42
N LYS C 223 -5.19 31.12 9.64
CA LYS C 223 -4.40 31.01 10.86
C LYS C 223 -3.52 29.75 10.87
N SER C 224 -4.10 28.63 10.46
CA SER C 224 -3.37 27.35 10.39
C SER C 224 -2.26 27.40 9.35
N SER C 225 -2.53 28.05 8.22
CA SER C 225 -1.56 28.16 7.12
C SER C 225 -0.34 29.00 7.51
N VAL C 226 -0.58 30.12 8.21
CA VAL C 226 0.50 30.99 8.67
C VAL C 226 1.35 30.30 9.74
N GLY C 227 0.70 29.76 10.76
CA GLY C 227 1.38 29.09 11.87
C GLY C 227 2.20 27.88 11.45
N ILE C 228 1.54 26.91 10.84
CA ILE C 228 2.21 25.68 10.37
C ILE C 228 3.21 25.96 9.25
N GLY C 229 2.88 26.93 8.39
CA GLY C 229 3.76 27.34 7.29
C GLY C 229 5.09 27.92 7.76
N ILE C 230 5.04 28.76 8.80
CA ILE C 230 6.26 29.36 9.35
C ILE C 230 7.19 28.28 9.90
N LEU C 231 6.63 27.40 10.74
CA LEU C 231 7.39 26.31 11.32
C LEU C 231 7.98 25.39 10.27
N LEU C 232 7.16 25.05 9.26
CA LEU C 232 7.61 24.24 8.12
C LEU C 232 8.76 24.89 7.38
N TYR C 233 8.64 26.19 7.11
CA TYR C 233 9.70 26.95 6.42
C TYR C 233 11.05 26.81 7.11
N MET C 234 11.01 26.72 8.45
CA MET C 234 12.22 26.61 9.25
C MET C 234 12.67 25.15 9.46
N GLY C 235 12.04 24.23 8.75
CA GLY C 235 12.40 22.81 8.82
C GLY C 235 11.91 22.13 10.08
N ILE C 236 10.87 22.67 10.69
CA ILE C 236 10.32 22.12 11.93
C ILE C 236 8.97 21.46 11.67
N GLY C 237 8.81 20.24 12.18
CA GLY C 237 7.57 19.50 12.05
C GLY C 237 7.76 18.18 11.34
N ASP C 238 7.62 17.09 12.10
CA ASP C 238 7.80 15.75 11.56
C ASP C 238 6.45 15.10 11.30
N THR C 239 5.43 15.62 11.97
CA THR C 239 4.03 15.30 11.67
C THR C 239 3.18 16.56 11.81
N VAL C 240 2.12 16.66 11.01
CA VAL C 240 1.32 17.87 10.91
C VAL C 240 -0.18 17.57 11.04
N ARG C 241 -0.89 18.44 11.75
CA ARG C 241 -2.34 18.34 11.86
C ARG C 241 -2.99 19.72 11.89
N VAL C 242 -3.88 19.96 10.95
CA VAL C 242 -4.65 21.20 10.89
C VAL C 242 -5.93 21.00 11.71
N SER C 243 -6.18 21.91 12.64
CA SER C 243 -7.33 21.79 13.51
C SER C 243 -8.40 22.83 13.16
N LEU C 244 -9.47 22.36 12.54
CA LEU C 244 -10.61 23.19 12.22
C LEU C 244 -11.83 22.65 12.97
N THR C 245 -12.91 23.41 12.98
CA THR C 245 -14.20 22.86 13.37
C THR C 245 -14.96 22.62 12.06
N ASP C 246 -14.62 21.52 11.41
CA ASP C 246 -15.07 21.22 10.05
C ASP C 246 -14.93 19.73 9.78
N ASP C 247 -15.35 19.30 8.59
CA ASP C 247 -15.09 17.94 8.12
C ASP C 247 -13.59 17.69 8.23
N PRO C 248 -13.20 16.61 8.93
CA PRO C 248 -11.78 16.25 9.08
C PRO C 248 -11.05 16.06 7.74
N VAL C 249 -11.77 15.63 6.71
CA VAL C 249 -11.21 15.49 5.36
C VAL C 249 -10.71 16.85 4.85
N VAL C 250 -11.47 17.91 5.12
CA VAL C 250 -11.08 19.28 4.78
C VAL C 250 -9.78 19.67 5.49
N GLU C 251 -9.61 19.22 6.73
CA GLU C 251 -8.39 19.44 7.51
C GLU C 251 -7.16 18.77 6.86
N VAL C 252 -7.38 17.57 6.32
CA VAL C 252 -6.33 16.82 5.63
C VAL C 252 -5.98 17.51 4.32
N GLU C 253 -7.01 17.98 3.62
CA GLU C 253 -6.84 18.73 2.37
C GLU C 253 -6.08 20.02 2.61
N THR C 254 -6.38 20.69 3.72
CA THR C 254 -5.72 21.93 4.10
C THR C 254 -4.25 21.68 4.43
N ALA C 255 -3.97 20.61 5.16
CA ALA C 255 -2.61 20.24 5.53
C ALA C 255 -1.72 20.00 4.32
N TYR C 256 -2.28 19.32 3.31
CA TYR C 256 -1.55 19.02 2.08
C TYR C 256 -1.27 20.25 1.22
N GLU C 257 -2.17 21.22 1.24
CA GLU C 257 -1.97 22.47 0.51
C GLU C 257 -0.80 23.27 1.08
N ILE C 258 -0.75 23.38 2.41
CA ILE C 258 0.35 24.05 3.10
C ILE C 258 1.69 23.41 2.73
N LEU C 259 1.75 22.07 2.80
CA LEU C 259 2.96 21.34 2.47
C LEU C 259 3.29 21.47 0.98
N LYS C 260 2.25 21.38 0.14
CA LYS C 260 2.39 21.52 -1.30
C LYS C 260 2.97 22.89 -1.69
N SER C 261 2.55 23.94 -0.96
CA SER C 261 3.09 25.30 -1.12
C SER C 261 4.60 25.37 -0.97
N LEU C 262 5.16 24.42 -0.23
CA LEU C 262 6.59 24.41 0.06
C LEU C 262 7.31 23.22 -0.58
N GLY C 263 6.58 22.49 -1.42
CA GLY C 263 7.13 21.33 -2.14
C GLY C 263 7.55 20.19 -1.24
N LEU C 264 6.84 20.00 -0.13
CA LEU C 264 7.23 18.98 0.87
C LEU C 264 6.43 17.68 0.76
N ARG C 265 5.15 17.81 0.41
CA ARG C 265 4.27 16.67 0.13
C ARG C 265 3.29 17.09 -0.96
N ARG C 266 2.65 16.10 -1.60
CA ARG C 266 1.57 16.35 -2.56
C ARG C 266 0.55 15.22 -2.57
N ARG C 267 -0.69 15.57 -2.89
CA ARG C 267 -1.75 14.59 -3.08
C ARG C 267 -2.16 14.55 -4.55
N GLY C 268 -1.79 13.45 -5.21
CA GLY C 268 -2.09 13.28 -6.64
C GLY C 268 -1.12 14.04 -7.52
N VAL C 269 -1.55 14.29 -8.75
CA VAL C 269 -0.71 14.98 -9.72
C VAL C 269 -0.75 16.49 -9.51
N GLU C 270 0.44 17.08 -9.49
CA GLU C 270 0.58 18.53 -9.45
C GLU C 270 1.19 18.97 -10.79
N ILE C 271 0.44 19.76 -11.54
CA ILE C 271 0.92 20.26 -12.82
C ILE C 271 1.33 21.73 -12.67
N VAL C 272 2.64 21.96 -12.67
CA VAL C 272 3.20 23.29 -12.51
C VAL C 272 3.82 23.77 -13.82
N ALA C 273 3.45 24.97 -14.24
CA ALA C 273 4.05 25.64 -15.38
C ALA C 273 5.21 26.52 -14.92
N CYS C 274 6.09 26.87 -15.85
CA CYS C 274 7.21 27.75 -15.56
C CYS C 274 6.75 29.22 -15.48
N PRO C 275 7.57 30.09 -14.86
CA PRO C 275 7.34 31.51 -14.54
C PRO C 275 6.38 32.40 -15.37
N THR C 276 6.64 32.81 -16.62
CA THR C 276 7.70 32.42 -17.55
C THR C 276 8.74 33.54 -17.66
N CYS C 277 9.75 33.36 -18.52
CA CYS C 277 10.77 34.40 -18.77
C CYS C 277 10.90 34.76 -20.26
N GLY C 278 11.92 35.54 -20.60
CA GLY C 278 12.12 35.99 -21.99
C GLY C 278 12.66 34.95 -22.96
N ARG C 279 12.74 33.70 -22.53
CA ARG C 279 13.26 32.61 -23.35
C ARG C 279 12.18 31.77 -24.01
N ILE C 280 10.91 32.10 -23.74
CA ILE C 280 9.77 31.29 -24.19
C ILE C 280 9.87 30.93 -25.66
N GLU C 281 9.48 29.69 -25.97
CA GLU C 281 9.52 29.19 -27.34
C GLU C 281 8.15 28.67 -27.79
N VAL C 282 7.21 28.59 -26.86
CA VAL C 282 5.87 28.04 -27.13
C VAL C 282 4.73 28.86 -26.51
N ASP C 283 3.54 28.64 -27.03
CA ASP C 283 2.30 29.08 -26.38
C ASP C 283 2.09 28.11 -25.22
N LEU C 284 2.47 28.55 -24.02
CA LEU C 284 2.47 27.70 -22.83
C LEU C 284 1.07 27.34 -22.27
N PRO C 285 0.17 28.34 -22.11
CA PRO C 285 -1.17 27.97 -21.63
C PRO C 285 -1.85 26.90 -22.47
N LYS C 286 -1.52 26.83 -23.76
CA LYS C 286 -2.05 25.82 -24.67
C LYS C 286 -1.62 24.40 -24.29
N VAL C 287 -0.31 24.21 -24.14
CA VAL C 287 0.23 22.89 -23.77
C VAL C 287 -0.15 22.51 -22.34
N VAL C 288 -0.14 23.50 -21.43
CA VAL C 288 -0.56 23.30 -20.04
C VAL C 288 -1.99 22.78 -19.94
N LYS C 289 -2.89 23.35 -20.73
CA LYS C 289 -4.28 22.91 -20.77
C LYS C 289 -4.40 21.45 -21.25
N GLU C 290 -3.52 21.05 -22.15
CA GLU C 290 -3.51 19.67 -22.65
C GLU C 290 -2.97 18.69 -21.61
N VAL C 291 -2.09 19.16 -20.73
CA VAL C 291 -1.60 18.36 -19.61
C VAL C 291 -2.73 18.10 -18.62
N GLN C 292 -3.44 19.18 -18.28
CA GLN C 292 -4.56 19.13 -17.34
C GLN C 292 -5.67 18.20 -17.82
N GLU C 293 -5.89 18.16 -19.13
CA GLU C 293 -6.94 17.34 -19.73
C GLU C 293 -6.55 15.87 -19.84
N LYS C 294 -5.32 15.59 -20.25
CA LYS C 294 -4.83 14.22 -20.41
C LYS C 294 -4.46 13.56 -19.07
N LEU C 295 -3.83 14.32 -18.18
CA LEU C 295 -3.35 13.79 -16.90
C LEU C 295 -4.41 13.80 -15.81
N SER C 296 -5.60 14.29 -16.15
CA SER C 296 -6.76 14.23 -15.27
C SER C 296 -7.24 12.79 -15.16
N GLY C 297 -6.84 12.14 -14.07
CA GLY C 297 -7.14 10.72 -13.86
C GLY C 297 -5.94 9.95 -13.35
N VAL C 298 -4.83 10.67 -13.16
CA VAL C 298 -3.59 10.11 -12.62
C VAL C 298 -3.52 10.41 -11.11
N LYS C 299 -3.23 9.39 -10.32
CA LYS C 299 -3.30 9.48 -8.86
C LYS C 299 -1.95 9.54 -8.16
N THR C 300 -0.87 9.23 -8.88
CA THR C 300 0.48 9.21 -8.31
C THR C 300 0.92 10.61 -7.84
N PRO C 301 1.50 10.69 -6.63
CA PRO C 301 2.00 11.97 -6.11
C PRO C 301 3.27 12.44 -6.84
N LEU C 302 3.10 12.95 -8.06
CA LEU C 302 4.23 13.43 -8.85
C LEU C 302 4.11 14.92 -9.18
N LYS C 303 5.25 15.60 -9.16
CA LYS C 303 5.34 16.96 -9.65
C LYS C 303 5.60 16.89 -11.15
N VAL C 304 4.62 17.34 -11.93
CA VAL C 304 4.74 17.36 -13.39
C VAL C 304 5.01 18.77 -13.86
N ALA C 305 6.18 18.98 -14.45
CA ALA C 305 6.58 20.30 -14.94
C ALA C 305 6.30 20.49 -16.42
N VAL C 306 5.71 21.63 -16.76
CA VAL C 306 5.49 22.01 -18.16
C VAL C 306 6.26 23.29 -18.42
N MET C 307 7.30 23.20 -19.26
CA MET C 307 8.26 24.28 -19.39
C MET C 307 8.20 24.98 -20.76
N GLY C 308 8.39 26.30 -20.74
CA GLY C 308 8.26 27.14 -21.92
C GLY C 308 9.38 27.05 -22.94
N CYS C 309 10.57 26.68 -22.49
CA CYS C 309 11.70 26.45 -23.40
C CYS C 309 12.26 25.04 -23.19
N VAL C 310 13.34 24.71 -23.89
CA VAL C 310 13.91 23.36 -23.84
C VAL C 310 15.18 23.30 -23.01
N VAL C 311 16.20 24.00 -23.49
CA VAL C 311 17.57 23.80 -23.04
C VAL C 311 17.83 24.22 -21.60
N ASN C 312 17.41 25.43 -21.23
CA ASN C 312 17.58 25.93 -19.86
C ASN C 312 16.55 25.36 -18.89
N ALA C 313 15.41 24.93 -19.44
CA ALA C 313 14.29 24.41 -18.65
C ALA C 313 14.61 23.14 -17.86
N ILE C 314 15.47 22.31 -18.43
CA ILE C 314 15.84 21.03 -17.83
C ILE C 314 16.58 21.21 -16.51
N GLY C 315 17.50 22.19 -16.47
CA GLY C 315 18.19 22.55 -15.24
C GLY C 315 17.25 23.22 -14.25
N GLU C 316 16.30 24.00 -14.78
CA GLU C 316 15.33 24.73 -13.95
C GLU C 316 14.39 23.81 -13.20
N ALA C 317 13.97 22.72 -13.83
CA ALA C 317 13.04 21.76 -13.23
C ALA C 317 13.76 20.54 -12.64
N ARG C 318 14.88 20.80 -11.97
CA ARG C 318 15.66 19.78 -11.26
C ARG C 318 14.78 18.92 -10.35
N GLU C 319 13.99 19.59 -9.51
CA GLU C 319 13.25 18.94 -8.42
C GLU C 319 12.01 18.18 -8.87
N ALA C 320 11.49 18.54 -10.05
CA ALA C 320 10.31 17.89 -10.61
C ALA C 320 10.59 16.42 -10.93
N ASP C 321 9.56 15.59 -10.73
CA ASP C 321 9.65 14.15 -10.99
C ASP C 321 9.76 13.87 -12.49
N ILE C 322 8.84 14.45 -13.25
CA ILE C 322 8.77 14.27 -14.70
C ILE C 322 8.29 15.57 -15.35
N GLY C 323 8.54 15.73 -16.64
CA GLY C 323 8.04 16.89 -17.37
C GLY C 323 8.36 16.99 -18.84
N LEU C 324 7.89 18.08 -19.44
CA LEU C 324 8.16 18.38 -20.84
C LEU C 324 8.77 19.76 -20.95
N ALA C 325 9.96 19.82 -21.54
CA ALA C 325 10.60 21.08 -21.91
C ALA C 325 10.25 21.32 -23.37
N CYS C 326 9.50 22.39 -23.62
CA CYS C 326 8.84 22.58 -24.92
C CYS C 326 9.53 23.54 -25.87
N GLY C 327 9.79 23.05 -27.08
CA GLY C 327 10.30 23.86 -28.18
C GLY C 327 9.23 24.08 -29.24
N ARG C 328 9.61 24.68 -30.36
CA ARG C 328 8.67 25.08 -31.40
C ARG C 328 7.62 24.00 -31.75
N GLY C 329 8.04 22.94 -32.41
CA GLY C 329 7.13 21.86 -32.80
C GLY C 329 7.38 20.55 -32.08
N PHE C 330 8.03 20.63 -30.91
CA PHE C 330 8.48 19.45 -30.18
C PHE C 330 8.64 19.73 -28.68
N ALA C 331 8.90 18.66 -27.92
CA ALA C 331 9.27 18.78 -26.52
C ALA C 331 10.24 17.66 -26.12
N TRP C 332 11.08 17.95 -25.14
CA TRP C 332 11.93 16.93 -24.56
C TRP C 332 11.32 16.43 -23.26
N LEU C 333 11.04 15.13 -23.22
CA LEU C 333 10.54 14.47 -22.02
C LEU C 333 11.71 14.26 -21.05
N PHE C 334 11.57 14.76 -19.83
CA PHE C 334 12.63 14.63 -18.83
C PHE C 334 12.16 14.04 -17.50
N LYS C 335 13.07 13.35 -16.84
CA LYS C 335 12.80 12.64 -15.59
C LYS C 335 13.86 13.03 -14.58
N HIS C 336 13.44 13.54 -13.43
CA HIS C 336 14.35 13.97 -12.36
C HIS C 336 15.54 14.80 -12.88
N GLY C 337 15.24 15.78 -13.73
CA GLY C 337 16.25 16.71 -14.22
C GLY C 337 17.23 16.20 -15.27
N LYS C 338 16.86 15.12 -15.97
CA LYS C 338 17.64 14.64 -17.10
C LYS C 338 16.80 14.23 -18.32
N PRO C 339 17.17 14.70 -19.52
CA PRO C 339 16.46 14.42 -20.77
C PRO C 339 16.45 12.95 -21.18
N ILE C 340 15.35 12.51 -21.78
CA ILE C 340 15.17 11.13 -22.23
C ILE C 340 15.11 11.05 -23.76
N LYS C 341 14.15 11.74 -24.36
CA LYS C 341 13.96 11.70 -25.81
C LYS C 341 13.16 12.87 -26.37
N LYS C 342 13.44 13.22 -27.62
CA LYS C 342 12.66 14.21 -28.35
C LYS C 342 11.29 13.62 -28.74
N VAL C 343 10.23 14.36 -28.47
CA VAL C 343 8.87 13.93 -28.81
C VAL C 343 8.14 15.05 -29.57
N ASP C 344 7.48 14.68 -30.66
CA ASP C 344 6.69 15.61 -31.47
C ASP C 344 5.55 16.25 -30.65
N GLU C 345 4.97 17.33 -31.18
CA GLU C 345 3.90 18.06 -30.47
C GLU C 345 2.73 17.19 -29.95
N SER C 346 2.74 15.91 -30.31
CA SER C 346 1.93 14.90 -29.62
C SER C 346 2.77 14.29 -28.48
N GLU C 347 3.16 15.16 -27.56
CA GLU C 347 4.12 14.89 -26.50
C GLU C 347 3.47 14.50 -25.18
N MET C 348 2.21 14.92 -25.02
CA MET C 348 1.45 14.70 -23.80
C MET C 348 1.06 13.24 -23.64
N VAL C 349 0.72 12.60 -24.76
CA VAL C 349 0.34 11.20 -24.77
C VAL C 349 1.51 10.33 -24.33
N ASP C 350 2.72 10.69 -24.79
CA ASP C 350 3.91 9.93 -24.47
C ASP C 350 4.40 10.21 -23.04
N GLU C 351 4.06 11.38 -22.51
CA GLU C 351 4.39 11.74 -21.14
C GLU C 351 3.53 10.95 -20.14
N LEU C 352 2.23 10.89 -20.42
CA LEU C 352 1.30 10.07 -19.64
C LEU C 352 1.74 8.60 -19.65
N LEU C 353 2.22 8.16 -20.82
CA LEU C 353 2.73 6.80 -21.00
C LEU C 353 3.89 6.48 -20.06
N LYS C 354 4.83 7.41 -19.92
CA LYS C 354 5.96 7.23 -19.01
C LYS C 354 5.54 7.29 -17.55
N GLU C 355 4.46 8.01 -17.28
CA GLU C 355 3.86 8.05 -15.94
C GLU C 355 3.13 6.76 -15.62
N ILE C 356 2.41 6.21 -16.61
CA ILE C 356 1.77 4.90 -16.46
C ILE C 356 2.83 3.81 -16.26
N GLN C 357 3.99 4.00 -16.89
CA GLN C 357 5.13 3.11 -16.69
C GLN C 357 5.84 3.32 -15.36
N ASN C 358 5.70 4.53 -14.80
CA ASN C 358 6.26 4.85 -13.48
C ASN C 358 5.60 4.08 -12.34
N MET C 359 4.38 3.60 -12.58
CA MET C 359 3.61 2.86 -11.58
C MET C 359 3.87 1.35 -11.68
N GLU C 360 5.13 0.96 -11.48
CA GLU C 360 5.54 -0.45 -11.51
C GLU C 360 6.80 -0.66 -10.68
N ILE D 11 8.35 39.83 16.68
CA ILE D 11 8.86 39.91 15.28
C ILE D 11 10.00 40.93 15.15
N GLN D 12 11.10 40.48 14.56
CA GLN D 12 12.32 41.26 14.37
C GLN D 12 12.21 42.04 13.06
N LYS D 13 11.59 43.22 13.12
CA LYS D 13 11.26 43.98 11.92
C LYS D 13 12.49 44.57 11.21
N ARG D 14 12.48 44.45 9.88
CA ARG D 14 13.55 44.92 9.01
C ARG D 14 13.56 46.45 8.99
N LYS D 15 14.73 47.05 9.21
CA LYS D 15 14.87 48.51 9.23
C LYS D 15 14.68 49.08 7.83
N THR D 16 13.76 50.04 7.72
CA THR D 16 13.34 50.55 6.41
C THR D 16 13.35 52.08 6.34
N ARG D 17 13.79 52.59 5.19
CA ARG D 17 13.67 53.99 4.82
C ARG D 17 12.20 54.30 4.51
N GLN D 18 11.65 55.35 5.12
CA GLN D 18 10.24 55.68 4.96
C GLN D 18 9.96 56.47 3.67
N ILE D 19 8.95 56.03 2.94
CA ILE D 19 8.50 56.70 1.72
C ILE D 19 7.05 57.17 1.87
N ARG D 20 6.61 57.98 0.91
CA ARG D 20 5.25 58.53 0.92
C ARG D 20 4.51 58.29 -0.39
N VAL D 21 3.27 57.81 -0.27
CA VAL D 21 2.35 57.72 -1.41
C VAL D 21 1.12 58.55 -1.06
N GLY D 22 1.21 59.86 -1.32
CA GLY D 22 0.15 60.79 -0.96
C GLY D 22 0.02 60.94 0.55
N ASN D 23 -1.19 60.69 1.05
CA ASN D 23 -1.48 60.81 2.48
C ASN D 23 -1.04 59.62 3.32
N VAL D 24 -1.03 58.42 2.71
CA VAL D 24 -0.63 57.19 3.38
C VAL D 24 0.88 56.95 3.27
N LYS D 25 1.51 56.66 4.41
CA LYS D 25 2.96 56.47 4.50
C LYS D 25 3.34 54.99 4.66
N ILE D 26 4.42 54.60 3.99
CA ILE D 26 4.88 53.21 3.99
C ILE D 26 6.34 53.10 4.45
N GLY D 27 6.60 52.18 5.39
CA GLY D 27 7.95 51.85 5.81
C GLY D 27 8.43 52.49 7.10
N GLY D 28 9.55 51.99 7.61
CA GLY D 28 10.19 52.51 8.82
C GLY D 28 9.32 52.55 10.06
N ASP D 29 8.88 53.75 10.40
CA ASP D 29 8.02 54.00 11.56
C ASP D 29 6.61 53.45 11.33
N ALA D 30 6.15 53.55 10.08
CA ALA D 30 4.76 53.24 9.70
C ALA D 30 4.39 51.77 9.84
N PRO D 31 3.11 51.48 10.14
CA PRO D 31 2.59 50.11 10.11
C PRO D 31 2.56 49.55 8.69
N ILE D 32 2.48 48.23 8.58
CA ILE D 32 2.39 47.56 7.29
C ILE D 32 1.07 47.91 6.60
N VAL D 33 1.16 48.37 5.36
CA VAL D 33 0.00 48.90 4.62
C VAL D 33 -0.69 47.82 3.76
N VAL D 34 -2.02 47.82 3.80
CA VAL D 34 -2.82 46.87 3.04
C VAL D 34 -3.24 47.46 1.70
N GLN D 35 -2.93 46.74 0.62
CA GLN D 35 -3.25 47.18 -0.73
C GLN D 35 -4.21 46.22 -1.44
N SER D 36 -4.81 46.70 -2.52
CA SER D 36 -5.63 45.88 -3.40
C SER D 36 -5.64 46.47 -4.82
N MET D 37 -6.28 45.78 -5.75
CA MET D 37 -6.45 46.28 -7.12
C MET D 37 -7.89 46.06 -7.58
N THR D 38 -8.51 47.13 -8.09
CA THR D 38 -9.88 47.09 -8.58
C THR D 38 -10.02 46.24 -9.84
N SER D 39 -10.95 45.29 -9.81
CA SER D 39 -11.13 44.33 -10.90
C SER D 39 -12.02 44.86 -12.02
N THR D 40 -12.68 45.99 -11.76
CA THR D 40 -13.54 46.64 -12.75
C THR D 40 -12.72 47.39 -13.79
N LYS D 41 -13.32 47.62 -14.95
CA LYS D 41 -12.71 48.42 -16.02
C LYS D 41 -12.63 49.88 -15.59
N THR D 42 -11.46 50.49 -15.76
CA THR D 42 -11.18 51.83 -15.26
C THR D 42 -12.05 52.91 -15.91
N HIS D 43 -12.30 52.78 -17.22
CA HIS D 43 -13.12 53.73 -17.96
C HIS D 43 -14.55 53.84 -17.44
N ASP D 44 -15.03 52.76 -16.82
CA ASP D 44 -16.32 52.75 -16.15
C ASP D 44 -16.19 53.48 -14.81
N VAL D 45 -16.52 54.78 -14.82
CA VAL D 45 -16.30 55.65 -13.66
C VAL D 45 -17.15 55.26 -12.44
N GLU D 46 -18.43 55.00 -12.67
CA GLU D 46 -19.38 54.73 -11.60
C GLU D 46 -19.13 53.40 -10.88
N ALA D 47 -18.82 52.36 -11.65
CA ALA D 47 -18.58 51.02 -11.11
C ALA D 47 -17.26 50.91 -10.34
N THR D 48 -16.24 51.62 -10.82
CA THR D 48 -14.92 51.60 -10.21
C THR D 48 -14.92 52.25 -8.83
N LEU D 49 -15.51 53.44 -8.74
CA LEU D 49 -15.60 54.17 -7.46
C LEU D 49 -16.49 53.45 -6.44
N ASN D 50 -17.47 52.69 -6.93
CA ASN D 50 -18.32 51.86 -6.08
C ASN D 50 -17.53 50.77 -5.36
N GLN D 51 -16.63 50.12 -6.11
CA GLN D 51 -15.76 49.09 -5.55
C GLN D 51 -14.66 49.71 -4.68
N ILE D 52 -14.24 50.92 -5.03
CA ILE D 52 -13.25 51.68 -4.25
C ILE D 52 -13.78 52.04 -2.86
N LYS D 53 -15.03 52.49 -2.81
CA LYS D 53 -15.69 52.81 -1.54
C LYS D 53 -15.92 51.54 -0.73
N ARG D 54 -16.18 50.42 -1.42
CA ARG D 54 -16.30 49.10 -0.80
C ARG D 54 -14.97 48.63 -0.23
N LEU D 55 -13.88 48.96 -0.91
CA LEU D 55 -12.53 48.60 -0.47
C LEU D 55 -12.10 49.42 0.75
N TYR D 56 -12.36 50.73 0.72
CA TYR D 56 -12.01 51.63 1.81
C TYR D 56 -12.70 51.25 3.12
N GLU D 57 -13.98 50.88 3.02
CA GLU D 57 -14.77 50.49 4.20
C GLU D 57 -14.40 49.09 4.71
N ALA D 58 -13.81 48.28 3.83
CA ALA D 58 -13.32 46.96 4.19
C ALA D 58 -12.00 47.04 4.96
N GLY D 59 -11.15 47.99 4.57
CA GLY D 59 -9.88 48.22 5.24
C GLY D 59 -8.72 48.61 4.34
N CYS D 60 -8.96 48.56 3.03
CA CYS D 60 -7.94 48.89 2.03
C CYS D 60 -7.46 50.33 2.20
N GLU D 61 -6.15 50.51 2.08
CA GLU D 61 -5.54 51.81 2.32
C GLU D 61 -5.03 52.45 1.03
N ILE D 62 -4.51 51.63 0.12
CA ILE D 62 -4.05 52.08 -1.19
C ILE D 62 -4.58 51.14 -2.28
N VAL D 63 -5.05 51.70 -3.38
CA VAL D 63 -5.63 50.91 -4.46
C VAL D 63 -4.88 51.07 -5.79
N ARG D 64 -4.61 49.93 -6.42
CA ARG D 64 -4.00 49.89 -7.75
C ARG D 64 -5.08 49.95 -8.84
N VAL D 65 -4.79 50.71 -9.89
CA VAL D 65 -5.73 50.91 -10.99
C VAL D 65 -5.06 50.56 -12.32
N ALA D 66 -5.69 49.67 -13.08
CA ALA D 66 -5.17 49.25 -14.38
C ALA D 66 -5.42 50.31 -15.44
N VAL D 67 -4.37 50.67 -16.17
CA VAL D 67 -4.46 51.66 -17.25
C VAL D 67 -3.97 51.07 -18.58
N PRO D 68 -4.83 50.29 -19.27
CA PRO D 68 -4.43 49.72 -20.56
C PRO D 68 -4.55 50.70 -21.74
N HIS D 69 -5.78 51.07 -22.11
CA HIS D 69 -6.03 51.91 -23.28
C HIS D 69 -6.03 53.40 -22.94
N LYS D 70 -6.07 54.22 -23.98
CA LYS D 70 -6.11 55.68 -23.86
C LYS D 70 -7.40 56.16 -23.18
N GLU D 71 -8.49 55.42 -23.41
CA GLU D 71 -9.82 55.75 -22.86
C GLU D 71 -9.88 55.68 -21.34
N ASP D 72 -8.98 54.91 -20.75
CA ASP D 72 -8.90 54.75 -19.30
C ASP D 72 -8.28 55.98 -18.62
N VAL D 73 -7.31 56.60 -19.31
CA VAL D 73 -6.56 57.75 -18.79
C VAL D 73 -7.48 58.94 -18.48
N GLU D 74 -8.50 59.13 -19.28
CA GLU D 74 -9.45 60.24 -19.12
C GLU D 74 -10.27 60.09 -17.83
N ALA D 75 -10.44 58.85 -17.37
CA ALA D 75 -11.20 58.57 -16.15
C ALA D 75 -10.39 58.79 -14.88
N LEU D 76 -9.06 58.85 -15.02
CA LEU D 76 -8.15 58.98 -13.87
C LEU D 76 -8.35 60.23 -13.02
N GLU D 77 -8.67 61.36 -13.67
CA GLU D 77 -8.85 62.64 -12.96
C GLU D 77 -10.05 62.62 -12.02
N GLU D 78 -11.16 62.04 -12.48
CA GLU D 78 -12.39 61.92 -11.69
C GLU D 78 -12.18 61.06 -10.45
N ILE D 79 -11.42 59.97 -10.60
CA ILE D 79 -11.16 59.02 -9.53
C ILE D 79 -10.25 59.62 -8.44
N VAL D 80 -9.17 60.28 -8.87
CA VAL D 80 -8.21 60.90 -7.95
C VAL D 80 -8.89 61.93 -7.01
N LYS D 81 -9.89 62.63 -7.54
CA LYS D 81 -10.62 63.64 -6.77
C LYS D 81 -11.55 63.01 -5.73
N LYS D 82 -12.28 61.96 -6.12
CA LYS D 82 -13.33 61.38 -5.27
C LYS D 82 -12.89 60.15 -4.44
N SER D 83 -11.68 59.66 -4.69
CA SER D 83 -11.17 58.50 -3.96
C SER D 83 -10.68 58.84 -2.56
N PRO D 84 -11.13 58.07 -1.55
CA PRO D 84 -10.62 58.23 -0.18
C PRO D 84 -9.21 57.67 -0.02
N MET D 85 -8.82 56.79 -0.93
CA MET D 85 -7.50 56.16 -0.92
C MET D 85 -6.57 56.79 -1.96
N PRO D 86 -5.25 56.76 -1.70
CA PRO D 86 -4.28 57.06 -2.75
C PRO D 86 -4.40 56.09 -3.92
N VAL D 87 -4.15 56.57 -5.13
CA VAL D 87 -4.33 55.77 -6.34
C VAL D 87 -2.98 55.47 -6.99
N ILE D 88 -2.74 54.19 -7.26
CA ILE D 88 -1.55 53.76 -8.03
C ILE D 88 -1.98 53.33 -9.43
N ALA D 89 -1.28 53.83 -10.44
CA ALA D 89 -1.56 53.47 -11.83
C ALA D 89 -0.63 52.37 -12.33
N ASP D 90 -1.22 51.24 -12.73
CA ASP D 90 -0.46 50.11 -13.25
C ASP D 90 -0.06 50.36 -14.70
N ILE D 91 1.22 50.14 -14.99
CA ILE D 91 1.77 50.32 -16.34
C ILE D 91 2.22 48.97 -16.89
N HIS D 92 1.48 48.46 -17.87
CA HIS D 92 1.66 47.10 -18.36
C HIS D 92 2.20 47.03 -19.80
N PHE D 93 1.59 47.80 -20.71
CA PHE D 93 1.80 47.60 -22.14
C PHE D 93 2.49 48.76 -22.88
N ALA D 94 2.70 49.88 -22.19
CA ALA D 94 3.40 51.03 -22.78
C ALA D 94 3.85 52.05 -21.72
N PRO D 95 5.13 52.44 -21.77
CA PRO D 95 5.73 53.35 -20.77
C PRO D 95 5.25 54.80 -20.89
N SER D 96 4.69 55.17 -22.03
CA SER D 96 4.17 56.52 -22.24
C SER D 96 2.92 56.80 -21.41
N TYR D 97 2.22 55.73 -21.04
CA TYR D 97 1.03 55.81 -20.19
C TYR D 97 1.36 56.21 -18.75
N ALA D 98 2.62 56.07 -18.36
CA ALA D 98 3.09 56.53 -17.05
C ALA D 98 3.09 58.05 -16.98
N PHE D 99 3.51 58.70 -18.08
CA PHE D 99 3.53 60.15 -18.18
C PHE D 99 2.13 60.75 -18.12
N LEU D 100 1.20 60.14 -18.85
CA LEU D 100 -0.18 60.60 -18.91
C LEU D 100 -0.94 60.33 -17.61
N SER D 101 -0.51 59.31 -16.87
CA SER D 101 -1.09 58.98 -15.56
C SER D 101 -0.65 59.97 -14.50
N MET D 102 0.65 60.29 -14.49
CA MET D 102 1.20 61.30 -13.58
C MET D 102 0.69 62.69 -13.92
N GLU D 103 0.36 62.90 -15.19
CA GLU D 103 -0.20 64.17 -15.68
C GLU D 103 -1.62 64.39 -15.13
N LYS D 104 -2.32 63.29 -14.86
CA LYS D 104 -3.66 63.34 -14.27
C LYS D 104 -3.63 63.48 -12.74
N GLY D 105 -2.43 63.65 -12.18
CA GLY D 105 -2.24 63.89 -10.75
C GLY D 105 -2.40 62.64 -9.90
N VAL D 106 -1.94 61.51 -10.43
CA VAL D 106 -2.00 60.23 -9.72
C VAL D 106 -1.01 60.22 -8.54
N HIS D 107 -1.39 59.51 -7.47
CA HIS D 107 -0.58 59.45 -6.26
C HIS D 107 0.63 58.54 -6.42
N GLY D 108 0.49 57.52 -7.26
CA GLY D 108 1.56 56.55 -7.50
C GLY D 108 1.45 55.82 -8.82
N ILE D 109 2.57 55.24 -9.26
CA ILE D 109 2.60 54.36 -10.42
C ILE D 109 3.47 53.13 -10.14
N ARG D 110 3.24 52.06 -10.90
CA ARG D 110 4.13 50.90 -10.85
C ARG D 110 4.57 50.49 -12.26
N ILE D 111 5.87 50.31 -12.43
CA ILE D 111 6.45 49.97 -13.72
C ILE D 111 7.37 48.75 -13.62
N ASN D 112 7.53 48.05 -14.74
CA ASN D 112 8.53 46.99 -14.85
C ASN D 112 9.66 47.45 -15.77
N PRO D 113 10.69 48.11 -15.20
CA PRO D 113 11.74 48.76 -16.01
C PRO D 113 12.59 47.80 -16.82
N GLY D 114 12.50 46.51 -16.52
CA GLY D 114 13.28 45.48 -17.20
C GLY D 114 12.92 45.25 -18.66
N ASN D 115 11.62 45.27 -18.96
CA ASN D 115 11.15 45.03 -20.32
C ASN D 115 10.49 46.25 -20.98
N ILE D 116 11.00 47.44 -20.67
CA ILE D 116 10.52 48.68 -21.27
C ILE D 116 11.12 48.88 -22.67
N GLY D 117 12.44 48.79 -22.76
CA GLY D 117 13.15 49.02 -24.02
C GLY D 117 14.52 49.61 -23.72
N LYS D 118 14.71 50.89 -24.04
CA LYS D 118 15.94 51.59 -23.65
C LYS D 118 15.82 52.25 -22.29
N GLU D 119 16.92 52.28 -21.56
CA GLU D 119 16.98 52.76 -20.17
C GLU D 119 16.64 54.24 -20.03
N GLU D 120 16.85 55.02 -21.09
CA GLU D 120 16.62 56.47 -21.07
C GLU D 120 15.18 56.87 -20.73
N ILE D 121 14.21 56.07 -21.17
CA ILE D 121 12.79 56.33 -20.87
C ILE D 121 12.52 56.19 -19.37
N VAL D 122 13.13 55.18 -18.74
CA VAL D 122 12.96 54.92 -17.31
C VAL D 122 13.37 56.12 -16.45
N ARG D 123 14.54 56.69 -16.75
CA ARG D 123 15.05 57.87 -16.02
C ARG D 123 14.11 59.06 -16.14
N GLU D 124 13.56 59.27 -17.34
CA GLU D 124 12.61 60.35 -17.60
C GLU D 124 11.34 60.20 -16.76
N ILE D 125 10.89 58.95 -16.58
CA ILE D 125 9.74 58.65 -15.74
C ILE D 125 10.08 58.93 -14.27
N VAL D 126 11.31 58.58 -13.87
CA VAL D 126 11.79 58.77 -12.51
C VAL D 126 11.89 60.25 -12.14
N GLU D 127 12.51 61.04 -13.02
CA GLU D 127 12.70 62.46 -12.78
C GLU D 127 11.40 63.27 -12.84
N GLU D 128 10.45 62.80 -13.64
CA GLU D 128 9.11 63.41 -13.69
C GLU D 128 8.32 63.09 -12.42
N ALA D 129 8.57 61.90 -11.86
CA ALA D 129 7.90 61.45 -10.65
C ALA D 129 8.39 62.19 -9.40
N LYS D 130 9.68 62.52 -9.38
CA LYS D 130 10.28 63.25 -8.28
C LYS D 130 9.76 64.69 -8.23
N ARG D 131 9.46 65.24 -9.42
CA ARG D 131 8.97 66.61 -9.57
C ARG D 131 7.53 66.76 -9.06
N ARG D 132 6.70 65.77 -9.34
CA ARG D 132 5.27 65.81 -9.02
C ARG D 132 4.97 65.37 -7.59
N GLY D 133 5.85 64.54 -7.02
CA GLY D 133 5.65 63.97 -5.69
C GLY D 133 4.86 62.68 -5.74
N VAL D 134 5.17 61.84 -6.73
CA VAL D 134 4.47 60.58 -6.97
C VAL D 134 5.43 59.39 -6.85
N ALA D 135 5.03 58.40 -6.06
CA ALA D 135 5.86 57.23 -5.79
C ALA D 135 5.84 56.21 -6.92
N VAL D 136 7.01 55.62 -7.19
CA VAL D 136 7.16 54.59 -8.22
C VAL D 136 7.49 53.25 -7.59
N ARG D 137 6.80 52.20 -8.02
CA ARG D 137 7.13 50.85 -7.60
C ARG D 137 7.90 50.12 -8.70
N ILE D 138 9.11 49.67 -8.37
CA ILE D 138 9.87 48.81 -9.27
C ILE D 138 9.34 47.38 -9.13
N GLY D 139 8.64 46.92 -10.16
CA GLY D 139 8.12 45.57 -10.19
C GLY D 139 9.03 44.68 -11.00
N VAL D 140 9.84 43.87 -10.31
CA VAL D 140 10.69 42.90 -10.99
C VAL D 140 10.03 41.54 -11.06
N ASN D 141 10.08 40.95 -12.24
CA ASN D 141 9.33 39.75 -12.56
C ASN D 141 10.23 38.73 -13.26
N SER D 142 9.72 37.52 -13.43
CA SER D 142 10.40 36.52 -14.23
C SER D 142 10.38 36.92 -15.70
N GLY D 143 9.25 37.45 -16.14
CA GLY D 143 9.07 37.93 -17.51
C GLY D 143 9.72 39.27 -17.80
N SER D 144 10.22 39.93 -16.75
CA SER D 144 10.92 41.21 -16.90
C SER D 144 12.42 41.10 -16.61
N LEU D 145 12.91 39.87 -16.51
CA LEU D 145 14.34 39.62 -16.28
C LEU D 145 15.12 39.93 -17.56
N GLU D 146 16.16 40.75 -17.41
CA GLU D 146 16.97 41.22 -18.53
C GLU D 146 17.73 40.09 -19.20
N LYS D 147 18.00 40.24 -20.49
CA LYS D 147 18.84 39.31 -21.25
C LYS D 147 20.20 39.17 -20.56
N ASP D 148 20.72 40.31 -20.11
CA ASP D 148 21.91 40.41 -19.27
C ASP D 148 21.99 39.26 -18.24
N LEU D 149 21.07 39.28 -17.28
CA LEU D 149 21.08 38.33 -16.17
C LEU D 149 20.56 36.94 -16.54
N LEU D 150 19.72 36.89 -17.57
CA LEU D 150 19.12 35.65 -18.03
C LEU D 150 20.15 34.70 -18.63
N GLU D 151 21.21 35.27 -19.20
CA GLU D 151 22.31 34.48 -19.74
C GLU D 151 23.33 34.12 -18.66
N LYS D 152 23.41 34.95 -17.63
CA LYS D 152 24.28 34.71 -16.49
C LYS D 152 23.76 33.55 -15.63
N TYR D 153 22.45 33.52 -15.42
CA TYR D 153 21.82 32.55 -14.53
C TYR D 153 21.14 31.38 -15.25
N GLY D 154 20.87 31.55 -16.55
CA GLY D 154 20.22 30.50 -17.34
C GLY D 154 18.71 30.60 -17.29
N TYR D 155 18.17 30.52 -16.08
CA TYR D 155 16.73 30.64 -15.84
C TYR D 155 16.46 31.71 -14.77
N PRO D 156 15.21 32.23 -14.72
CA PRO D 156 14.89 33.29 -13.78
C PRO D 156 14.86 32.82 -12.32
N SER D 157 16.03 32.59 -11.75
CA SER D 157 16.16 32.11 -10.37
C SER D 157 15.90 33.21 -9.33
N ALA D 158 15.84 32.81 -8.06
CA ALA D 158 15.63 33.74 -6.95
C ALA D 158 16.73 34.79 -6.89
N GLU D 159 17.99 34.34 -7.03
CA GLU D 159 19.13 35.26 -7.05
C GLU D 159 19.15 36.15 -8.30
N ALA D 160 18.65 35.61 -9.41
CA ALA D 160 18.56 36.34 -10.67
C ALA D 160 17.56 37.51 -10.58
N LEU D 161 16.40 37.23 -10.00
CA LEU D 161 15.38 38.25 -9.77
C LEU D 161 15.81 39.25 -8.71
N ALA D 162 16.51 38.76 -7.68
CA ALA D 162 17.04 39.60 -6.61
C ALA D 162 18.06 40.62 -7.16
N GLU D 163 19.00 40.15 -7.97
CA GLU D 163 20.02 41.01 -8.55
C GLU D 163 19.42 42.04 -9.51
N SER D 164 18.35 41.65 -10.20
CA SER D 164 17.63 42.56 -11.10
C SER D 164 17.02 43.71 -10.31
N ALA D 165 16.40 43.39 -9.16
CA ALA D 165 15.84 44.40 -8.27
C ALA D 165 16.96 45.24 -7.66
N LEU D 166 18.08 44.59 -7.35
CA LEU D 166 19.25 45.24 -6.76
C LEU D 166 19.91 46.21 -7.74
N ARG D 167 19.94 45.82 -9.02
CA ARG D 167 20.57 46.62 -10.06
C ARG D 167 19.72 47.84 -10.40
N TRP D 168 18.40 47.70 -10.32
CA TRP D 168 17.49 48.81 -10.56
C TRP D 168 17.42 49.79 -9.38
N SER D 169 17.56 49.26 -8.17
CA SER D 169 17.52 50.07 -6.95
C SER D 169 18.61 51.14 -6.93
N GLU D 170 19.85 50.71 -7.19
CA GLU D 170 21.00 51.63 -7.15
C GLU D 170 21.03 52.62 -8.31
N LYS D 171 20.42 52.24 -9.44
CA LYS D 171 20.28 53.12 -10.60
C LYS D 171 19.31 54.25 -10.30
N PHE D 172 18.23 53.94 -9.57
CA PHE D 172 17.28 54.94 -9.11
C PHE D 172 17.94 55.92 -8.15
N GLU D 173 18.82 55.40 -7.30
CA GLU D 173 19.57 56.22 -6.34
C GLU D 173 20.71 57.00 -7.01
N LYS D 174 21.23 56.45 -8.10
CA LYS D 174 22.24 57.13 -8.92
C LYS D 174 21.62 58.33 -9.63
N TRP D 175 20.34 58.21 -9.98
CA TRP D 175 19.58 59.31 -10.60
C TRP D 175 19.02 60.27 -9.54
N GLY D 176 19.30 59.97 -8.27
CA GLY D 176 18.85 60.81 -7.16
C GLY D 176 17.36 60.72 -6.89
N PHE D 177 16.91 59.54 -6.47
CA PHE D 177 15.50 59.29 -6.18
C PHE D 177 15.34 58.40 -4.96
N THR D 178 14.54 58.85 -3.99
CA THR D 178 14.37 58.16 -2.71
C THR D 178 12.98 57.51 -2.62
N ASN D 179 12.00 58.17 -3.22
CA ASN D 179 10.59 57.80 -3.07
C ASN D 179 10.17 56.59 -3.93
N TYR D 180 10.80 55.46 -3.69
CA TYR D 180 10.49 54.24 -4.45
C TYR D 180 10.47 52.97 -3.59
N LYS D 181 9.55 52.08 -3.92
CA LYS D 181 9.48 50.74 -3.33
C LYS D 181 9.63 49.69 -4.44
N VAL D 182 10.12 48.51 -4.09
CA VAL D 182 10.21 47.43 -5.08
C VAL D 182 9.37 46.21 -4.67
N SER D 183 9.05 45.38 -5.65
CA SER D 183 8.36 44.11 -5.42
C SER D 183 8.97 43.02 -6.29
N ILE D 184 9.38 41.93 -5.65
CA ILE D 184 9.90 40.77 -6.36
C ILE D 184 8.90 39.63 -6.26
N LYS D 185 8.35 39.21 -7.39
CA LYS D 185 7.36 38.13 -7.42
C LYS D 185 7.94 36.85 -8.03
N GLY D 186 8.40 35.97 -7.14
CA GLY D 186 8.91 34.65 -7.53
C GLY D 186 7.79 33.68 -7.84
N SER D 187 8.17 32.54 -8.43
CA SER D 187 7.21 31.53 -8.91
C SER D 187 6.42 30.93 -7.75
N ASP D 188 7.07 30.04 -7.00
CA ASP D 188 6.49 29.42 -5.83
C ASP D 188 6.82 30.20 -4.56
N VAL D 189 6.20 29.80 -3.45
CA VAL D 189 6.39 30.46 -2.15
C VAL D 189 7.88 30.60 -1.79
N LEU D 190 8.60 29.49 -1.88
CA LEU D 190 10.02 29.44 -1.52
C LEU D 190 10.91 30.34 -2.36
N GLN D 191 10.70 30.36 -3.68
CA GLN D 191 11.47 31.23 -4.56
C GLN D 191 11.18 32.69 -4.26
N ASN D 192 9.91 32.99 -4.00
CA ASN D 192 9.45 34.32 -3.64
C ASN D 192 10.14 34.82 -2.37
N VAL D 193 10.16 33.96 -1.34
CA VAL D 193 10.77 34.29 -0.06
C VAL D 193 12.27 34.61 -0.19
N ARG D 194 13.02 33.71 -0.81
CA ARG D 194 14.47 33.84 -0.94
C ARG D 194 14.91 35.05 -1.75
N ALA D 195 14.23 35.30 -2.87
CA ALA D 195 14.51 36.46 -3.70
C ALA D 195 14.34 37.75 -2.90
N ASN D 196 13.22 37.85 -2.19
CA ASN D 196 12.92 38.99 -1.32
C ASN D 196 13.88 39.11 -0.14
N LEU D 197 14.33 37.96 0.37
CA LEU D 197 15.25 37.91 1.51
C LEU D 197 16.67 38.39 1.13
N ILE D 198 17.11 38.06 -0.08
CA ILE D 198 18.42 38.49 -0.59
C ILE D 198 18.45 40.01 -0.78
N PHE D 199 17.34 40.56 -1.26
CA PHE D 199 17.18 41.99 -1.42
C PHE D 199 17.11 42.70 -0.07
N ALA D 200 16.32 42.15 0.84
CA ALA D 200 16.07 42.75 2.15
C ALA D 200 17.32 42.97 3.00
N GLU D 201 18.25 42.00 2.98
CA GLU D 201 19.47 42.06 3.78
C GLU D 201 20.45 43.11 3.25
N ARG D 202 20.31 43.45 1.97
CA ARG D 202 21.29 44.28 1.27
C ARG D 202 20.83 45.72 1.03
N THR D 203 19.57 46.01 1.36
CA THR D 203 19.01 47.34 1.11
C THR D 203 18.10 47.82 2.23
N ASP D 204 17.69 49.09 2.14
CA ASP D 204 16.77 49.71 3.08
C ASP D 204 15.43 50.07 2.41
N VAL D 205 15.30 49.69 1.15
CA VAL D 205 14.12 50.03 0.33
C VAL D 205 12.88 49.25 0.78
N PRO D 206 11.72 49.93 0.90
CA PRO D 206 10.46 49.27 1.23
C PRO D 206 10.11 48.18 0.24
N LEU D 207 9.56 47.07 0.74
CA LEU D 207 9.19 45.94 -0.09
C LEU D 207 7.69 45.68 -0.11
N HIS D 208 7.15 45.50 -1.31
CA HIS D 208 5.76 45.11 -1.53
C HIS D 208 5.71 43.60 -1.69
N ILE D 209 5.03 42.92 -0.76
CA ILE D 209 5.02 41.46 -0.72
C ILE D 209 3.67 40.81 -1.07
N GLY D 210 3.74 39.59 -1.59
CA GLY D 210 2.54 38.83 -1.98
C GLY D 210 2.85 37.74 -3.01
N ILE D 211 1.87 36.88 -3.26
CA ILE D 211 2.01 35.79 -4.23
C ILE D 211 1.05 36.00 -5.41
N THR D 212 1.57 35.92 -6.62
CA THR D 212 0.82 36.27 -7.83
C THR D 212 -0.15 35.18 -8.33
N GLU D 213 0.39 34.04 -8.76
CA GLU D 213 -0.44 32.93 -9.25
C GLU D 213 -0.89 32.03 -8.08
N ALA D 214 -1.54 32.65 -7.10
CA ALA D 214 -1.82 32.02 -5.81
C ALA D 214 -2.70 30.77 -5.88
N GLY D 215 -3.62 30.73 -6.84
CA GLY D 215 -4.53 29.60 -6.99
C GLY D 215 -5.98 30.00 -6.84
N MET D 216 -6.86 29.02 -6.82
CA MET D 216 -8.31 29.24 -6.80
C MET D 216 -8.90 29.09 -5.40
N GLY D 217 -9.78 30.03 -5.04
CA GLY D 217 -10.55 29.97 -3.80
C GLY D 217 -9.74 29.72 -2.54
N THR D 218 -9.97 28.57 -1.92
CA THR D 218 -9.29 28.18 -0.69
C THR D 218 -7.78 27.98 -0.92
N LYS D 219 -7.43 27.27 -1.99
CA LYS D 219 -6.04 27.01 -2.35
C LYS D 219 -5.24 28.31 -2.50
N GLY D 220 -5.89 29.35 -3.03
CA GLY D 220 -5.26 30.66 -3.16
C GLY D 220 -5.02 31.31 -1.80
N ILE D 221 -5.98 31.13 -0.90
CA ILE D 221 -5.91 31.73 0.44
C ILE D 221 -4.81 31.10 1.31
N ILE D 222 -4.64 29.79 1.17
CA ILE D 222 -3.58 29.06 1.88
C ILE D 222 -2.20 29.47 1.36
N LYS D 223 -2.01 29.38 0.05
CA LYS D 223 -0.72 29.69 -0.59
C LYS D 223 -0.29 31.13 -0.27
N SER D 224 -1.26 32.04 -0.25
CA SER D 224 -1.01 33.44 0.10
C SER D 224 -0.66 33.58 1.57
N SER D 225 -1.38 32.88 2.44
CA SER D 225 -1.14 32.96 3.89
C SER D 225 0.23 32.43 4.28
N VAL D 226 0.62 31.31 3.66
CA VAL D 226 1.94 30.73 3.87
C VAL D 226 3.01 31.69 3.38
N GLY D 227 2.89 32.14 2.13
CA GLY D 227 3.90 33.01 1.52
C GLY D 227 4.11 34.32 2.25
N ILE D 228 3.02 35.07 2.41
CA ILE D 228 3.05 36.36 3.10
C ILE D 228 3.46 36.20 4.57
N GLY D 229 2.88 35.20 5.23
CA GLY D 229 3.16 34.92 6.65
C GLY D 229 4.63 34.70 6.96
N ILE D 230 5.31 33.93 6.12
CA ILE D 230 6.74 33.66 6.28
C ILE D 230 7.55 34.96 6.22
N LEU D 231 7.34 35.75 5.17
CA LEU D 231 8.05 37.01 5.00
C LEU D 231 7.82 37.95 6.18
N LEU D 232 6.55 38.08 6.56
CA LEU D 232 6.17 38.86 7.74
C LEU D 232 6.89 38.40 9.01
N TYR D 233 6.99 37.08 9.20
CA TYR D 233 7.72 36.51 10.33
C TYR D 233 9.21 36.90 10.31
N MET D 234 9.78 36.95 9.11
CA MET D 234 11.16 37.38 8.93
C MET D 234 11.32 38.88 9.17
N GLY D 235 10.20 39.57 9.35
CA GLY D 235 10.19 41.02 9.55
C GLY D 235 10.18 41.81 8.25
N ILE D 236 10.08 41.09 7.13
CA ILE D 236 10.08 41.69 5.80
C ILE D 236 8.65 41.97 5.32
N GLY D 237 8.45 43.13 4.71
CA GLY D 237 7.15 43.51 4.16
C GLY D 237 6.66 44.82 4.75
N ASP D 238 6.58 45.84 3.91
CA ASP D 238 6.13 47.17 4.33
C ASP D 238 4.74 47.48 3.76
N THR D 239 4.41 46.80 2.67
CA THR D 239 3.05 46.82 2.12
C THR D 239 2.67 45.44 1.60
N VAL D 240 1.41 45.05 1.84
CA VAL D 240 0.92 43.71 1.52
C VAL D 240 -0.23 43.74 0.53
N ARG D 241 -0.19 42.82 -0.43
CA ARG D 241 -1.34 42.55 -1.28
C ARG D 241 -1.56 41.06 -1.50
N VAL D 242 -2.78 40.61 -1.20
CA VAL D 242 -3.19 39.25 -1.49
C VAL D 242 -3.75 39.24 -2.90
N SER D 243 -3.18 38.39 -3.76
CA SER D 243 -3.66 38.25 -5.13
C SER D 243 -4.57 37.04 -5.28
N LEU D 244 -5.87 37.30 -5.27
CA LEU D 244 -6.89 36.27 -5.43
C LEU D 244 -7.70 36.52 -6.70
N THR D 245 -7.92 35.46 -7.47
CA THR D 245 -8.83 35.52 -8.62
C THR D 245 -10.27 35.51 -8.09
N ASP D 246 -10.68 36.64 -7.54
CA ASP D 246 -11.93 36.79 -6.79
C ASP D 246 -12.21 38.27 -6.53
N ASP D 247 -13.18 38.55 -5.66
CA ASP D 247 -13.50 39.90 -5.22
C ASP D 247 -12.30 40.52 -4.47
N PRO D 248 -11.92 41.75 -4.84
CA PRO D 248 -10.81 42.46 -4.19
C PRO D 248 -11.02 42.72 -2.70
N VAL D 249 -12.27 42.71 -2.25
CA VAL D 249 -12.61 42.89 -0.83
C VAL D 249 -12.15 41.68 -0.02
N VAL D 250 -12.30 40.49 -0.58
CA VAL D 250 -11.82 39.25 0.04
C VAL D 250 -10.30 39.27 0.19
N GLU D 251 -9.62 39.87 -0.79
CA GLU D 251 -8.17 40.06 -0.75
C GLU D 251 -7.74 40.89 0.46
N VAL D 252 -8.50 41.94 0.75
CA VAL D 252 -8.24 42.83 1.89
C VAL D 252 -8.56 42.11 3.20
N GLU D 253 -9.68 41.39 3.23
CA GLU D 253 -10.09 40.60 4.39
C GLU D 253 -9.06 39.54 4.75
N THR D 254 -8.51 38.89 3.73
CA THR D 254 -7.47 37.86 3.90
C THR D 254 -6.17 38.47 4.41
N ALA D 255 -5.80 39.63 3.86
CA ALA D 255 -4.58 40.34 4.26
C ALA D 255 -4.57 40.69 5.74
N TYR D 256 -5.68 41.26 6.22
CA TYR D 256 -5.81 41.63 7.63
C TYR D 256 -5.79 40.42 8.56
N GLU D 257 -6.35 39.31 8.08
CA GLU D 257 -6.32 38.05 8.82
C GLU D 257 -4.90 37.54 9.01
N ILE D 258 -4.11 37.56 7.94
CA ILE D 258 -2.70 37.16 7.98
C ILE D 258 -1.94 38.04 8.97
N LEU D 259 -2.22 39.34 8.91
CA LEU D 259 -1.57 40.31 9.79
C LEU D 259 -2.02 40.18 11.24
N LYS D 260 -3.28 39.82 11.45
CA LYS D 260 -3.83 39.64 12.80
C LYS D 260 -3.22 38.40 13.48
N SER D 261 -2.95 37.36 12.69
CA SER D 261 -2.30 36.14 13.18
C SER D 261 -0.98 36.44 13.88
N LEU D 262 -0.29 37.48 13.39
CA LEU D 262 1.03 37.84 13.88
C LEU D 262 0.99 39.12 14.71
N GLY D 263 -0.22 39.54 15.08
CA GLY D 263 -0.43 40.72 15.92
C GLY D 263 0.11 42.02 15.35
N LEU D 264 -0.02 42.19 14.04
CA LEU D 264 0.52 43.36 13.36
C LEU D 264 -0.56 44.38 12.98
N ARG D 265 -1.70 43.89 12.51
CA ARG D 265 -2.85 44.73 12.20
C ARG D 265 -4.16 44.05 12.61
N ARG D 266 -5.12 44.83 13.07
CA ARG D 266 -6.48 44.32 13.31
C ARG D 266 -7.54 45.23 12.72
N ARG D 267 -8.52 44.64 12.06
CA ARG D 267 -9.70 45.36 11.59
C ARG D 267 -10.84 45.19 12.60
N GLY D 268 -11.12 46.25 13.33
CA GLY D 268 -12.08 46.21 14.42
C GLY D 268 -11.48 45.64 15.69
N VAL D 269 -12.31 45.50 16.73
CA VAL D 269 -11.87 44.99 18.02
C VAL D 269 -11.59 43.48 17.98
N GLU D 270 -10.51 43.07 18.61
CA GLU D 270 -10.21 41.65 18.79
C GLU D 270 -10.16 41.32 20.28
N ILE D 271 -11.03 40.40 20.70
CA ILE D 271 -11.09 39.96 22.09
C ILE D 271 -10.40 38.60 22.22
N VAL D 272 -9.38 38.54 23.06
CA VAL D 272 -8.61 37.31 23.28
C VAL D 272 -8.60 36.96 24.77
N ALA D 273 -8.88 35.70 25.08
CA ALA D 273 -8.80 35.19 26.45
C ALA D 273 -7.47 34.47 26.66
N CYS D 274 -7.10 34.26 27.93
CA CYS D 274 -5.91 33.47 28.26
C CYS D 274 -6.15 31.96 28.01
N PRO D 275 -5.08 31.14 27.97
CA PRO D 275 -5.14 29.81 27.35
C PRO D 275 -5.90 28.57 27.94
N THR D 276 -6.09 28.35 29.25
CA THR D 276 -5.63 29.11 30.41
C THR D 276 -4.61 28.25 31.16
N CYS D 277 -4.30 28.59 32.41
CA CYS D 277 -3.40 27.77 33.23
C CYS D 277 -3.95 27.54 34.65
N GLY D 278 -3.14 26.91 35.50
CA GLY D 278 -3.55 26.56 36.87
C GLY D 278 -3.65 27.71 37.86
N ARG D 279 -3.42 28.94 37.40
CA ARG D 279 -3.50 30.11 38.26
C ARG D 279 -4.91 30.70 38.30
N ILE D 280 -5.77 30.26 37.37
CA ILE D 280 -7.15 30.75 37.25
C ILE D 280 -7.85 31.04 38.57
N GLU D 281 -8.39 32.25 38.66
CA GLU D 281 -9.12 32.69 39.85
C GLU D 281 -10.60 32.90 39.56
N VAL D 282 -10.96 32.84 38.27
CA VAL D 282 -12.33 33.12 37.84
C VAL D 282 -12.88 32.13 36.82
N ASP D 283 -14.20 32.10 36.72
CA ASP D 283 -14.90 31.46 35.61
C ASP D 283 -14.67 32.36 34.38
N LEU D 284 -13.59 32.08 33.66
CA LEU D 284 -13.17 32.93 32.53
C LEU D 284 -14.15 32.98 31.35
N PRO D 285 -14.77 31.84 30.98
CA PRO D 285 -15.78 31.91 29.92
C PRO D 285 -16.93 32.88 30.23
N LYS D 286 -17.36 32.93 31.49
CA LYS D 286 -18.46 33.80 31.90
C LYS D 286 -18.13 35.28 31.73
N VAL D 287 -16.89 35.66 32.05
CA VAL D 287 -16.46 37.05 31.92
C VAL D 287 -16.17 37.45 30.47
N VAL D 288 -15.67 36.51 29.67
CA VAL D 288 -15.39 36.73 28.24
C VAL D 288 -16.68 37.02 27.45
N LYS D 289 -17.73 36.24 27.72
CA LYS D 289 -19.04 36.45 27.09
C LYS D 289 -19.62 37.81 27.46
N GLU D 290 -19.35 38.26 28.68
CA GLU D 290 -19.75 39.58 29.14
C GLU D 290 -18.95 40.68 28.43
N VAL D 291 -17.69 40.39 28.10
CA VAL D 291 -16.86 41.30 27.31
C VAL D 291 -17.31 41.33 25.85
N GLN D 292 -17.67 40.16 25.31
CA GLN D 292 -18.17 40.04 23.94
C GLN D 292 -19.53 40.74 23.74
N GLU D 293 -20.27 40.91 24.84
CA GLU D 293 -21.57 41.58 24.82
C GLU D 293 -21.45 43.10 24.87
N LYS D 294 -20.67 43.61 25.83
CA LYS D 294 -20.52 45.05 26.03
C LYS D 294 -19.67 45.73 24.96
N LEU D 295 -18.79 44.97 24.32
CA LEU D 295 -17.89 45.52 23.30
C LEU D 295 -18.33 45.23 21.86
N SER D 296 -19.49 44.59 21.70
CA SER D 296 -20.08 44.38 20.39
C SER D 296 -20.57 45.71 19.83
N GLY D 297 -20.03 46.09 18.68
CA GLY D 297 -20.34 47.40 18.09
C GLY D 297 -19.27 48.43 18.38
N VAL D 298 -18.09 47.97 18.81
CA VAL D 298 -16.92 48.82 18.95
C VAL D 298 -16.03 48.60 17.73
N LYS D 299 -15.78 49.67 16.99
CA LYS D 299 -15.13 49.59 15.69
C LYS D 299 -13.61 49.84 15.75
N THR D 300 -13.14 50.29 16.91
CA THR D 300 -11.73 50.63 17.11
C THR D 300 -10.84 49.39 17.03
N PRO D 301 -9.79 49.43 16.19
CA PRO D 301 -8.82 48.34 16.02
C PRO D 301 -7.95 48.11 17.25
N LEU D 302 -8.53 47.52 18.30
CA LEU D 302 -7.82 47.27 19.55
C LEU D 302 -7.77 45.79 19.89
N LYS D 303 -6.68 45.39 20.55
CA LYS D 303 -6.54 44.04 21.10
C LYS D 303 -6.90 44.07 22.58
N VAL D 304 -8.00 43.40 22.92
CA VAL D 304 -8.53 43.39 24.28
C VAL D 304 -8.30 42.01 24.91
N ALA D 305 -7.65 42.00 26.07
CA ALA D 305 -7.26 40.75 26.72
C ALA D 305 -8.03 40.48 28.03
N VAL D 306 -8.73 39.35 28.06
CA VAL D 306 -9.47 38.93 29.25
C VAL D 306 -8.67 37.82 29.95
N MET D 307 -8.08 38.14 31.09
CA MET D 307 -7.11 37.26 31.74
C MET D 307 -7.67 36.54 32.96
N GLY D 308 -7.29 35.27 33.11
CA GLY D 308 -7.83 34.38 34.13
C GLY D 308 -7.39 34.62 35.57
N CYS D 309 -6.21 35.20 35.75
CA CYS D 309 -5.73 35.59 37.09
C CYS D 309 -5.35 37.07 37.12
N VAL D 310 -4.67 37.51 38.19
CA VAL D 310 -4.40 38.94 38.39
C VAL D 310 -2.94 39.33 38.14
N VAL D 311 -2.05 38.92 39.04
CA VAL D 311 -0.69 39.44 39.09
C VAL D 311 0.12 39.12 37.83
N ASN D 312 0.26 37.83 37.52
CA ASN D 312 1.08 37.39 36.40
C ASN D 312 0.38 37.58 35.04
N ALA D 313 -0.90 37.89 35.09
CA ALA D 313 -1.70 38.14 33.90
C ALA D 313 -1.23 39.39 33.14
N ILE D 314 -0.93 40.44 33.90
CA ILE D 314 -0.54 41.74 33.33
C ILE D 314 0.70 41.61 32.44
N GLY D 315 1.71 40.89 32.94
CA GLY D 315 2.93 40.61 32.19
C GLY D 315 2.68 39.71 30.98
N GLU D 316 1.80 38.73 31.14
CA GLU D 316 1.44 37.84 30.02
C GLU D 316 0.86 38.62 28.84
N ALA D 317 -0.05 39.55 29.12
CA ALA D 317 -0.72 40.35 28.08
C ALA D 317 -0.02 41.70 27.80
N ARG D 318 1.32 41.69 27.80
CA ARG D 318 2.13 42.89 27.59
C ARG D 318 1.76 43.68 26.34
N GLU D 319 1.49 42.96 25.25
CA GLU D 319 1.33 43.59 23.94
C GLU D 319 -0.11 44.00 23.56
N ALA D 320 -1.08 43.64 24.39
CA ALA D 320 -2.47 44.06 24.19
C ALA D 320 -2.62 45.52 24.54
N ASP D 321 -3.50 46.21 23.82
CA ASP D 321 -3.75 47.64 24.03
C ASP D 321 -4.42 47.90 25.38
N ILE D 322 -5.31 46.99 25.78
CA ILE D 322 -6.09 47.12 26.99
C ILE D 322 -6.56 45.72 27.43
N GLY D 323 -6.91 45.56 28.70
CA GLY D 323 -7.44 44.29 29.19
C GLY D 323 -7.82 44.23 30.65
N LEU D 324 -8.37 43.09 31.05
CA LEU D 324 -8.76 42.84 32.44
C LEU D 324 -8.01 41.65 33.01
N ALA D 325 -7.37 41.86 34.15
CA ALA D 325 -6.73 40.77 34.89
C ALA D 325 -7.62 40.44 36.07
N CYS D 326 -8.39 39.34 35.92
CA CYS D 326 -9.53 39.07 36.78
C CYS D 326 -9.23 38.23 38.03
N GLY D 327 -9.78 38.67 39.16
CA GLY D 327 -9.68 37.96 40.43
C GLY D 327 -11.05 37.66 41.02
N ARG D 328 -11.07 37.27 42.29
CA ARG D 328 -12.30 36.76 42.93
C ARG D 328 -13.48 37.72 42.92
N GLY D 329 -13.26 38.93 43.43
CA GLY D 329 -14.31 39.95 43.46
C GLY D 329 -13.92 41.26 42.80
N PHE D 330 -12.83 41.21 42.04
CA PHE D 330 -12.27 42.40 41.40
C PHE D 330 -11.50 42.05 40.11
N ALA D 331 -11.00 43.09 39.45
CA ALA D 331 -10.07 42.94 38.32
C ALA D 331 -9.15 44.14 38.21
N TRP D 332 -7.98 43.93 37.60
CA TRP D 332 -7.10 45.04 37.24
C TRP D 332 -7.30 45.38 35.76
N LEU D 333 -7.63 46.64 35.52
CA LEU D 333 -7.69 47.17 34.17
C LEU D 333 -6.29 47.62 33.78
N PHE D 334 -5.70 46.93 32.80
CA PHE D 334 -4.34 47.27 32.36
C PHE D 334 -4.31 47.84 30.94
N LYS D 335 -3.19 48.48 30.62
CA LYS D 335 -2.96 49.07 29.31
C LYS D 335 -1.49 48.89 28.97
N HIS D 336 -1.23 48.14 27.89
CA HIS D 336 0.12 47.83 27.41
C HIS D 336 1.05 47.31 28.52
N GLY D 337 0.55 46.36 29.32
CA GLY D 337 1.32 45.76 30.39
C GLY D 337 1.48 46.61 31.64
N LYS D 338 0.72 47.69 31.73
CA LYS D 338 0.73 48.57 32.89
C LYS D 338 -0.65 48.62 33.55
N PRO D 339 -0.74 48.21 34.82
CA PRO D 339 -2.00 48.30 35.57
C PRO D 339 -2.41 49.75 35.81
N ILE D 340 -3.69 50.04 35.61
CA ILE D 340 -4.21 51.40 35.76
C ILE D 340 -5.04 51.53 37.03
N LYS D 341 -6.19 50.86 37.06
CA LYS D 341 -7.09 50.94 38.22
C LYS D 341 -7.71 49.61 38.62
N LYS D 342 -7.79 49.40 39.93
CA LYS D 342 -8.45 48.24 40.51
C LYS D 342 -9.96 48.47 40.50
N VAL D 343 -10.69 47.62 39.80
CA VAL D 343 -12.14 47.76 39.64
C VAL D 343 -12.88 46.53 40.19
N ASP D 344 -14.05 46.76 40.79
CA ASP D 344 -14.93 45.70 41.27
C ASP D 344 -15.42 44.81 40.11
N GLU D 345 -16.16 43.76 40.44
CA GLU D 345 -16.74 42.85 39.45
C GLU D 345 -17.54 43.56 38.35
N SER D 346 -17.86 44.84 38.58
CA SER D 346 -18.36 45.73 37.53
C SER D 346 -17.19 46.29 36.71
N GLU D 347 -16.25 45.39 36.40
CA GLU D 347 -15.03 45.70 35.66
C GLU D 347 -15.32 45.92 34.17
N MET D 348 -16.43 45.34 33.70
CA MET D 348 -16.80 45.38 32.30
C MET D 348 -17.24 46.74 31.79
N VAL D 349 -18.13 47.39 32.54
CA VAL D 349 -18.63 48.72 32.17
C VAL D 349 -17.52 49.77 32.22
N ASP D 350 -16.55 49.58 33.10
CA ASP D 350 -15.41 50.49 33.23
C ASP D 350 -14.35 50.21 32.16
N GLU D 351 -14.42 49.02 31.57
CA GLU D 351 -13.48 48.60 30.52
C GLU D 351 -13.90 49.13 29.15
N LEU D 352 -15.19 49.31 28.95
CA LEU D 352 -15.73 49.96 27.74
C LEU D 352 -15.47 51.46 27.78
N LEU D 353 -15.60 52.06 28.97
CA LEU D 353 -15.42 53.50 29.16
C LEU D 353 -14.02 53.98 28.78
N LYS D 354 -12.99 53.23 29.20
CA LYS D 354 -11.61 53.56 28.88
C LYS D 354 -11.34 53.48 27.38
N GLU D 355 -11.99 52.53 26.72
CA GLU D 355 -11.89 52.38 25.26
C GLU D 355 -12.55 53.53 24.50
N ILE D 356 -13.64 54.06 25.07
CA ILE D 356 -14.27 55.26 24.53
C ILE D 356 -13.32 56.46 24.66
N GLN D 357 -12.65 56.56 25.81
CA GLN D 357 -11.66 57.61 26.04
C GLN D 357 -10.36 57.38 25.25
N ASN D 358 -10.13 56.16 24.80
CA ASN D 358 -9.00 55.83 23.93
C ASN D 358 -9.19 56.33 22.50
N MET D 359 -10.45 56.58 22.13
CA MET D 359 -10.81 57.06 20.78
C MET D 359 -10.29 58.47 20.49
N GLU D 360 -10.24 59.31 21.52
CA GLU D 360 -9.71 60.67 21.39
C GLU D 360 -8.21 60.73 21.66
FE1 SF4 E . -25.22 -25.31 -18.13
FE2 SF4 E . -23.48 -23.28 -18.71
FE3 SF4 E . -26.02 -22.75 -17.87
FE4 SF4 E . -24.19 -23.79 -16.16
S1 SF4 E . -24.09 -21.71 -17.15
S2 SF4 E . -26.39 -24.44 -16.35
S3 SF4 E . -23.00 -25.21 -17.53
S4 SF4 E . -25.41 -23.78 -19.84
FE1 SF4 F . 17.72 -37.99 12.83
FE2 SF4 F . 18.48 -39.10 10.46
FE3 SF4 F . 18.64 -40.54 12.74
FE4 SF4 F . 16.20 -39.90 11.68
S1 SF4 F . 17.79 -41.27 10.73
S2 SF4 F . 16.79 -39.81 13.90
S3 SF4 F . 16.60 -37.80 10.82
S4 SF4 F . 19.85 -38.64 12.26
FE1 SF4 G . 12.11 31.00 -18.95
FE2 SF4 G . 10.16 29.12 -18.79
FE3 SF4 G . 12.41 28.58 -20.17
FE4 SF4 G . 12.48 28.80 -17.45
S1 SF4 G . 11.38 27.18 -18.67
S2 SF4 G . 14.01 29.70 -18.93
S3 SF4 G . 10.92 30.44 -17.06
S4 SF4 G . 10.86 30.18 -20.70
FE1 SF4 H . -2.65 31.28 33.70
FE2 SF4 H . -4.48 32.83 32.42
FE3 SF4 H . -3.25 33.77 34.63
FE4 SF4 H . -1.83 33.46 32.29
S1 SF4 H . -3.58 34.93 32.68
S2 SF4 H . -1.14 32.87 34.40
S3 SF4 H . -2.82 31.58 31.43
S4 SF4 H . -4.68 31.97 34.55
#